data_2AXE
# 
_entry.id   2AXE 
# 
_audit_conform.dict_name       mmcif_pdbx.dic 
_audit_conform.dict_version    5.399 
_audit_conform.dict_location   http://mmcif.pdb.org/dictionaries/ascii/mmcif_pdbx.dic 
# 
loop_
_database_2.database_id 
_database_2.database_code 
_database_2.pdbx_database_accession 
_database_2.pdbx_DOI 
PDB   2AXE         pdb_00002axe 10.2210/pdb2axe/pdb 
WWPDB D_1000177787 ?            ?                   
# 
loop_
_pdbx_audit_revision_history.ordinal 
_pdbx_audit_revision_history.data_content_type 
_pdbx_audit_revision_history.major_revision 
_pdbx_audit_revision_history.minor_revision 
_pdbx_audit_revision_history.revision_date 
1 'Structure model' 1 0 1999-05-18 
2 'Structure model' 1 1 2008-03-03 
3 'Structure model' 1 2 2011-07-13 
4 'Structure model' 1 3 2022-12-21 
5 'Structure model' 1 4 2024-11-20 
# 
_pdbx_audit_revision_details.ordinal             1 
_pdbx_audit_revision_details.revision_ordinal    1 
_pdbx_audit_revision_details.data_content_type   'Structure model' 
_pdbx_audit_revision_details.provider            repository 
_pdbx_audit_revision_details.type                'Initial release' 
_pdbx_audit_revision_details.description         ? 
_pdbx_audit_revision_details.details             ? 
# 
loop_
_pdbx_audit_revision_group.ordinal 
_pdbx_audit_revision_group.revision_ordinal 
_pdbx_audit_revision_group.data_content_type 
_pdbx_audit_revision_group.group 
1 2 'Structure model' 'Version format compliance' 
2 3 'Structure model' 'Version format compliance' 
3 4 'Structure model' 'Database references'       
4 4 'Structure model' 'Derived calculations'      
5 5 'Structure model' 'Data collection'           
6 5 'Structure model' 'Structure summary'         
# 
loop_
_pdbx_audit_revision_category.ordinal 
_pdbx_audit_revision_category.revision_ordinal 
_pdbx_audit_revision_category.data_content_type 
_pdbx_audit_revision_category.category 
1 4 'Structure model' database_2                
2 4 'Structure model' struct_conn               
3 4 'Structure model' struct_ref_seq_dif        
4 4 'Structure model' struct_site               
5 5 'Structure model' chem_comp_atom            
6 5 'Structure model' chem_comp_bond            
7 5 'Structure model' pdbx_entry_details        
8 5 'Structure model' pdbx_modification_feature 
# 
loop_
_pdbx_audit_revision_item.ordinal 
_pdbx_audit_revision_item.revision_ordinal 
_pdbx_audit_revision_item.data_content_type 
_pdbx_audit_revision_item.item 
1  4 'Structure model' '_database_2.pdbx_DOI'                
2  4 'Structure model' '_database_2.pdbx_database_accession' 
3  4 'Structure model' '_struct_conn.pdbx_leaving_atom_flag' 
4  4 'Structure model' '_struct_conn.ptnr1_auth_comp_id'     
5  4 'Structure model' '_struct_conn.ptnr1_auth_seq_id'      
6  4 'Structure model' '_struct_conn.ptnr1_label_atom_id'    
7  4 'Structure model' '_struct_conn.ptnr1_label_comp_id'    
8  4 'Structure model' '_struct_conn.ptnr1_label_seq_id'     
9  4 'Structure model' '_struct_conn.ptnr2_auth_comp_id'     
10 4 'Structure model' '_struct_conn.ptnr2_auth_seq_id'      
11 4 'Structure model' '_struct_conn.ptnr2_label_atom_id'    
12 4 'Structure model' '_struct_conn.ptnr2_label_comp_id'    
13 4 'Structure model' '_struct_conn.ptnr2_label_seq_id'     
14 4 'Structure model' '_struct_ref_seq_dif.details'         
15 4 'Structure model' '_struct_site.pdbx_auth_asym_id'      
16 4 'Structure model' '_struct_site.pdbx_auth_comp_id'      
17 4 'Structure model' '_struct_site.pdbx_auth_seq_id'       
# 
_pdbx_database_status.status_code                     REL 
_pdbx_database_status.entry_id                        2AXE 
_pdbx_database_status.recvd_initial_deposition_date   1998-09-01 
_pdbx_database_status.deposit_site                    ? 
_pdbx_database_status.process_site                    BNL 
_pdbx_database_status.SG_entry                        . 
_pdbx_database_status.pdb_format_compatible           Y 
_pdbx_database_status.status_code_mr                  ? 
_pdbx_database_status.status_code_sf                  ? 
_pdbx_database_status.status_code_cs                  ? 
_pdbx_database_status.status_code_nmr_data            ? 
_pdbx_database_status.methods_development_category    ? 
# 
loop_
_audit_author.name 
_audit_author.pdbx_ordinal 
'Ghosh, D.'      1  
'Erman, M.'      2  
'Sawicki, M.W.'  3  
'Lala, P.'       4  
'Weeks, D.R.'    5  
'Li, N.'         6  
'Pangborn, W.'   7  
'Thiel, D.J.'    8  
'Jornvall, H.'   9  
'Eyzaguirre, J.' 10 
# 
_citation.id                        primary 
_citation.title                     
'Determination of a protein structure by iodination: the structure of iodinated acetylxylan esterase.' 
_citation.journal_abbrev            'Acta Crystallogr.,Sect.D' 
_citation.journal_volume            55 
_citation.page_first                779 
_citation.page_last                 784 
_citation.year                      1999 
_citation.journal_id_ASTM           ABCRE6 
_citation.country                   DK 
_citation.journal_id_ISSN           0907-4449 
_citation.journal_id_CSD            0766 
_citation.book_publisher            ? 
_citation.pdbx_database_id_PubMed   10089308 
_citation.pdbx_database_id_DOI      10.1107/S0907444999000244 
# 
loop_
_citation_author.citation_id 
_citation_author.name 
_citation_author.ordinal 
_citation_author.identifier_ORCID 
primary 'Ghosh, D.'      1  ? 
primary 'Erman, M.'      2  ? 
primary 'Sawicki, M.'    3  ? 
primary 'Lala, P.'       4  ? 
primary 'Weeks, D.R.'    5  ? 
primary 'Li, N.'         6  ? 
primary 'Pangborn, W.'   7  ? 
primary 'Thiel, D.J.'    8  ? 
primary 'Jornvall, H.'   9  ? 
primary 'Gutierrez, R.'  10 ? 
primary 'Eyzaguirre, J.' 11 ? 
# 
loop_
_entity.id 
_entity.type 
_entity.src_method 
_entity.pdbx_description 
_entity.formula_weight 
_entity.pdbx_number_of_molecules 
_entity.pdbx_ec 
_entity.pdbx_mutation 
_entity.pdbx_fragment 
_entity.details 
1 polymer     nat 'ACETYL XYLAN ESTERASE' 21165.391 1  3.1.1.6 ? ? ? 
2 non-polymer syn 'SULFATE ION'           96.063    1  ?       ? ? ? 
3 water       nat water                   18.015    91 ?       ? ? ? 
# 
_entity_poly.entity_id                      1 
_entity_poly.type                           'polypeptide(L)' 
_entity_poly.nstd_linkage                   no 
_entity_poly.nstd_monomer                   yes 
_entity_poly.pdbx_seq_one_letter_code       
;SCPAIHVFGARETTASPGYGSSSTVVNGVLSA(TYI)PGSTAEAINYPACGGQSSCGGASYSSSVAQGIAAVASAVNSFN
SQCPSTKIVLVGYSQGGEIMDVALCGGGDPNQGYTNTAVQLSSSAVNMVKAAIFMGDPMFRAGLSYEVGTCAAGGFDQRP
AGFSCPSAAKIKSYCDASDP(TYI)CCNGSNAATHQGYGSEYGSQALAFVKSKLG
;
_entity_poly.pdbx_seq_one_letter_code_can   
;SCPAIHVFGARETTASPGYGSSSTVVNGVLSAYPGSTAEAINYPACGGQSSCGGASYSSSVAQGIAAVASAVNSFNSQCP
STKIVLVGYSQGGEIMDVALCGGGDPNQGYTNTAVQLSSSAVNMVKAAIFMGDPMFRAGLSYEVGTCAAGGFDQRPAGFS
CPSAAKIKSYCDASDPYCCNGSNAATHQGYGSEYGSQALAFVKSKLG
;
_entity_poly.pdbx_strand_id                 A 
_entity_poly.pdbx_target_identifier         ? 
# 
loop_
_pdbx_entity_nonpoly.entity_id 
_pdbx_entity_nonpoly.name 
_pdbx_entity_nonpoly.comp_id 
2 'SULFATE ION' SO4 
3 water         HOH 
# 
loop_
_entity_poly_seq.entity_id 
_entity_poly_seq.num 
_entity_poly_seq.mon_id 
_entity_poly_seq.hetero 
1 1   SER n 
1 2   CYS n 
1 3   PRO n 
1 4   ALA n 
1 5   ILE n 
1 6   HIS n 
1 7   VAL n 
1 8   PHE n 
1 9   GLY n 
1 10  ALA n 
1 11  ARG n 
1 12  GLU n 
1 13  THR n 
1 14  THR n 
1 15  ALA n 
1 16  SER n 
1 17  PRO n 
1 18  GLY n 
1 19  TYR n 
1 20  GLY n 
1 21  SER n 
1 22  SER n 
1 23  SER n 
1 24  THR n 
1 25  VAL n 
1 26  VAL n 
1 27  ASN n 
1 28  GLY n 
1 29  VAL n 
1 30  LEU n 
1 31  SER n 
1 32  ALA n 
1 33  TYI n 
1 34  PRO n 
1 35  GLY n 
1 36  SER n 
1 37  THR n 
1 38  ALA n 
1 39  GLU n 
1 40  ALA n 
1 41  ILE n 
1 42  ASN n 
1 43  TYR n 
1 44  PRO n 
1 45  ALA n 
1 46  CYS n 
1 47  GLY n 
1 48  GLY n 
1 49  GLN n 
1 50  SER n 
1 51  SER n 
1 52  CYS n 
1 53  GLY n 
1 54  GLY n 
1 55  ALA n 
1 56  SER n 
1 57  TYR n 
1 58  SER n 
1 59  SER n 
1 60  SER n 
1 61  VAL n 
1 62  ALA n 
1 63  GLN n 
1 64  GLY n 
1 65  ILE n 
1 66  ALA n 
1 67  ALA n 
1 68  VAL n 
1 69  ALA n 
1 70  SER n 
1 71  ALA n 
1 72  VAL n 
1 73  ASN n 
1 74  SER n 
1 75  PHE n 
1 76  ASN n 
1 77  SER n 
1 78  GLN n 
1 79  CYS n 
1 80  PRO n 
1 81  SER n 
1 82  THR n 
1 83  LYS n 
1 84  ILE n 
1 85  VAL n 
1 86  LEU n 
1 87  VAL n 
1 88  GLY n 
1 89  TYR n 
1 90  SER n 
1 91  GLN n 
1 92  GLY n 
1 93  GLY n 
1 94  GLU n 
1 95  ILE n 
1 96  MET n 
1 97  ASP n 
1 98  VAL n 
1 99  ALA n 
1 100 LEU n 
1 101 CYS n 
1 102 GLY n 
1 103 GLY n 
1 104 GLY n 
1 105 ASP n 
1 106 PRO n 
1 107 ASN n 
1 108 GLN n 
1 109 GLY n 
1 110 TYR n 
1 111 THR n 
1 112 ASN n 
1 113 THR n 
1 114 ALA n 
1 115 VAL n 
1 116 GLN n 
1 117 LEU n 
1 118 SER n 
1 119 SER n 
1 120 SER n 
1 121 ALA n 
1 122 VAL n 
1 123 ASN n 
1 124 MET n 
1 125 VAL n 
1 126 LYS n 
1 127 ALA n 
1 128 ALA n 
1 129 ILE n 
1 130 PHE n 
1 131 MET n 
1 132 GLY n 
1 133 ASP n 
1 134 PRO n 
1 135 MET n 
1 136 PHE n 
1 137 ARG n 
1 138 ALA n 
1 139 GLY n 
1 140 LEU n 
1 141 SER n 
1 142 TYR n 
1 143 GLU n 
1 144 VAL n 
1 145 GLY n 
1 146 THR n 
1 147 CYS n 
1 148 ALA n 
1 149 ALA n 
1 150 GLY n 
1 151 GLY n 
1 152 PHE n 
1 153 ASP n 
1 154 GLN n 
1 155 ARG n 
1 156 PRO n 
1 157 ALA n 
1 158 GLY n 
1 159 PHE n 
1 160 SER n 
1 161 CYS n 
1 162 PRO n 
1 163 SER n 
1 164 ALA n 
1 165 ALA n 
1 166 LYS n 
1 167 ILE n 
1 168 LYS n 
1 169 SER n 
1 170 TYR n 
1 171 CYS n 
1 172 ASP n 
1 173 ALA n 
1 174 SER n 
1 175 ASP n 
1 176 PRO n 
1 177 TYI n 
1 178 CYS n 
1 179 CYS n 
1 180 ASN n 
1 181 GLY n 
1 182 SER n 
1 183 ASN n 
1 184 ALA n 
1 185 ALA n 
1 186 THR n 
1 187 HIS n 
1 188 GLN n 
1 189 GLY n 
1 190 TYR n 
1 191 GLY n 
1 192 SER n 
1 193 GLU n 
1 194 TYR n 
1 195 GLY n 
1 196 SER n 
1 197 GLN n 
1 198 ALA n 
1 199 LEU n 
1 200 ALA n 
1 201 PHE n 
1 202 VAL n 
1 203 LYS n 
1 204 SER n 
1 205 LYS n 
1 206 LEU n 
1 207 GLY n 
# 
_entity_src_nat.entity_id                  1 
_entity_src_nat.pdbx_src_id                1 
_entity_src_nat.pdbx_alt_source_flag       sample 
_entity_src_nat.pdbx_beg_seq_num           ? 
_entity_src_nat.pdbx_end_seq_num           ? 
_entity_src_nat.common_name                ? 
_entity_src_nat.pdbx_organism_scientific   'Penicillium purpurogenum' 
_entity_src_nat.pdbx_ncbi_taxonomy_id      28575 
_entity_src_nat.genus                      Penicillium 
_entity_src_nat.species                    ? 
_entity_src_nat.strain                     ? 
_entity_src_nat.tissue                     ? 
_entity_src_nat.tissue_fraction            ? 
_entity_src_nat.pdbx_secretion             ? 
_entity_src_nat.pdbx_fragment              ? 
_entity_src_nat.pdbx_variant               ? 
_entity_src_nat.pdbx_cell_line             ? 
_entity_src_nat.pdbx_atcc                  ? 
_entity_src_nat.pdbx_cellular_location     ? 
_entity_src_nat.pdbx_organ                 ? 
_entity_src_nat.pdbx_organelle             ? 
_entity_src_nat.pdbx_cell                  ? 
_entity_src_nat.pdbx_plasmid_name          ? 
_entity_src_nat.pdbx_plasmid_details       ? 
_entity_src_nat.details                    ? 
# 
loop_
_chem_comp.id 
_chem_comp.type 
_chem_comp.mon_nstd_flag 
_chem_comp.name 
_chem_comp.pdbx_synonyms 
_chem_comp.formula 
_chem_comp.formula_weight 
ALA 'L-peptide linking' y ALANINE            ? 'C3 H7 N O2'     89.093  
ARG 'L-peptide linking' y ARGININE           ? 'C6 H15 N4 O2 1' 175.209 
ASN 'L-peptide linking' y ASPARAGINE         ? 'C4 H8 N2 O3'    132.118 
ASP 'L-peptide linking' y 'ASPARTIC ACID'    ? 'C4 H7 N O4'     133.103 
CYS 'L-peptide linking' y CYSTEINE           ? 'C3 H7 N O2 S'   121.158 
GLN 'L-peptide linking' y GLUTAMINE          ? 'C5 H10 N2 O3'   146.144 
GLU 'L-peptide linking' y 'GLUTAMIC ACID'    ? 'C5 H9 N O4'     147.129 
GLY 'peptide linking'   y GLYCINE            ? 'C2 H5 N O2'     75.067  
HIS 'L-peptide linking' y HISTIDINE          ? 'C6 H10 N3 O2 1' 156.162 
HOH non-polymer         . WATER              ? 'H2 O'           18.015  
ILE 'L-peptide linking' y ISOLEUCINE         ? 'C6 H13 N O2'    131.173 
LEU 'L-peptide linking' y LEUCINE            ? 'C6 H13 N O2'    131.173 
LYS 'L-peptide linking' y LYSINE             ? 'C6 H15 N2 O2 1' 147.195 
MET 'L-peptide linking' y METHIONINE         ? 'C5 H11 N O2 S'  149.211 
PHE 'L-peptide linking' y PHENYLALANINE      ? 'C9 H11 N O2'    165.189 
PRO 'L-peptide linking' y PROLINE            ? 'C5 H9 N O2'     115.130 
SER 'L-peptide linking' y SERINE             ? 'C3 H7 N O3'     105.093 
SO4 non-polymer         . 'SULFATE ION'      ? 'O4 S -2'        96.063  
THR 'L-peptide linking' y THREONINE          ? 'C4 H9 N O3'     119.119 
TYI 'L-peptide linking' n 3,5-DIIODOTYROSINE ? 'C9 H9 I2 N O3'  432.982 
TYR 'L-peptide linking' y TYROSINE           ? 'C9 H11 N O3'    181.189 
VAL 'L-peptide linking' y VALINE             ? 'C5 H11 N O2'    117.146 
# 
loop_
_pdbx_poly_seq_scheme.asym_id 
_pdbx_poly_seq_scheme.entity_id 
_pdbx_poly_seq_scheme.seq_id 
_pdbx_poly_seq_scheme.mon_id 
_pdbx_poly_seq_scheme.ndb_seq_num 
_pdbx_poly_seq_scheme.pdb_seq_num 
_pdbx_poly_seq_scheme.auth_seq_num 
_pdbx_poly_seq_scheme.pdb_mon_id 
_pdbx_poly_seq_scheme.auth_mon_id 
_pdbx_poly_seq_scheme.pdb_strand_id 
_pdbx_poly_seq_scheme.pdb_ins_code 
_pdbx_poly_seq_scheme.hetero 
A 1 1   SER 1   1   1   SER SER A . n 
A 1 2   CYS 2   2   2   CYS CYS A . n 
A 1 3   PRO 3   3   3   PRO PRO A . n 
A 1 4   ALA 4   4   4   ALA ALA A . n 
A 1 5   ILE 5   5   5   ILE ILE A . n 
A 1 6   HIS 6   6   6   HIS HIS A . n 
A 1 7   VAL 7   7   7   VAL VAL A . n 
A 1 8   PHE 8   8   8   PHE PHE A . n 
A 1 9   GLY 9   9   9   GLY GLY A . n 
A 1 10  ALA 10  10  10  ALA ALA A . n 
A 1 11  ARG 11  11  11  ARG ARG A . n 
A 1 12  GLU 12  12  12  GLU GLU A . n 
A 1 13  THR 13  13  13  THR THR A . n 
A 1 14  THR 14  14  14  THR THR A . n 
A 1 15  ALA 15  15  15  ALA ALA A . n 
A 1 16  SER 16  16  16  SER SER A . n 
A 1 17  PRO 17  17  17  PRO PRO A . n 
A 1 18  GLY 18  18  18  GLY GLY A . n 
A 1 19  TYR 19  19  19  TYR TYR A . n 
A 1 20  GLY 20  20  20  GLY GLY A . n 
A 1 21  SER 21  21  21  SER SER A . n 
A 1 22  SER 22  22  22  SER SER A . n 
A 1 23  SER 23  23  23  SER SER A . n 
A 1 24  THR 24  24  24  THR THR A . n 
A 1 25  VAL 25  25  25  VAL VAL A . n 
A 1 26  VAL 26  26  26  VAL VAL A . n 
A 1 27  ASN 27  27  27  ASN ASN A . n 
A 1 28  GLY 28  28  28  GLY GLY A . n 
A 1 29  VAL 29  29  29  VAL VAL A . n 
A 1 30  LEU 30  30  30  LEU LEU A . n 
A 1 31  SER 31  31  31  SER SER A . n 
A 1 32  ALA 32  32  32  ALA ALA A . n 
A 1 33  TYI 33  33  33  TYI TYI A . n 
A 1 34  PRO 34  34  34  PRO PRO A . n 
A 1 35  GLY 35  35  35  GLY GLY A . n 
A 1 36  SER 36  36  36  SER SER A . n 
A 1 37  THR 37  37  37  THR THR A . n 
A 1 38  ALA 38  38  38  ALA ALA A . n 
A 1 39  GLU 39  39  39  GLU GLU A . n 
A 1 40  ALA 40  40  40  ALA ALA A . n 
A 1 41  ILE 41  41  41  ILE ILE A . n 
A 1 42  ASN 42  42  42  ASN ASN A . n 
A 1 43  TYR 43  43  43  TYR TYR A . n 
A 1 44  PRO 44  44  44  PRO PRO A . n 
A 1 45  ALA 45  45  45  ALA ALA A . n 
A 1 46  CYS 46  46  46  CYS CYS A . n 
A 1 47  GLY 47  47  47  GLY GLY A . n 
A 1 48  GLY 48  48  48  GLY GLY A . n 
A 1 49  GLN 49  49  49  GLN GLN A . n 
A 1 50  SER 50  50  50  SER SER A . n 
A 1 51  SER 51  51  51  SER SER A . n 
A 1 52  CYS 52  52  52  CYS CYS A . n 
A 1 53  GLY 53  53  53  GLY GLY A . n 
A 1 54  GLY 54  54  54  GLY GLY A . n 
A 1 55  ALA 55  55  55  ALA ALA A . n 
A 1 56  SER 56  56  56  SER SER A . n 
A 1 57  TYR 57  57  57  TYR TYR A . n 
A 1 58  SER 58  58  58  SER SER A . n 
A 1 59  SER 59  59  59  SER SER A . n 
A 1 60  SER 60  60  60  SER SER A . n 
A 1 61  VAL 61  61  61  VAL VAL A . n 
A 1 62  ALA 62  62  62  ALA ALA A . n 
A 1 63  GLN 63  63  63  GLN GLN A . n 
A 1 64  GLY 64  64  64  GLY GLY A . n 
A 1 65  ILE 65  65  65  ILE ILE A . n 
A 1 66  ALA 66  66  66  ALA ALA A . n 
A 1 67  ALA 67  67  67  ALA ALA A . n 
A 1 68  VAL 68  68  68  VAL VAL A . n 
A 1 69  ALA 69  69  69  ALA ALA A . n 
A 1 70  SER 70  70  70  SER SER A . n 
A 1 71  ALA 71  71  71  ALA ALA A . n 
A 1 72  VAL 72  72  72  VAL VAL A . n 
A 1 73  ASN 73  73  73  ASN ASN A . n 
A 1 74  SER 74  74  74  SER SER A . n 
A 1 75  PHE 75  75  75  PHE PHE A . n 
A 1 76  ASN 76  76  76  ASN ASN A . n 
A 1 77  SER 77  77  77  SER SER A . n 
A 1 78  GLN 78  78  78  GLN GLN A . n 
A 1 79  CYS 79  79  79  CYS CYS A . n 
A 1 80  PRO 80  80  80  PRO PRO A . n 
A 1 81  SER 81  81  81  SER SER A . n 
A 1 82  THR 82  82  82  THR THR A . n 
A 1 83  LYS 83  83  83  LYS LYS A . n 
A 1 84  ILE 84  84  84  ILE ILE A . n 
A 1 85  VAL 85  85  85  VAL VAL A . n 
A 1 86  LEU 86  86  86  LEU LEU A . n 
A 1 87  VAL 87  87  87  VAL VAL A . n 
A 1 88  GLY 88  88  88  GLY GLY A . n 
A 1 89  TYR 89  89  89  TYR TYR A . n 
A 1 90  SER 90  90  90  SER SER A . n 
A 1 91  GLN 91  91  91  GLN GLN A . n 
A 1 92  GLY 92  92  92  GLY GLY A . n 
A 1 93  GLY 93  93  93  GLY GLY A . n 
A 1 94  GLU 94  94  94  GLU GLU A . n 
A 1 95  ILE 95  95  95  ILE ILE A . n 
A 1 96  MET 96  96  96  MET MET A . n 
A 1 97  ASP 97  97  97  ASP ASP A . n 
A 1 98  VAL 98  98  98  VAL VAL A . n 
A 1 99  ALA 99  99  99  ALA ALA A . n 
A 1 100 LEU 100 100 100 LEU LEU A . n 
A 1 101 CYS 101 101 101 CYS CYS A . n 
A 1 102 GLY 102 102 102 GLY GLY A . n 
A 1 103 GLY 103 103 103 GLY GLY A . n 
A 1 104 GLY 104 104 104 GLY GLY A . n 
A 1 105 ASP 105 105 105 ASP ASP A . n 
A 1 106 PRO 106 106 106 PRO PRO A . n 
A 1 107 ASN 107 107 107 ASN ASN A . n 
A 1 108 GLN 108 108 108 GLN GLN A . n 
A 1 109 GLY 109 109 109 GLY GLY A . n 
A 1 110 TYR 110 110 110 TYR TYR A . n 
A 1 111 THR 111 111 111 THR THR A . n 
A 1 112 ASN 112 112 112 ASN ASN A . n 
A 1 113 THR 113 113 113 THR THR A . n 
A 1 114 ALA 114 114 114 ALA ALA A . n 
A 1 115 VAL 115 115 115 VAL VAL A . n 
A 1 116 GLN 116 116 116 GLN GLN A . n 
A 1 117 LEU 117 117 117 LEU LEU A . n 
A 1 118 SER 118 118 118 SER SER A . n 
A 1 119 SER 119 119 119 SER SER A . n 
A 1 120 SER 120 120 120 SER SER A . n 
A 1 121 ALA 121 121 121 ALA ALA A . n 
A 1 122 VAL 122 122 122 VAL VAL A . n 
A 1 123 ASN 123 123 123 ASN ASN A . n 
A 1 124 MET 124 124 124 MET MET A . n 
A 1 125 VAL 125 125 125 VAL VAL A . n 
A 1 126 LYS 126 126 126 LYS LYS A . n 
A 1 127 ALA 127 127 127 ALA ALA A . n 
A 1 128 ALA 128 128 128 ALA ALA A . n 
A 1 129 ILE 129 129 129 ILE ILE A . n 
A 1 130 PHE 130 130 130 PHE PHE A . n 
A 1 131 MET 131 131 131 MET MET A . n 
A 1 132 GLY 132 132 132 GLY GLY A . n 
A 1 133 ASP 133 133 133 ASP ASP A . n 
A 1 134 PRO 134 134 134 PRO PRO A . n 
A 1 135 MET 135 135 135 MET MET A . n 
A 1 136 PHE 136 136 136 PHE PHE A . n 
A 1 137 ARG 137 137 137 ARG ARG A . n 
A 1 138 ALA 138 138 138 ALA ALA A . n 
A 1 139 GLY 139 139 139 GLY GLY A . n 
A 1 140 LEU 140 140 140 LEU LEU A . n 
A 1 141 SER 141 141 141 SER SER A . n 
A 1 142 TYR 142 142 142 TYR TYR A . n 
A 1 143 GLU 143 143 143 GLU GLU A . n 
A 1 144 VAL 144 144 144 VAL VAL A . n 
A 1 145 GLY 145 145 145 GLY GLY A . n 
A 1 146 THR 146 146 146 THR THR A . n 
A 1 147 CYS 147 147 147 CYS CYS A . n 
A 1 148 ALA 148 148 148 ALA ALA A . n 
A 1 149 ALA 149 149 149 ALA ALA A . n 
A 1 150 GLY 150 150 150 GLY GLY A . n 
A 1 151 GLY 151 151 151 GLY GLY A . n 
A 1 152 PHE 152 152 152 PHE PHE A . n 
A 1 153 ASP 153 153 153 ASP ASP A . n 
A 1 154 GLN 154 154 154 GLN GLN A . n 
A 1 155 ARG 155 155 155 ARG ARG A . n 
A 1 156 PRO 156 156 156 PRO PRO A . n 
A 1 157 ALA 157 157 157 ALA ALA A . n 
A 1 158 GLY 158 158 158 GLY GLY A . n 
A 1 159 PHE 159 159 159 PHE PHE A . n 
A 1 160 SER 160 160 160 SER SER A . n 
A 1 161 CYS 161 161 161 CYS CYS A . n 
A 1 162 PRO 162 162 162 PRO PRO A . n 
A 1 163 SER 163 163 163 SER SER A . n 
A 1 164 ALA 164 164 164 ALA ALA A . n 
A 1 165 ALA 165 165 165 ALA ALA A . n 
A 1 166 LYS 166 166 166 LYS LYS A . n 
A 1 167 ILE 167 167 167 ILE ILE A . n 
A 1 168 LYS 168 168 168 LYS LYS A . n 
A 1 169 SER 169 169 169 SER SER A . n 
A 1 170 TYR 170 170 170 TYR TYR A . n 
A 1 171 CYS 171 171 171 CYS CYS A . n 
A 1 172 ASP 172 172 172 ASP ASP A . n 
A 1 173 ALA 173 173 173 ALA ALA A . n 
A 1 174 SER 174 174 174 SER SER A . n 
A 1 175 ASP 175 175 175 ASP ASP A . n 
A 1 176 PRO 176 176 176 PRO PRO A . n 
A 1 177 TYI 177 177 177 TYI TYI A . n 
A 1 178 CYS 178 178 178 CYS CYS A . n 
A 1 179 CYS 179 179 179 CYS CYS A . n 
A 1 180 ASN 180 180 180 ASN ASN A . n 
A 1 181 GLY 181 181 181 GLY GLY A . n 
A 1 182 SER 182 182 182 SER SER A . n 
A 1 183 ASN 183 183 183 ASN ASN A . n 
A 1 184 ALA 184 184 184 ALA ALA A . n 
A 1 185 ALA 185 185 185 ALA ALA A . n 
A 1 186 THR 186 186 186 THR THR A . n 
A 1 187 HIS 187 187 187 HIS HIS A . n 
A 1 188 GLN 188 188 188 GLN GLN A . n 
A 1 189 GLY 189 189 189 GLY GLY A . n 
A 1 190 TYR 190 190 190 TYR TYR A . n 
A 1 191 GLY 191 191 191 GLY GLY A . n 
A 1 192 SER 192 192 192 SER SER A . n 
A 1 193 GLU 193 193 193 GLU GLU A . n 
A 1 194 TYR 194 194 194 TYR TYR A . n 
A 1 195 GLY 195 195 195 GLY GLY A . n 
A 1 196 SER 196 196 196 SER SER A . n 
A 1 197 GLN 197 197 197 GLN GLN A . n 
A 1 198 ALA 198 198 198 ALA ALA A . n 
A 1 199 LEU 199 199 199 LEU LEU A . n 
A 1 200 ALA 200 200 200 ALA ALA A . n 
A 1 201 PHE 201 201 201 PHE PHE A . n 
A 1 202 VAL 202 202 202 VAL VAL A . n 
A 1 203 LYS 203 203 203 LYS LYS A . n 
A 1 204 SER 204 204 204 SER SER A . n 
A 1 205 LYS 205 205 205 LYS LYS A . n 
A 1 206 LEU 206 206 206 LEU LEU A . n 
A 1 207 GLY 207 207 207 GLY GLY A . n 
# 
loop_
_pdbx_nonpoly_scheme.asym_id 
_pdbx_nonpoly_scheme.entity_id 
_pdbx_nonpoly_scheme.mon_id 
_pdbx_nonpoly_scheme.ndb_seq_num 
_pdbx_nonpoly_scheme.pdb_seq_num 
_pdbx_nonpoly_scheme.auth_seq_num 
_pdbx_nonpoly_scheme.pdb_mon_id 
_pdbx_nonpoly_scheme.auth_mon_id 
_pdbx_nonpoly_scheme.pdb_strand_id 
_pdbx_nonpoly_scheme.pdb_ins_code 
B 2 SO4 1  209 209 SO4 SO4 A . 
C 3 HOH 1  301 301 HOH HOH A . 
C 3 HOH 2  302 302 HOH HOH A . 
C 3 HOH 3  303 303 HOH HOH A . 
C 3 HOH 4  304 304 HOH HOH A . 
C 3 HOH 5  305 305 HOH HOH A . 
C 3 HOH 6  306 306 HOH HOH A . 
C 3 HOH 7  307 307 HOH HOH A . 
C 3 HOH 8  308 308 HOH HOH A . 
C 3 HOH 9  309 309 HOH HOH A . 
C 3 HOH 10 310 310 HOH HOH A . 
C 3 HOH 11 311 311 HOH HOH A . 
C 3 HOH 12 312 312 HOH HOH A . 
C 3 HOH 13 313 313 HOH HOH A . 
C 3 HOH 14 314 314 HOH HOH A . 
C 3 HOH 15 315 315 HOH HOH A . 
C 3 HOH 16 316 316 HOH HOH A . 
C 3 HOH 17 317 317 HOH HOH A . 
C 3 HOH 18 318 318 HOH HOH A . 
C 3 HOH 19 319 319 HOH HOH A . 
C 3 HOH 20 320 320 HOH HOH A . 
C 3 HOH 21 321 321 HOH HOH A . 
C 3 HOH 22 322 322 HOH HOH A . 
C 3 HOH 23 323 323 HOH HOH A . 
C 3 HOH 24 324 324 HOH HOH A . 
C 3 HOH 25 325 325 HOH HOH A . 
C 3 HOH 26 326 326 HOH HOH A . 
C 3 HOH 27 327 327 HOH HOH A . 
C 3 HOH 28 328 328 HOH HOH A . 
C 3 HOH 29 329 329 HOH HOH A . 
C 3 HOH 30 330 330 HOH HOH A . 
C 3 HOH 31 331 331 HOH HOH A . 
C 3 HOH 32 332 332 HOH HOH A . 
C 3 HOH 33 333 333 HOH HOH A . 
C 3 HOH 34 334 334 HOH HOH A . 
C 3 HOH 35 335 335 HOH HOH A . 
C 3 HOH 36 336 336 HOH HOH A . 
C 3 HOH 37 337 337 HOH HOH A . 
C 3 HOH 38 338 338 HOH HOH A . 
C 3 HOH 39 339 339 HOH HOH A . 
C 3 HOH 40 340 340 HOH HOH A . 
C 3 HOH 41 341 341 HOH HOH A . 
C 3 HOH 42 342 342 HOH HOH A . 
C 3 HOH 43 343 343 HOH HOH A . 
C 3 HOH 44 344 344 HOH HOH A . 
C 3 HOH 45 345 345 HOH HOH A . 
C 3 HOH 46 346 346 HOH HOH A . 
C 3 HOH 47 347 347 HOH HOH A . 
C 3 HOH 48 348 348 HOH HOH A . 
C 3 HOH 49 349 349 HOH HOH A . 
C 3 HOH 50 350 350 HOH HOH A . 
C 3 HOH 51 351 351 HOH HOH A . 
C 3 HOH 52 352 352 HOH HOH A . 
C 3 HOH 53 353 353 HOH HOH A . 
C 3 HOH 54 354 354 HOH HOH A . 
C 3 HOH 55 355 355 HOH HOH A . 
C 3 HOH 56 356 356 HOH HOH A . 
C 3 HOH 57 357 357 HOH HOH A . 
C 3 HOH 58 358 358 HOH HOH A . 
C 3 HOH 59 359 359 HOH HOH A . 
C 3 HOH 60 360 360 HOH HOH A . 
C 3 HOH 61 361 361 HOH HOH A . 
C 3 HOH 62 362 362 HOH HOH A . 
C 3 HOH 63 363 363 HOH HOH A . 
C 3 HOH 64 364 364 HOH HOH A . 
C 3 HOH 65 365 365 HOH HOH A . 
C 3 HOH 66 366 366 HOH HOH A . 
C 3 HOH 67 367 367 HOH HOH A . 
C 3 HOH 68 368 368 HOH HOH A . 
C 3 HOH 69 369 369 HOH HOH A . 
C 3 HOH 70 370 370 HOH HOH A . 
C 3 HOH 71 371 371 HOH HOH A . 
C 3 HOH 72 372 372 HOH HOH A . 
C 3 HOH 73 373 373 HOH HOH A . 
C 3 HOH 74 374 374 HOH HOH A . 
C 3 HOH 75 375 375 HOH HOH A . 
C 3 HOH 76 376 376 HOH HOH A . 
C 3 HOH 77 377 377 HOH HOH A . 
C 3 HOH 78 378 378 HOH HOH A . 
C 3 HOH 79 379 379 HOH HOH A . 
C 3 HOH 80 380 380 HOH HOH A . 
C 3 HOH 81 381 381 HOH HOH A . 
C 3 HOH 82 382 382 HOH HOH A . 
C 3 HOH 83 383 383 HOH HOH A . 
C 3 HOH 84 384 384 HOH HOH A . 
C 3 HOH 85 385 385 HOH HOH A . 
C 3 HOH 86 386 386 HOH HOH A . 
C 3 HOH 87 387 387 HOH HOH A . 
C 3 HOH 88 388 388 HOH HOH A . 
C 3 HOH 89 389 389 HOH HOH A . 
C 3 HOH 90 390 390 HOH HOH A . 
C 3 HOH 91 391 391 HOH HOH A . 
# 
loop_
_software.name 
_software.classification 
_software.version 
_software.citation_id 
_software.pdbx_ordinal 
DENZO 'data reduction' . ? 1 
SHELX 'model building' . ? 2 
SHELX refinement       . ? 3 
SHELX phasing          . ? 4 
# 
_cell.entry_id           2AXE 
_cell.length_a           34.900 
_cell.length_b           61.278 
_cell.length_c           72.538 
_cell.angle_alpha        90.00 
_cell.angle_beta         90.00 
_cell.angle_gamma        90.00 
_cell.Z_PDB              4 
_cell.pdbx_unique_axis   ? 
# 
_symmetry.entry_id                         2AXE 
_symmetry.space_group_name_H-M             'P 21 21 21' 
_symmetry.pdbx_full_space_group_name_H-M   ? 
_symmetry.cell_setting                     ? 
_symmetry.Int_Tables_number                19 
# 
_exptl.entry_id          2AXE 
_exptl.method            'X-RAY DIFFRACTION' 
_exptl.crystals_number   1 
# 
_exptl_crystal.id                    1 
_exptl_crystal.density_meas          ? 
_exptl_crystal.density_Matthews      1.60 
_exptl_crystal.density_percent_sol   22.9 
_exptl_crystal.description           ? 
# 
_exptl_crystal_grow.crystal_id      1 
_exptl_crystal_grow.method          ? 
_exptl_crystal_grow.temp            ? 
_exptl_crystal_grow.temp_details    ? 
_exptl_crystal_grow.pH              6.0 
_exptl_crystal_grow.pdbx_pH_range   ? 
_exptl_crystal_grow.pdbx_details    'pH 6.0' 
# 
_diffrn.id                     1 
_diffrn.ambient_temp           287 
_diffrn.ambient_temp_details   ? 
_diffrn.crystal_id             1 
# 
_diffrn_detector.diffrn_id              1 
_diffrn_detector.detector               'IMAGE PLATE' 
_diffrn_detector.type                   ? 
_diffrn_detector.pdbx_collection_date   1997-12 
_diffrn_detector.details                ? 
# 
_diffrn_radiation.diffrn_id                        1 
_diffrn_radiation.wavelength_id                    1 
_diffrn_radiation.pdbx_monochromatic_or_laue_m_l   M 
_diffrn_radiation.monochromator                    'GRAPHITE(002)' 
_diffrn_radiation.pdbx_diffrn_protocol             ? 
_diffrn_radiation.pdbx_scattering_type             x-ray 
# 
_diffrn_radiation_wavelength.id           1 
_diffrn_radiation_wavelength.wavelength   1.5418 
_diffrn_radiation_wavelength.wt           1.0 
# 
_diffrn_source.diffrn_id                   1 
_diffrn_source.source                      'ROTATING ANODE' 
_diffrn_source.type                        'RIGAKU RUH2R' 
_diffrn_source.pdbx_synchrotron_site       ? 
_diffrn_source.pdbx_synchrotron_beamline   ? 
_diffrn_source.pdbx_wavelength             1.5418 
_diffrn_source.pdbx_wavelength_list        ? 
# 
_reflns.entry_id                     2AXE 
_reflns.observed_criterion_sigma_I   ? 
_reflns.observed_criterion_sigma_F   ? 
_reflns.d_resolution_low             99.00 
_reflns.d_resolution_high            1.80 
_reflns.number_obs                   15046 
_reflns.number_all                   ? 
_reflns.percent_possible_obs         99.8 
_reflns.pdbx_Rmerge_I_obs            0.11 
_reflns.pdbx_Rsym_value              ? 
_reflns.pdbx_netI_over_sigmaI        ? 
_reflns.B_iso_Wilson_estimate        ? 
_reflns.pdbx_redundancy              6.7 
_reflns.pdbx_diffrn_id               1 
_reflns.pdbx_ordinal                 1 
# 
_reflns_shell.d_res_high             1.80 
_reflns_shell.d_res_low              1.90 
_reflns_shell.percent_possible_all   99 
_reflns_shell.Rmerge_I_obs           ? 
_reflns_shell.pdbx_Rsym_value        ? 
_reflns_shell.meanI_over_sigI_obs    2 
_reflns_shell.pdbx_redundancy        ? 
_reflns_shell.pdbx_diffrn_id         ? 
_reflns_shell.pdbx_ordinal           1 
# 
_refine.entry_id                                 2AXE 
_refine.ls_number_reflns_obs                     ? 
_refine.ls_number_reflns_all                     15003 
_refine.pdbx_ls_sigma_I                          ? 
_refine.pdbx_ls_sigma_F                          0.0 
_refine.pdbx_data_cutoff_high_absF               ? 
_refine.pdbx_data_cutoff_low_absF                ? 
_refine.pdbx_data_cutoff_high_rms_absF           ? 
_refine.ls_d_res_low                             99.00 
_refine.ls_d_res_high                            1.80 
_refine.ls_percent_reflns_obs                    99.9 
_refine.ls_R_factor_obs                          0.1768 
_refine.ls_R_factor_all                          0.1733 
_refine.ls_R_factor_R_work                       ? 
_refine.ls_R_factor_R_free                       0.2369 
_refine.ls_R_factor_R_free_error                 ? 
_refine.ls_R_factor_R_free_error_details         ? 
_refine.ls_percent_reflns_R_free                 5.1 
_refine.ls_number_reflns_R_free                  763 
_refine.ls_number_parameters                     6189 
_refine.ls_number_restraints                     6009 
_refine.occupancy_min                            ? 
_refine.occupancy_max                            ? 
_refine.B_iso_mean                               ? 
_refine.aniso_B[1][1]                            ? 
_refine.aniso_B[2][2]                            ? 
_refine.aniso_B[3][3]                            ? 
_refine.aniso_B[1][2]                            ? 
_refine.aniso_B[1][3]                            ? 
_refine.aniso_B[2][3]                            ? 
_refine.solvent_model_details                    'MOEWS & KRETSINGER, J.MOL.BIOL.91(1973)201-2' 
_refine.solvent_model_param_ksol                 ? 
_refine.solvent_model_param_bsol                 ? 
_refine.pdbx_ls_cross_valid_method               'FREE R' 
_refine.details                                  'C-I BONDS WERE NOT RESTRAINED' 
_refine.pdbx_starting_model                      ? 
_refine.pdbx_method_to_determine_struct          SIRAS 
_refine.pdbx_isotropic_thermal_model             ? 
_refine.pdbx_stereochemistry_target_values       'ENGH AND HUBER' 
_refine.pdbx_stereochem_target_val_spec_case     ? 
_refine.pdbx_R_Free_selection_details            RANDOM 
_refine.pdbx_overall_ESU_R                       ? 
_refine.pdbx_overall_ESU_R_Free                  ? 
_refine.overall_SU_ML                            ? 
_refine.overall_SU_B                             ? 
_refine.pdbx_refine_id                           'X-RAY DIFFRACTION' 
_refine.pdbx_diffrn_id                           1 
_refine.pdbx_TLS_residual_ADP_flag               ? 
_refine.correlation_coeff_Fo_to_Fc               ? 
_refine.correlation_coeff_Fo_to_Fc_free          ? 
_refine.pdbx_solvent_vdw_probe_radii             ? 
_refine.pdbx_solvent_ion_probe_radii             ? 
_refine.pdbx_solvent_shrinkage_radii             ? 
_refine.pdbx_overall_phase_error                 ? 
_refine.overall_SU_R_Cruickshank_DPI             ? 
_refine.pdbx_overall_SU_R_free_Cruickshank_DPI   ? 
_refine.pdbx_overall_SU_R_Blow_DPI               ? 
_refine.pdbx_overall_SU_R_free_Blow_DPI          ? 
# 
_refine_analyze.entry_id                        2AXE 
_refine_analyze.Luzzati_coordinate_error_obs    ? 
_refine_analyze.Luzzati_sigma_a_obs             ? 
_refine_analyze.Luzzati_d_res_low_obs           ? 
_refine_analyze.Luzzati_coordinate_error_free   ? 
_refine_analyze.Luzzati_sigma_a_free            ? 
_refine_analyze.Luzzati_d_res_low_free          ? 
_refine_analyze.number_disordered_residues      2 
_refine_analyze.occupancy_sum_hydrogen          1182.0 
_refine_analyze.occupancy_sum_non_hydrogen      1540.2 
_refine_analyze.pdbx_refine_id                  'X-RAY DIFFRACTION' 
# 
_refine_hist.pdbx_refine_id                   'X-RAY DIFFRACTION' 
_refine_hist.cycle_id                         LAST 
_refine_hist.pdbx_number_atoms_protein        1422 
_refine_hist.pdbx_number_atoms_nucleic_acid   0 
_refine_hist.pdbx_number_atoms_ligand         33 
_refine_hist.number_atoms_solvent             91 
_refine_hist.number_atoms_total               1546 
_refine_hist.d_res_high                       1.80 
_refine_hist.d_res_low                        99.00 
# 
loop_
_refine_ls_restr.type 
_refine_ls_restr.dev_ideal 
_refine_ls_restr.dev_ideal_target 
_refine_ls_restr.weight 
_refine_ls_restr.number 
_refine_ls_restr.pdbx_refine_id 
_refine_ls_restr.pdbx_restraint_function 
s_bond_d               0.013 ? ? ? 'X-RAY DIFFRACTION' ? 
s_angle_d              0.057 ? ? ? 'X-RAY DIFFRACTION' ? 
s_similar_dist         ?     ? ? ? 'X-RAY DIFFRACTION' ? 
s_from_restr_planes    ?     ? ? ? 'X-RAY DIFFRACTION' ? 
s_zero_chiral_vol      ?     ? ? ? 'X-RAY DIFFRACTION' ? 
s_non_zero_chiral_vol  ?     ? ? ? 'X-RAY DIFFRACTION' ? 
s_anti_bump_dis_restr  ?     ? ? ? 'X-RAY DIFFRACTION' ? 
s_rigid_bond_adp_cmpnt ?     ? ? ? 'X-RAY DIFFRACTION' ? 
s_similar_adp_cmpnt    ?     ? ? ? 'X-RAY DIFFRACTION' ? 
s_approx_iso_adps      ?     ? ? ? 'X-RAY DIFFRACTION' ? 
# 
_pdbx_refine.entry_id                                    2AXE 
_pdbx_refine.R_factor_all_no_cutoff                      0.1733 
_pdbx_refine.R_factor_obs_no_cutoff                      0.1768 
_pdbx_refine.free_R_factor_no_cutoff                     0.2369 
_pdbx_refine.free_R_val_test_set_size_perc_no_cutoff     5.1 
_pdbx_refine.free_R_val_test_set_ct_no_cutoff            763 
_pdbx_refine.R_factor_all_4sig_cutoff                    0.149 
_pdbx_refine.R_factor_obs_4sig_cutoff                    0.1523 
_pdbx_refine.free_R_factor_4sig_cutoff                   0.2137 
_pdbx_refine.free_R_val_test_set_size_perc_4sig_cutoff   5.2 
_pdbx_refine.free_R_val_test_set_ct_4sig_cutoff          594 
_pdbx_refine.number_reflns_obs_4sig_cutoff               11490 
_pdbx_refine.pdbx_refine_id                              'X-RAY DIFFRACTION' 
_pdbx_refine.free_R_error_no_cutoff                      ? 
# 
_struct.entry_id                  2AXE 
_struct.title                     'IODINATED COMPLEX OF ACETYL XYLAN ESTERASE AT 1.80 ANGSTROMS' 
_struct.pdbx_model_details        ? 
_struct.pdbx_CASP_flag            ? 
_struct.pdbx_model_type_details   ? 
# 
_struct_keywords.entry_id        2AXE 
_struct_keywords.pdbx_keywords   HYDROLASE 
_struct_keywords.text            'HYDROLASE, IODOTYROSINES, ESTERASE' 
# 
loop_
_struct_asym.id 
_struct_asym.pdbx_blank_PDB_chainid_flag 
_struct_asym.pdbx_modified 
_struct_asym.entity_id 
_struct_asym.details 
A N N 1 ? 
B N N 2 ? 
C N N 3 ? 
# 
_struct_ref.id                         1 
_struct_ref.db_name                    UNP 
_struct_ref.db_code                    O59893_PENPU 
_struct_ref.entity_id                  1 
_struct_ref.pdbx_db_accession          O59893 
_struct_ref.pdbx_align_begin           1 
_struct_ref.pdbx_seq_one_letter_code   
;MHSKFFAASLLGLGAAAIPLEGVMEKRSCPAIHVFGARETTASPGYGSSSTVVNGVLSAYPGSTAEAINYPACGGQSSCG
GASYSSSVAQGIAAVASAVNSFNSQCPSTKIVLVGYSQGGEIMDVALCGGGDPNQGYTNTAVQLSSSAVNMVKAAIFMGD
PMFRAGLSYEVGTCAAGGFDQRPAGFSCPSAAKIKSYCDASDPYCCNGSNAATHQGYGSEYGSQALAFVKSKLG
;
_struct_ref.pdbx_db_isoform            ? 
# 
_struct_ref_seq.align_id                      1 
_struct_ref_seq.ref_id                        1 
_struct_ref_seq.pdbx_PDB_id_code              2AXE 
_struct_ref_seq.pdbx_strand_id                A 
_struct_ref_seq.seq_align_beg                 1 
_struct_ref_seq.pdbx_seq_align_beg_ins_code   ? 
_struct_ref_seq.seq_align_end                 207 
_struct_ref_seq.pdbx_seq_align_end_ins_code   ? 
_struct_ref_seq.pdbx_db_accession             O59893 
_struct_ref_seq.db_align_beg                  28 
_struct_ref_seq.pdbx_db_align_beg_ins_code    ? 
_struct_ref_seq.db_align_end                  234 
_struct_ref_seq.pdbx_db_align_end_ins_code    ? 
_struct_ref_seq.pdbx_auth_seq_align_beg       1 
_struct_ref_seq.pdbx_auth_seq_align_end       207 
# 
loop_
_struct_ref_seq_dif.align_id 
_struct_ref_seq_dif.pdbx_pdb_id_code 
_struct_ref_seq_dif.mon_id 
_struct_ref_seq_dif.pdbx_pdb_strand_id 
_struct_ref_seq_dif.seq_num 
_struct_ref_seq_dif.pdbx_pdb_ins_code 
_struct_ref_seq_dif.pdbx_seq_db_name 
_struct_ref_seq_dif.pdbx_seq_db_accession_code 
_struct_ref_seq_dif.db_mon_id 
_struct_ref_seq_dif.pdbx_seq_db_seq_num 
_struct_ref_seq_dif.details 
_struct_ref_seq_dif.pdbx_auth_seq_num 
_struct_ref_seq_dif.pdbx_ordinal 
1 2AXE TYI A 33  ? UNP O59893 TYR 60  'modified residue' 33  1 
1 2AXE TYI A 177 ? UNP O59893 TYR 204 'modified residue' 177 2 
# 
_pdbx_struct_assembly.id                   1 
_pdbx_struct_assembly.details              author_defined_assembly 
_pdbx_struct_assembly.method_details       ? 
_pdbx_struct_assembly.oligomeric_details   monomeric 
_pdbx_struct_assembly.oligomeric_count     1 
# 
_pdbx_struct_assembly_gen.assembly_id       1 
_pdbx_struct_assembly_gen.oper_expression   1 
_pdbx_struct_assembly_gen.asym_id_list      A,B,C 
# 
_pdbx_struct_oper_list.id                   1 
_pdbx_struct_oper_list.type                 'identity operation' 
_pdbx_struct_oper_list.name                 1_555 
_pdbx_struct_oper_list.symmetry_operation   x,y,z 
_pdbx_struct_oper_list.matrix[1][1]         1.0000000000 
_pdbx_struct_oper_list.matrix[1][2]         0.0000000000 
_pdbx_struct_oper_list.matrix[1][3]         0.0000000000 
_pdbx_struct_oper_list.vector[1]            0.0000000000 
_pdbx_struct_oper_list.matrix[2][1]         0.0000000000 
_pdbx_struct_oper_list.matrix[2][2]         1.0000000000 
_pdbx_struct_oper_list.matrix[2][3]         0.0000000000 
_pdbx_struct_oper_list.vector[2]            0.0000000000 
_pdbx_struct_oper_list.matrix[3][1]         0.0000000000 
_pdbx_struct_oper_list.matrix[3][2]         0.0000000000 
_pdbx_struct_oper_list.matrix[3][3]         1.0000000000 
_pdbx_struct_oper_list.vector[3]            0.0000000000 
# 
_struct_biol.id   1 
# 
loop_
_struct_conf.conf_type_id 
_struct_conf.id 
_struct_conf.pdbx_PDB_helix_id 
_struct_conf.beg_label_comp_id 
_struct_conf.beg_label_asym_id 
_struct_conf.beg_label_seq_id 
_struct_conf.pdbx_beg_PDB_ins_code 
_struct_conf.end_label_comp_id 
_struct_conf.end_label_asym_id 
_struct_conf.end_label_seq_id 
_struct_conf.pdbx_end_PDB_ins_code 
_struct_conf.beg_auth_comp_id 
_struct_conf.beg_auth_asym_id 
_struct_conf.beg_auth_seq_id 
_struct_conf.end_auth_comp_id 
_struct_conf.end_auth_asym_id 
_struct_conf.end_auth_seq_id 
_struct_conf.pdbx_PDB_helix_class 
_struct_conf.details 
_struct_conf.pdbx_PDB_helix_length 
HELX_P HELX_P1 1 GLY A 20  ? SER A 31  ? GLY A 20  SER A 31  5 ? 12 
HELX_P HELX_P2 2 SER A 50  ? CYS A 52  ? SER A 50  CYS A 52  5 ? 3  
HELX_P HELX_P3 3 TYR A 57  ? GLN A 78  ? TYR A 57  GLN A 78  1 ? 22 
HELX_P HELX_P4 4 SER A 90  ? CYS A 101 ? SER A 90  CYS A 101 5 ? 12 
HELX_P HELX_P5 5 PRO A 106 ? GLN A 108 ? PRO A 106 GLN A 108 5 ? 3  
HELX_P HELX_P6 6 SER A 119 ? MET A 124 ? SER A 119 MET A 124 1 ? 6  
HELX_P HELX_P7 7 ALA A 164 ? LYS A 166 ? ALA A 164 LYS A 166 5 ? 3  
HELX_P HELX_P8 8 ALA A 184 ? GLN A 188 ? ALA A 184 GLN A 188 1 ? 5  
HELX_P HELX_P9 9 TYR A 190 ? LYS A 205 ? TYR A 190 LYS A 205 1 ? 16 
# 
_struct_conf_type.id          HELX_P 
_struct_conf_type.criteria    ? 
_struct_conf_type.reference   ? 
# 
loop_
_struct_conn.id 
_struct_conn.conn_type_id 
_struct_conn.pdbx_leaving_atom_flag 
_struct_conn.pdbx_PDB_id 
_struct_conn.ptnr1_label_asym_id 
_struct_conn.ptnr1_label_comp_id 
_struct_conn.ptnr1_label_seq_id 
_struct_conn.ptnr1_label_atom_id 
_struct_conn.pdbx_ptnr1_label_alt_id 
_struct_conn.pdbx_ptnr1_PDB_ins_code 
_struct_conn.pdbx_ptnr1_standard_comp_id 
_struct_conn.ptnr1_symmetry 
_struct_conn.ptnr2_label_asym_id 
_struct_conn.ptnr2_label_comp_id 
_struct_conn.ptnr2_label_seq_id 
_struct_conn.ptnr2_label_atom_id 
_struct_conn.pdbx_ptnr2_label_alt_id 
_struct_conn.pdbx_ptnr2_PDB_ins_code 
_struct_conn.ptnr1_auth_asym_id 
_struct_conn.ptnr1_auth_comp_id 
_struct_conn.ptnr1_auth_seq_id 
_struct_conn.ptnr2_auth_asym_id 
_struct_conn.ptnr2_auth_comp_id 
_struct_conn.ptnr2_auth_seq_id 
_struct_conn.ptnr2_symmetry 
_struct_conn.pdbx_ptnr3_label_atom_id 
_struct_conn.pdbx_ptnr3_label_seq_id 
_struct_conn.pdbx_ptnr3_label_comp_id 
_struct_conn.pdbx_ptnr3_label_asym_id 
_struct_conn.pdbx_ptnr3_label_alt_id 
_struct_conn.pdbx_ptnr3_PDB_ins_code 
_struct_conn.details 
_struct_conn.pdbx_dist_value 
_struct_conn.pdbx_value_order 
_struct_conn.pdbx_role 
disulf1 disulf ?    ? A CYS 2   SG ? ? ? 1_555 A CYS 79  SG ? ? A CYS 2   A CYS 79  1_555 ? ? ? ? ? ? ? 2.025 ? ? 
disulf2 disulf ?    ? A CYS 46  SG ? ? ? 1_555 A CYS 52  SG ? ? A CYS 46  A CYS 52  1_555 ? ? ? ? ? ? ? 2.029 ? ? 
disulf3 disulf ?    ? A CYS 101 SG ? ? ? 1_555 A CYS 161 SG ? ? A CYS 101 A CYS 161 1_555 ? ? ? ? ? ? ? 2.028 ? ? 
disulf4 disulf ?    ? A CYS 147 SG ? ? ? 1_555 A CYS 179 SG ? ? A CYS 147 A CYS 179 1_555 ? ? ? ? ? ? ? 2.052 ? ? 
disulf5 disulf ?    ? A CYS 171 SG ? ? ? 1_555 A CYS 178 SG ? ? A CYS 171 A CYS 178 1_555 ? ? ? ? ? ? ? 2.033 ? ? 
covale1 covale both ? A ALA 32  C  ? ? ? 1_555 A TYI 33  N  ? ? A ALA 32  A TYI 33  1_555 ? ? ? ? ? ? ? 1.321 ? ? 
covale2 covale both ? A TYI 33  C  ? ? ? 1_555 A PRO 34  N  ? ? A TYI 33  A PRO 34  1_555 ? ? ? ? ? ? ? 1.326 ? ? 
covale3 covale both ? A PRO 176 C  ? ? ? 1_555 A TYI 177 N  ? ? A PRO 176 A TYI 177 1_555 ? ? ? ? ? ? ? 1.334 ? ? 
covale4 covale both ? A TYI 177 C  ? ? ? 1_555 A CYS 178 N  ? ? A TYI 177 A CYS 178 1_555 ? ? ? ? ? ? ? 1.331 ? ? 
# 
loop_
_struct_conn_type.id 
_struct_conn_type.criteria 
_struct_conn_type.reference 
disulf ? ? 
covale ? ? 
# 
loop_
_pdbx_modification_feature.ordinal 
_pdbx_modification_feature.label_comp_id 
_pdbx_modification_feature.label_asym_id 
_pdbx_modification_feature.label_seq_id 
_pdbx_modification_feature.label_alt_id 
_pdbx_modification_feature.modified_residue_label_comp_id 
_pdbx_modification_feature.modified_residue_label_asym_id 
_pdbx_modification_feature.modified_residue_label_seq_id 
_pdbx_modification_feature.modified_residue_label_alt_id 
_pdbx_modification_feature.auth_comp_id 
_pdbx_modification_feature.auth_asym_id 
_pdbx_modification_feature.auth_seq_id 
_pdbx_modification_feature.PDB_ins_code 
_pdbx_modification_feature.symmetry 
_pdbx_modification_feature.modified_residue_auth_comp_id 
_pdbx_modification_feature.modified_residue_auth_asym_id 
_pdbx_modification_feature.modified_residue_auth_seq_id 
_pdbx_modification_feature.modified_residue_PDB_ins_code 
_pdbx_modification_feature.modified_residue_symmetry 
_pdbx_modification_feature.comp_id_linking_atom 
_pdbx_modification_feature.modified_residue_id_linking_atom 
_pdbx_modification_feature.modified_residue_id 
_pdbx_modification_feature.ref_pcm_id 
_pdbx_modification_feature.ref_comp_id 
_pdbx_modification_feature.type 
_pdbx_modification_feature.category 
1 TYI A 33  ? .   . .   . TYI A 33  ? 1_555 .   . .   . .     .  .  TYR 1 TYI Iodination 'Named protein modification' 
2 TYI A 177 ? .   . .   . TYI A 177 ? 1_555 .   . .   . .     .  .  TYR 1 TYI Iodination 'Named protein modification' 
3 CYS A 2   ? CYS A 79  ? CYS A 2   ? 1_555 CYS A 79  ? 1_555 SG SG .   . .   None       'Disulfide bridge'           
4 CYS A 46  ? CYS A 52  ? CYS A 46  ? 1_555 CYS A 52  ? 1_555 SG SG .   . .   None       'Disulfide bridge'           
5 CYS A 101 ? CYS A 161 ? CYS A 101 ? 1_555 CYS A 161 ? 1_555 SG SG .   . .   None       'Disulfide bridge'           
6 CYS A 147 ? CYS A 179 ? CYS A 147 ? 1_555 CYS A 179 ? 1_555 SG SG .   . .   None       'Disulfide bridge'           
7 CYS A 171 ? CYS A 178 ? CYS A 171 ? 1_555 CYS A 178 ? 1_555 SG SG .   . .   None       'Disulfide bridge'           
# 
_struct_sheet.id               A 
_struct_sheet.type             ? 
_struct_sheet.number_strands   5 
_struct_sheet.details          ? 
# 
loop_
_struct_sheet_order.sheet_id 
_struct_sheet_order.range_id_1 
_struct_sheet_order.range_id_2 
_struct_sheet_order.offset 
_struct_sheet_order.sense 
A 1 2 ? parallel 
A 2 3 ? parallel 
A 3 4 ? parallel 
A 4 5 ? parallel 
# 
loop_
_struct_sheet_range.sheet_id 
_struct_sheet_range.id 
_struct_sheet_range.beg_label_comp_id 
_struct_sheet_range.beg_label_asym_id 
_struct_sheet_range.beg_label_seq_id 
_struct_sheet_range.pdbx_beg_PDB_ins_code 
_struct_sheet_range.end_label_comp_id 
_struct_sheet_range.end_label_asym_id 
_struct_sheet_range.end_label_seq_id 
_struct_sheet_range.pdbx_end_PDB_ins_code 
_struct_sheet_range.beg_auth_comp_id 
_struct_sheet_range.beg_auth_asym_id 
_struct_sheet_range.beg_auth_seq_id 
_struct_sheet_range.end_auth_comp_id 
_struct_sheet_range.end_auth_asym_id 
_struct_sheet_range.end_auth_seq_id 
A 1 THR A 37  ? ALA A 40  ? THR A 37  ALA A 40  
A 2 ILE A 5   ? ALA A 10  ? ILE A 5   ALA A 10  
A 3 LYS A 83  ? TYR A 89  ? LYS A 83  TYR A 89  
A 4 VAL A 125 ? MET A 131 ? VAL A 125 MET A 131 
A 5 ILE A 167 ? TYR A 170 ? ILE A 167 TYR A 170 
# 
loop_
_pdbx_struct_sheet_hbond.sheet_id 
_pdbx_struct_sheet_hbond.range_id_1 
_pdbx_struct_sheet_hbond.range_id_2 
_pdbx_struct_sheet_hbond.range_1_label_atom_id 
_pdbx_struct_sheet_hbond.range_1_label_comp_id 
_pdbx_struct_sheet_hbond.range_1_label_asym_id 
_pdbx_struct_sheet_hbond.range_1_label_seq_id 
_pdbx_struct_sheet_hbond.range_1_PDB_ins_code 
_pdbx_struct_sheet_hbond.range_1_auth_atom_id 
_pdbx_struct_sheet_hbond.range_1_auth_comp_id 
_pdbx_struct_sheet_hbond.range_1_auth_asym_id 
_pdbx_struct_sheet_hbond.range_1_auth_seq_id 
_pdbx_struct_sheet_hbond.range_2_label_atom_id 
_pdbx_struct_sheet_hbond.range_2_label_comp_id 
_pdbx_struct_sheet_hbond.range_2_label_asym_id 
_pdbx_struct_sheet_hbond.range_2_label_seq_id 
_pdbx_struct_sheet_hbond.range_2_PDB_ins_code 
_pdbx_struct_sheet_hbond.range_2_auth_atom_id 
_pdbx_struct_sheet_hbond.range_2_auth_comp_id 
_pdbx_struct_sheet_hbond.range_2_auth_asym_id 
_pdbx_struct_sheet_hbond.range_2_auth_seq_id 
A 1 2 O THR A 37  ? O THR A 37  N VAL A 7   ? N VAL A 7   
A 2 3 O HIS A 6   ? O HIS A 6   N LYS A 83  ? N LYS A 83  
A 3 4 O ILE A 84  ? O ILE A 84  N LYS A 126 ? N LYS A 126 
A 4 5 O ALA A 128 ? O ALA A 128 N LYS A 168 ? N LYS A 168 
# 
loop_
_struct_site.id 
_struct_site.pdbx_evidence_code 
_struct_site.pdbx_auth_asym_id 
_struct_site.pdbx_auth_comp_id 
_struct_site.pdbx_auth_seq_id 
_struct_site.pdbx_auth_ins_code 
_struct_site.pdbx_num_residues 
_struct_site.details 
CAT Unknown  ? ?   ?   ? 3 'THESE RESIDUES FORM THE CATALYTIC TRIAD.' 
AC1 Software A SO4 209 ? 4 'BINDING SITE FOR RESIDUE SO4 A 209'       
# 
loop_
_struct_site_gen.id 
_struct_site_gen.site_id 
_struct_site_gen.pdbx_num_res 
_struct_site_gen.label_comp_id 
_struct_site_gen.label_asym_id 
_struct_site_gen.label_seq_id 
_struct_site_gen.pdbx_auth_ins_code 
_struct_site_gen.auth_comp_id 
_struct_site_gen.auth_asym_id 
_struct_site_gen.auth_seq_id 
_struct_site_gen.label_atom_id 
_struct_site_gen.label_alt_id 
_struct_site_gen.symmetry 
_struct_site_gen.details 
1 CAT 3 SER A 90  ? SER A 90  . ? 1_555 ? 
2 CAT 3 ASP A 175 ? ASP A 175 . ? 1_555 ? 
3 CAT 3 HIS A 187 ? HIS A 187 . ? 1_555 ? 
4 AC1 4 THR A 146 ? THR A 146 . ? 1_555 ? 
5 AC1 4 ASP A 172 ? ASP A 172 . ? 1_555 ? 
6 AC1 4 ALA A 173 ? ALA A 173 . ? 1_555 ? 
7 AC1 4 SER A 174 ? SER A 174 . ? 1_555 ? 
# 
_pdbx_entry_details.entry_id                   2AXE 
_pdbx_entry_details.compound_details           ? 
_pdbx_entry_details.source_details             ? 
_pdbx_entry_details.nonpolymer_details         ? 
_pdbx_entry_details.sequence_details           ? 
_pdbx_entry_details.has_ligand_of_interest     ? 
_pdbx_entry_details.has_protein_modification   Y 
# 
_pdbx_validate_close_contact.id               1 
_pdbx_validate_close_contact.PDB_model_num    1 
_pdbx_validate_close_contact.auth_atom_id_1   O 
_pdbx_validate_close_contact.auth_asym_id_1   A 
_pdbx_validate_close_contact.auth_comp_id_1   HOH 
_pdbx_validate_close_contact.auth_seq_id_1    378 
_pdbx_validate_close_contact.PDB_ins_code_1   ? 
_pdbx_validate_close_contact.label_alt_id_1   ? 
_pdbx_validate_close_contact.auth_atom_id_2   O 
_pdbx_validate_close_contact.auth_asym_id_2   A 
_pdbx_validate_close_contact.auth_comp_id_2   HOH 
_pdbx_validate_close_contact.auth_seq_id_2    388 
_pdbx_validate_close_contact.PDB_ins_code_2   ? 
_pdbx_validate_close_contact.label_alt_id_2   ? 
_pdbx_validate_close_contact.dist             2.02 
# 
loop_
_pdbx_validate_torsion.id 
_pdbx_validate_torsion.PDB_model_num 
_pdbx_validate_torsion.auth_comp_id 
_pdbx_validate_torsion.auth_asym_id 
_pdbx_validate_torsion.auth_seq_id 
_pdbx_validate_torsion.PDB_ins_code 
_pdbx_validate_torsion.label_alt_id 
_pdbx_validate_torsion.phi 
_pdbx_validate_torsion.psi 
1 1 THR A 14  ? ? 72.44   -3.26   
2 1 SER A 90  ? ? 56.99   -119.23 
3 1 ALA A 149 ? ? -123.89 -113.25 
4 1 CYS A 179 ? ? -125.32 -163.97 
5 1 SER A 182 ? ? -143.43 24.18   
# 
loop_
_pdbx_struct_mod_residue.id 
_pdbx_struct_mod_residue.label_asym_id 
_pdbx_struct_mod_residue.label_comp_id 
_pdbx_struct_mod_residue.label_seq_id 
_pdbx_struct_mod_residue.auth_asym_id 
_pdbx_struct_mod_residue.auth_comp_id 
_pdbx_struct_mod_residue.auth_seq_id 
_pdbx_struct_mod_residue.PDB_ins_code 
_pdbx_struct_mod_residue.parent_comp_id 
_pdbx_struct_mod_residue.details 
1 A TYI 33  A TYI 33  ? TYR 3,5-DIIODOTYROSINE 
2 A TYI 177 A TYI 177 ? TYR 3,5-DIIODOTYROSINE 
# 
loop_
_chem_comp_atom.comp_id 
_chem_comp_atom.atom_id 
_chem_comp_atom.type_symbol 
_chem_comp_atom.pdbx_aromatic_flag 
_chem_comp_atom.pdbx_stereo_config 
_chem_comp_atom.pdbx_ordinal 
ALA N    N N N 1   
ALA CA   C N S 2   
ALA C    C N N 3   
ALA O    O N N 4   
ALA CB   C N N 5   
ALA OXT  O N N 6   
ALA H    H N N 7   
ALA H2   H N N 8   
ALA HA   H N N 9   
ALA HB1  H N N 10  
ALA HB2  H N N 11  
ALA HB3  H N N 12  
ALA HXT  H N N 13  
ARG N    N N N 14  
ARG CA   C N S 15  
ARG C    C N N 16  
ARG O    O N N 17  
ARG CB   C N N 18  
ARG CG   C N N 19  
ARG CD   C N N 20  
ARG NE   N N N 21  
ARG CZ   C N N 22  
ARG NH1  N N N 23  
ARG NH2  N N N 24  
ARG OXT  O N N 25  
ARG H    H N N 26  
ARG H2   H N N 27  
ARG HA   H N N 28  
ARG HB2  H N N 29  
ARG HB3  H N N 30  
ARG HG2  H N N 31  
ARG HG3  H N N 32  
ARG HD2  H N N 33  
ARG HD3  H N N 34  
ARG HE   H N N 35  
ARG HH11 H N N 36  
ARG HH12 H N N 37  
ARG HH21 H N N 38  
ARG HH22 H N N 39  
ARG HXT  H N N 40  
ASN N    N N N 41  
ASN CA   C N S 42  
ASN C    C N N 43  
ASN O    O N N 44  
ASN CB   C N N 45  
ASN CG   C N N 46  
ASN OD1  O N N 47  
ASN ND2  N N N 48  
ASN OXT  O N N 49  
ASN H    H N N 50  
ASN H2   H N N 51  
ASN HA   H N N 52  
ASN HB2  H N N 53  
ASN HB3  H N N 54  
ASN HD21 H N N 55  
ASN HD22 H N N 56  
ASN HXT  H N N 57  
ASP N    N N N 58  
ASP CA   C N S 59  
ASP C    C N N 60  
ASP O    O N N 61  
ASP CB   C N N 62  
ASP CG   C N N 63  
ASP OD1  O N N 64  
ASP OD2  O N N 65  
ASP OXT  O N N 66  
ASP H    H N N 67  
ASP H2   H N N 68  
ASP HA   H N N 69  
ASP HB2  H N N 70  
ASP HB3  H N N 71  
ASP HD2  H N N 72  
ASP HXT  H N N 73  
CYS N    N N N 74  
CYS CA   C N R 75  
CYS C    C N N 76  
CYS O    O N N 77  
CYS CB   C N N 78  
CYS SG   S N N 79  
CYS OXT  O N N 80  
CYS H    H N N 81  
CYS H2   H N N 82  
CYS HA   H N N 83  
CYS HB2  H N N 84  
CYS HB3  H N N 85  
CYS HG   H N N 86  
CYS HXT  H N N 87  
GLN N    N N N 88  
GLN CA   C N S 89  
GLN C    C N N 90  
GLN O    O N N 91  
GLN CB   C N N 92  
GLN CG   C N N 93  
GLN CD   C N N 94  
GLN OE1  O N N 95  
GLN NE2  N N N 96  
GLN OXT  O N N 97  
GLN H    H N N 98  
GLN H2   H N N 99  
GLN HA   H N N 100 
GLN HB2  H N N 101 
GLN HB3  H N N 102 
GLN HG2  H N N 103 
GLN HG3  H N N 104 
GLN HE21 H N N 105 
GLN HE22 H N N 106 
GLN HXT  H N N 107 
GLU N    N N N 108 
GLU CA   C N S 109 
GLU C    C N N 110 
GLU O    O N N 111 
GLU CB   C N N 112 
GLU CG   C N N 113 
GLU CD   C N N 114 
GLU OE1  O N N 115 
GLU OE2  O N N 116 
GLU OXT  O N N 117 
GLU H    H N N 118 
GLU H2   H N N 119 
GLU HA   H N N 120 
GLU HB2  H N N 121 
GLU HB3  H N N 122 
GLU HG2  H N N 123 
GLU HG3  H N N 124 
GLU HE2  H N N 125 
GLU HXT  H N N 126 
GLY N    N N N 127 
GLY CA   C N N 128 
GLY C    C N N 129 
GLY O    O N N 130 
GLY OXT  O N N 131 
GLY H    H N N 132 
GLY H2   H N N 133 
GLY HA2  H N N 134 
GLY HA3  H N N 135 
GLY HXT  H N N 136 
HIS N    N N N 137 
HIS CA   C N S 138 
HIS C    C N N 139 
HIS O    O N N 140 
HIS CB   C N N 141 
HIS CG   C Y N 142 
HIS ND1  N Y N 143 
HIS CD2  C Y N 144 
HIS CE1  C Y N 145 
HIS NE2  N Y N 146 
HIS OXT  O N N 147 
HIS H    H N N 148 
HIS H2   H N N 149 
HIS HA   H N N 150 
HIS HB2  H N N 151 
HIS HB3  H N N 152 
HIS HD1  H N N 153 
HIS HD2  H N N 154 
HIS HE1  H N N 155 
HIS HE2  H N N 156 
HIS HXT  H N N 157 
HOH O    O N N 158 
HOH H1   H N N 159 
HOH H2   H N N 160 
ILE N    N N N 161 
ILE CA   C N S 162 
ILE C    C N N 163 
ILE O    O N N 164 
ILE CB   C N S 165 
ILE CG1  C N N 166 
ILE CG2  C N N 167 
ILE CD1  C N N 168 
ILE OXT  O N N 169 
ILE H    H N N 170 
ILE H2   H N N 171 
ILE HA   H N N 172 
ILE HB   H N N 173 
ILE HG12 H N N 174 
ILE HG13 H N N 175 
ILE HG21 H N N 176 
ILE HG22 H N N 177 
ILE HG23 H N N 178 
ILE HD11 H N N 179 
ILE HD12 H N N 180 
ILE HD13 H N N 181 
ILE HXT  H N N 182 
LEU N    N N N 183 
LEU CA   C N S 184 
LEU C    C N N 185 
LEU O    O N N 186 
LEU CB   C N N 187 
LEU CG   C N N 188 
LEU CD1  C N N 189 
LEU CD2  C N N 190 
LEU OXT  O N N 191 
LEU H    H N N 192 
LEU H2   H N N 193 
LEU HA   H N N 194 
LEU HB2  H N N 195 
LEU HB3  H N N 196 
LEU HG   H N N 197 
LEU HD11 H N N 198 
LEU HD12 H N N 199 
LEU HD13 H N N 200 
LEU HD21 H N N 201 
LEU HD22 H N N 202 
LEU HD23 H N N 203 
LEU HXT  H N N 204 
LYS N    N N N 205 
LYS CA   C N S 206 
LYS C    C N N 207 
LYS O    O N N 208 
LYS CB   C N N 209 
LYS CG   C N N 210 
LYS CD   C N N 211 
LYS CE   C N N 212 
LYS NZ   N N N 213 
LYS OXT  O N N 214 
LYS H    H N N 215 
LYS H2   H N N 216 
LYS HA   H N N 217 
LYS HB2  H N N 218 
LYS HB3  H N N 219 
LYS HG2  H N N 220 
LYS HG3  H N N 221 
LYS HD2  H N N 222 
LYS HD3  H N N 223 
LYS HE2  H N N 224 
LYS HE3  H N N 225 
LYS HZ1  H N N 226 
LYS HZ2  H N N 227 
LYS HZ3  H N N 228 
LYS HXT  H N N 229 
MET N    N N N 230 
MET CA   C N S 231 
MET C    C N N 232 
MET O    O N N 233 
MET CB   C N N 234 
MET CG   C N N 235 
MET SD   S N N 236 
MET CE   C N N 237 
MET OXT  O N N 238 
MET H    H N N 239 
MET H2   H N N 240 
MET HA   H N N 241 
MET HB2  H N N 242 
MET HB3  H N N 243 
MET HG2  H N N 244 
MET HG3  H N N 245 
MET HE1  H N N 246 
MET HE2  H N N 247 
MET HE3  H N N 248 
MET HXT  H N N 249 
PHE N    N N N 250 
PHE CA   C N S 251 
PHE C    C N N 252 
PHE O    O N N 253 
PHE CB   C N N 254 
PHE CG   C Y N 255 
PHE CD1  C Y N 256 
PHE CD2  C Y N 257 
PHE CE1  C Y N 258 
PHE CE2  C Y N 259 
PHE CZ   C Y N 260 
PHE OXT  O N N 261 
PHE H    H N N 262 
PHE H2   H N N 263 
PHE HA   H N N 264 
PHE HB2  H N N 265 
PHE HB3  H N N 266 
PHE HD1  H N N 267 
PHE HD2  H N N 268 
PHE HE1  H N N 269 
PHE HE2  H N N 270 
PHE HZ   H N N 271 
PHE HXT  H N N 272 
PRO N    N N N 273 
PRO CA   C N S 274 
PRO C    C N N 275 
PRO O    O N N 276 
PRO CB   C N N 277 
PRO CG   C N N 278 
PRO CD   C N N 279 
PRO OXT  O N N 280 
PRO H    H N N 281 
PRO HA   H N N 282 
PRO HB2  H N N 283 
PRO HB3  H N N 284 
PRO HG2  H N N 285 
PRO HG3  H N N 286 
PRO HD2  H N N 287 
PRO HD3  H N N 288 
PRO HXT  H N N 289 
SER N    N N N 290 
SER CA   C N S 291 
SER C    C N N 292 
SER O    O N N 293 
SER CB   C N N 294 
SER OG   O N N 295 
SER OXT  O N N 296 
SER H    H N N 297 
SER H2   H N N 298 
SER HA   H N N 299 
SER HB2  H N N 300 
SER HB3  H N N 301 
SER HG   H N N 302 
SER HXT  H N N 303 
SO4 S    S N N 304 
SO4 O1   O N N 305 
SO4 O2   O N N 306 
SO4 O3   O N N 307 
SO4 O4   O N N 308 
THR N    N N N 309 
THR CA   C N S 310 
THR C    C N N 311 
THR O    O N N 312 
THR CB   C N R 313 
THR OG1  O N N 314 
THR CG2  C N N 315 
THR OXT  O N N 316 
THR H    H N N 317 
THR H2   H N N 318 
THR HA   H N N 319 
THR HB   H N N 320 
THR HG1  H N N 321 
THR HG21 H N N 322 
THR HG22 H N N 323 
THR HG23 H N N 324 
THR HXT  H N N 325 
TYI N    N N N 326 
TYI CA   C N S 327 
TYI CB   C N N 328 
TYI CG   C Y N 329 
TYI CD1  C Y N 330 
TYI CE1  C Y N 331 
TYI CD2  C Y N 332 
TYI CE2  C Y N 333 
TYI CZ   C Y N 334 
TYI OH   O N N 335 
TYI C    C N N 336 
TYI O    O N N 337 
TYI OXT  O N N 338 
TYI I1   I N N 339 
TYI I2   I N N 340 
TYI H    H N N 341 
TYI H2   H N N 342 
TYI HA   H N N 343 
TYI HB2  H N N 344 
TYI HB3  H N N 345 
TYI HD1  H N N 346 
TYI HD2  H N N 347 
TYI HH   H N N 348 
TYI HXT  H N N 349 
TYR N    N N N 350 
TYR CA   C N S 351 
TYR C    C N N 352 
TYR O    O N N 353 
TYR CB   C N N 354 
TYR CG   C Y N 355 
TYR CD1  C Y N 356 
TYR CD2  C Y N 357 
TYR CE1  C Y N 358 
TYR CE2  C Y N 359 
TYR CZ   C Y N 360 
TYR OH   O N N 361 
TYR OXT  O N N 362 
TYR H    H N N 363 
TYR H2   H N N 364 
TYR HA   H N N 365 
TYR HB2  H N N 366 
TYR HB3  H N N 367 
TYR HD1  H N N 368 
TYR HD2  H N N 369 
TYR HE1  H N N 370 
TYR HE2  H N N 371 
TYR HH   H N N 372 
TYR HXT  H N N 373 
VAL N    N N N 374 
VAL CA   C N S 375 
VAL C    C N N 376 
VAL O    O N N 377 
VAL CB   C N N 378 
VAL CG1  C N N 379 
VAL CG2  C N N 380 
VAL OXT  O N N 381 
VAL H    H N N 382 
VAL H2   H N N 383 
VAL HA   H N N 384 
VAL HB   H N N 385 
VAL HG11 H N N 386 
VAL HG12 H N N 387 
VAL HG13 H N N 388 
VAL HG21 H N N 389 
VAL HG22 H N N 390 
VAL HG23 H N N 391 
VAL HXT  H N N 392 
# 
loop_
_chem_comp_bond.comp_id 
_chem_comp_bond.atom_id_1 
_chem_comp_bond.atom_id_2 
_chem_comp_bond.value_order 
_chem_comp_bond.pdbx_aromatic_flag 
_chem_comp_bond.pdbx_stereo_config 
_chem_comp_bond.pdbx_ordinal 
ALA N   CA   sing N N 1   
ALA N   H    sing N N 2   
ALA N   H2   sing N N 3   
ALA CA  C    sing N N 4   
ALA CA  CB   sing N N 5   
ALA CA  HA   sing N N 6   
ALA C   O    doub N N 7   
ALA C   OXT  sing N N 8   
ALA CB  HB1  sing N N 9   
ALA CB  HB2  sing N N 10  
ALA CB  HB3  sing N N 11  
ALA OXT HXT  sing N N 12  
ARG N   CA   sing N N 13  
ARG N   H    sing N N 14  
ARG N   H2   sing N N 15  
ARG CA  C    sing N N 16  
ARG CA  CB   sing N N 17  
ARG CA  HA   sing N N 18  
ARG C   O    doub N N 19  
ARG C   OXT  sing N N 20  
ARG CB  CG   sing N N 21  
ARG CB  HB2  sing N N 22  
ARG CB  HB3  sing N N 23  
ARG CG  CD   sing N N 24  
ARG CG  HG2  sing N N 25  
ARG CG  HG3  sing N N 26  
ARG CD  NE   sing N N 27  
ARG CD  HD2  sing N N 28  
ARG CD  HD3  sing N N 29  
ARG NE  CZ   sing N N 30  
ARG NE  HE   sing N N 31  
ARG CZ  NH1  sing N N 32  
ARG CZ  NH2  doub N N 33  
ARG NH1 HH11 sing N N 34  
ARG NH1 HH12 sing N N 35  
ARG NH2 HH21 sing N N 36  
ARG NH2 HH22 sing N N 37  
ARG OXT HXT  sing N N 38  
ASN N   CA   sing N N 39  
ASN N   H    sing N N 40  
ASN N   H2   sing N N 41  
ASN CA  C    sing N N 42  
ASN CA  CB   sing N N 43  
ASN CA  HA   sing N N 44  
ASN C   O    doub N N 45  
ASN C   OXT  sing N N 46  
ASN CB  CG   sing N N 47  
ASN CB  HB2  sing N N 48  
ASN CB  HB3  sing N N 49  
ASN CG  OD1  doub N N 50  
ASN CG  ND2  sing N N 51  
ASN ND2 HD21 sing N N 52  
ASN ND2 HD22 sing N N 53  
ASN OXT HXT  sing N N 54  
ASP N   CA   sing N N 55  
ASP N   H    sing N N 56  
ASP N   H2   sing N N 57  
ASP CA  C    sing N N 58  
ASP CA  CB   sing N N 59  
ASP CA  HA   sing N N 60  
ASP C   O    doub N N 61  
ASP C   OXT  sing N N 62  
ASP CB  CG   sing N N 63  
ASP CB  HB2  sing N N 64  
ASP CB  HB3  sing N N 65  
ASP CG  OD1  doub N N 66  
ASP CG  OD2  sing N N 67  
ASP OD2 HD2  sing N N 68  
ASP OXT HXT  sing N N 69  
CYS N   CA   sing N N 70  
CYS N   H    sing N N 71  
CYS N   H2   sing N N 72  
CYS CA  C    sing N N 73  
CYS CA  CB   sing N N 74  
CYS CA  HA   sing N N 75  
CYS C   O    doub N N 76  
CYS C   OXT  sing N N 77  
CYS CB  SG   sing N N 78  
CYS CB  HB2  sing N N 79  
CYS CB  HB3  sing N N 80  
CYS SG  HG   sing N N 81  
CYS OXT HXT  sing N N 82  
GLN N   CA   sing N N 83  
GLN N   H    sing N N 84  
GLN N   H2   sing N N 85  
GLN CA  C    sing N N 86  
GLN CA  CB   sing N N 87  
GLN CA  HA   sing N N 88  
GLN C   O    doub N N 89  
GLN C   OXT  sing N N 90  
GLN CB  CG   sing N N 91  
GLN CB  HB2  sing N N 92  
GLN CB  HB3  sing N N 93  
GLN CG  CD   sing N N 94  
GLN CG  HG2  sing N N 95  
GLN CG  HG3  sing N N 96  
GLN CD  OE1  doub N N 97  
GLN CD  NE2  sing N N 98  
GLN NE2 HE21 sing N N 99  
GLN NE2 HE22 sing N N 100 
GLN OXT HXT  sing N N 101 
GLU N   CA   sing N N 102 
GLU N   H    sing N N 103 
GLU N   H2   sing N N 104 
GLU CA  C    sing N N 105 
GLU CA  CB   sing N N 106 
GLU CA  HA   sing N N 107 
GLU C   O    doub N N 108 
GLU C   OXT  sing N N 109 
GLU CB  CG   sing N N 110 
GLU CB  HB2  sing N N 111 
GLU CB  HB3  sing N N 112 
GLU CG  CD   sing N N 113 
GLU CG  HG2  sing N N 114 
GLU CG  HG3  sing N N 115 
GLU CD  OE1  doub N N 116 
GLU CD  OE2  sing N N 117 
GLU OE2 HE2  sing N N 118 
GLU OXT HXT  sing N N 119 
GLY N   CA   sing N N 120 
GLY N   H    sing N N 121 
GLY N   H2   sing N N 122 
GLY CA  C    sing N N 123 
GLY CA  HA2  sing N N 124 
GLY CA  HA3  sing N N 125 
GLY C   O    doub N N 126 
GLY C   OXT  sing N N 127 
GLY OXT HXT  sing N N 128 
HIS N   CA   sing N N 129 
HIS N   H    sing N N 130 
HIS N   H2   sing N N 131 
HIS CA  C    sing N N 132 
HIS CA  CB   sing N N 133 
HIS CA  HA   sing N N 134 
HIS C   O    doub N N 135 
HIS C   OXT  sing N N 136 
HIS CB  CG   sing N N 137 
HIS CB  HB2  sing N N 138 
HIS CB  HB3  sing N N 139 
HIS CG  ND1  sing Y N 140 
HIS CG  CD2  doub Y N 141 
HIS ND1 CE1  doub Y N 142 
HIS ND1 HD1  sing N N 143 
HIS CD2 NE2  sing Y N 144 
HIS CD2 HD2  sing N N 145 
HIS CE1 NE2  sing Y N 146 
HIS CE1 HE1  sing N N 147 
HIS NE2 HE2  sing N N 148 
HIS OXT HXT  sing N N 149 
HOH O   H1   sing N N 150 
HOH O   H2   sing N N 151 
ILE N   CA   sing N N 152 
ILE N   H    sing N N 153 
ILE N   H2   sing N N 154 
ILE CA  C    sing N N 155 
ILE CA  CB   sing N N 156 
ILE CA  HA   sing N N 157 
ILE C   O    doub N N 158 
ILE C   OXT  sing N N 159 
ILE CB  CG1  sing N N 160 
ILE CB  CG2  sing N N 161 
ILE CB  HB   sing N N 162 
ILE CG1 CD1  sing N N 163 
ILE CG1 HG12 sing N N 164 
ILE CG1 HG13 sing N N 165 
ILE CG2 HG21 sing N N 166 
ILE CG2 HG22 sing N N 167 
ILE CG2 HG23 sing N N 168 
ILE CD1 HD11 sing N N 169 
ILE CD1 HD12 sing N N 170 
ILE CD1 HD13 sing N N 171 
ILE OXT HXT  sing N N 172 
LEU N   CA   sing N N 173 
LEU N   H    sing N N 174 
LEU N   H2   sing N N 175 
LEU CA  C    sing N N 176 
LEU CA  CB   sing N N 177 
LEU CA  HA   sing N N 178 
LEU C   O    doub N N 179 
LEU C   OXT  sing N N 180 
LEU CB  CG   sing N N 181 
LEU CB  HB2  sing N N 182 
LEU CB  HB3  sing N N 183 
LEU CG  CD1  sing N N 184 
LEU CG  CD2  sing N N 185 
LEU CG  HG   sing N N 186 
LEU CD1 HD11 sing N N 187 
LEU CD1 HD12 sing N N 188 
LEU CD1 HD13 sing N N 189 
LEU CD2 HD21 sing N N 190 
LEU CD2 HD22 sing N N 191 
LEU CD2 HD23 sing N N 192 
LEU OXT HXT  sing N N 193 
LYS N   CA   sing N N 194 
LYS N   H    sing N N 195 
LYS N   H2   sing N N 196 
LYS CA  C    sing N N 197 
LYS CA  CB   sing N N 198 
LYS CA  HA   sing N N 199 
LYS C   O    doub N N 200 
LYS C   OXT  sing N N 201 
LYS CB  CG   sing N N 202 
LYS CB  HB2  sing N N 203 
LYS CB  HB3  sing N N 204 
LYS CG  CD   sing N N 205 
LYS CG  HG2  sing N N 206 
LYS CG  HG3  sing N N 207 
LYS CD  CE   sing N N 208 
LYS CD  HD2  sing N N 209 
LYS CD  HD3  sing N N 210 
LYS CE  NZ   sing N N 211 
LYS CE  HE2  sing N N 212 
LYS CE  HE3  sing N N 213 
LYS NZ  HZ1  sing N N 214 
LYS NZ  HZ2  sing N N 215 
LYS NZ  HZ3  sing N N 216 
LYS OXT HXT  sing N N 217 
MET N   CA   sing N N 218 
MET N   H    sing N N 219 
MET N   H2   sing N N 220 
MET CA  C    sing N N 221 
MET CA  CB   sing N N 222 
MET CA  HA   sing N N 223 
MET C   O    doub N N 224 
MET C   OXT  sing N N 225 
MET CB  CG   sing N N 226 
MET CB  HB2  sing N N 227 
MET CB  HB3  sing N N 228 
MET CG  SD   sing N N 229 
MET CG  HG2  sing N N 230 
MET CG  HG3  sing N N 231 
MET SD  CE   sing N N 232 
MET CE  HE1  sing N N 233 
MET CE  HE2  sing N N 234 
MET CE  HE3  sing N N 235 
MET OXT HXT  sing N N 236 
PHE N   CA   sing N N 237 
PHE N   H    sing N N 238 
PHE N   H2   sing N N 239 
PHE CA  C    sing N N 240 
PHE CA  CB   sing N N 241 
PHE CA  HA   sing N N 242 
PHE C   O    doub N N 243 
PHE C   OXT  sing N N 244 
PHE CB  CG   sing N N 245 
PHE CB  HB2  sing N N 246 
PHE CB  HB3  sing N N 247 
PHE CG  CD1  doub Y N 248 
PHE CG  CD2  sing Y N 249 
PHE CD1 CE1  sing Y N 250 
PHE CD1 HD1  sing N N 251 
PHE CD2 CE2  doub Y N 252 
PHE CD2 HD2  sing N N 253 
PHE CE1 CZ   doub Y N 254 
PHE CE1 HE1  sing N N 255 
PHE CE2 CZ   sing Y N 256 
PHE CE2 HE2  sing N N 257 
PHE CZ  HZ   sing N N 258 
PHE OXT HXT  sing N N 259 
PRO N   CA   sing N N 260 
PRO N   CD   sing N N 261 
PRO N   H    sing N N 262 
PRO CA  C    sing N N 263 
PRO CA  CB   sing N N 264 
PRO CA  HA   sing N N 265 
PRO C   O    doub N N 266 
PRO C   OXT  sing N N 267 
PRO CB  CG   sing N N 268 
PRO CB  HB2  sing N N 269 
PRO CB  HB3  sing N N 270 
PRO CG  CD   sing N N 271 
PRO CG  HG2  sing N N 272 
PRO CG  HG3  sing N N 273 
PRO CD  HD2  sing N N 274 
PRO CD  HD3  sing N N 275 
PRO OXT HXT  sing N N 276 
SER N   CA   sing N N 277 
SER N   H    sing N N 278 
SER N   H2   sing N N 279 
SER CA  C    sing N N 280 
SER CA  CB   sing N N 281 
SER CA  HA   sing N N 282 
SER C   O    doub N N 283 
SER C   OXT  sing N N 284 
SER CB  OG   sing N N 285 
SER CB  HB2  sing N N 286 
SER CB  HB3  sing N N 287 
SER OG  HG   sing N N 288 
SER OXT HXT  sing N N 289 
SO4 S   O1   doub N N 290 
SO4 S   O2   doub N N 291 
SO4 S   O3   sing N N 292 
SO4 S   O4   sing N N 293 
THR N   CA   sing N N 294 
THR N   H    sing N N 295 
THR N   H2   sing N N 296 
THR CA  C    sing N N 297 
THR CA  CB   sing N N 298 
THR CA  HA   sing N N 299 
THR C   O    doub N N 300 
THR C   OXT  sing N N 301 
THR CB  OG1  sing N N 302 
THR CB  CG2  sing N N 303 
THR CB  HB   sing N N 304 
THR OG1 HG1  sing N N 305 
THR CG2 HG21 sing N N 306 
THR CG2 HG22 sing N N 307 
THR CG2 HG23 sing N N 308 
THR OXT HXT  sing N N 309 
TYI N   CA   sing N N 310 
TYI N   H    sing N N 311 
TYI N   H2   sing N N 312 
TYI CA  CB   sing N N 313 
TYI CA  C    sing N N 314 
TYI CA  HA   sing N N 315 
TYI CB  CG   sing N N 316 
TYI CB  HB2  sing N N 317 
TYI CB  HB3  sing N N 318 
TYI CG  CD1  doub Y N 319 
TYI CG  CD2  sing Y N 320 
TYI CD1 CE1  sing Y N 321 
TYI CD1 HD1  sing N N 322 
TYI CE1 CZ   doub Y N 323 
TYI CE1 I1   sing N N 324 
TYI CD2 CE2  doub Y N 325 
TYI CD2 HD2  sing N N 326 
TYI CE2 CZ   sing Y N 327 
TYI CE2 I2   sing N N 328 
TYI CZ  OH   sing N N 329 
TYI OH  HH   sing N N 330 
TYI C   O    doub N N 331 
TYI C   OXT  sing N N 332 
TYI OXT HXT  sing N N 333 
TYR N   CA   sing N N 334 
TYR N   H    sing N N 335 
TYR N   H2   sing N N 336 
TYR CA  C    sing N N 337 
TYR CA  CB   sing N N 338 
TYR CA  HA   sing N N 339 
TYR C   O    doub N N 340 
TYR C   OXT  sing N N 341 
TYR CB  CG   sing N N 342 
TYR CB  HB2  sing N N 343 
TYR CB  HB3  sing N N 344 
TYR CG  CD1  doub Y N 345 
TYR CG  CD2  sing Y N 346 
TYR CD1 CE1  sing Y N 347 
TYR CD1 HD1  sing N N 348 
TYR CD2 CE2  doub Y N 349 
TYR CD2 HD2  sing N N 350 
TYR CE1 CZ   doub Y N 351 
TYR CE1 HE1  sing N N 352 
TYR CE2 CZ   sing Y N 353 
TYR CE2 HE2  sing N N 354 
TYR CZ  OH   sing N N 355 
TYR OH  HH   sing N N 356 
TYR OXT HXT  sing N N 357 
VAL N   CA   sing N N 358 
VAL N   H    sing N N 359 
VAL N   H2   sing N N 360 
VAL CA  C    sing N N 361 
VAL CA  CB   sing N N 362 
VAL CA  HA   sing N N 363 
VAL C   O    doub N N 364 
VAL C   OXT  sing N N 365 
VAL CB  CG1  sing N N 366 
VAL CB  CG2  sing N N 367 
VAL CB  HB   sing N N 368 
VAL CG1 HG11 sing N N 369 
VAL CG1 HG12 sing N N 370 
VAL CG1 HG13 sing N N 371 
VAL CG2 HG21 sing N N 372 
VAL CG2 HG22 sing N N 373 
VAL CG2 HG23 sing N N 374 
VAL OXT HXT  sing N N 375 
# 
_atom_sites.entry_id                    2AXE 
_atom_sites.fract_transf_matrix[1][1]   -0.02230630 
_atom_sites.fract_transf_matrix[1][2]   0.00238287 
_atom_sites.fract_transf_matrix[1][3]   0.01782541 
_atom_sites.fract_transf_matrix[2][1]   0.00689942 
_atom_sites.fract_transf_matrix[2][2]   -0.01082104 
_atom_sites.fract_transf_matrix[2][3]   0.01008032 
_atom_sites.fract_transf_matrix[3][1]   0.00639519 
_atom_sites.fract_transf_matrix[3][2]   0.01025543 
_atom_sites.fract_transf_matrix[3][3]   0.00663186 
_atom_sites.fract_transf_vector[1]      0.299713 
_atom_sites.fract_transf_vector[2]      0.082757 
_atom_sites.fract_transf_vector[3]      0.207752 
# 
loop_
_atom_type.symbol 
C 
I 
N 
O 
S 
# 
loop_
_atom_site.group_PDB 
_atom_site.id 
_atom_site.type_symbol 
_atom_site.label_atom_id 
_atom_site.label_alt_id 
_atom_site.label_comp_id 
_atom_site.label_asym_id 
_atom_site.label_entity_id 
_atom_site.label_seq_id 
_atom_site.pdbx_PDB_ins_code 
_atom_site.Cartn_x 
_atom_site.Cartn_y 
_atom_site.Cartn_z 
_atom_site.occupancy 
_atom_site.B_iso_or_equiv 
_atom_site.pdbx_formal_charge 
_atom_site.auth_seq_id 
_atom_site.auth_comp_id 
_atom_site.auth_asym_id 
_atom_site.auth_atom_id 
_atom_site.pdbx_PDB_model_num 
ATOM   1    N N   . SER A 1 1   ? -2.650  14.413  22.061  1.00 47.80 ? 1   SER A N   1 
ATOM   2    C CA  . SER A 1 1   ? -1.430  14.907  21.430  1.00 52.30 ? 1   SER A CA  1 
ATOM   3    C C   . SER A 1 1   ? -1.195  14.223  20.086  1.00 38.78 ? 1   SER A C   1 
ATOM   4    O O   . SER A 1 1   ? -1.970  13.342  19.713  1.00 67.10 ? 1   SER A O   1 
ATOM   5    C CB  . SER A 1 1   ? -0.229  14.690  22.351  1.00 63.44 ? 1   SER A CB  1 
ATOM   6    O OG  . SER A 1 1   ? 0.867   15.523  22.024  1.00 78.10 ? 1   SER A OG  1 
ATOM   7    N N   . CYS A 1 2   ? -0.143  14.628  19.382  1.00 27.21 ? 2   CYS A N   1 
ATOM   8    C CA  . CYS A 1 2   ? 0.305   13.967  18.166  1.00 19.01 ? 2   CYS A CA  1 
ATOM   9    C C   . CYS A 1 2   ? 1.571   13.160  18.413  1.00 15.90 ? 2   CYS A C   1 
ATOM   10   O O   . CYS A 1 2   ? 2.500   13.624  19.061  1.00 21.47 ? 2   CYS A O   1 
ATOM   11   C CB  . CYS A 1 2   ? 0.611   14.946  17.039  1.00 11.67 ? 2   CYS A CB  1 
ATOM   12   S SG  . CYS A 1 2   ? -0.843  15.851  16.477  1.00 15.17 ? 2   CYS A SG  1 
ATOM   13   N N   . PRO A 1 3   ? 1.599   11.965  17.846  1.00 12.28 ? 3   PRO A N   1 
ATOM   14   C CA  . PRO A 1 3   ? 2.791   11.114  17.952  1.00 15.01 ? 3   PRO A CA  1 
ATOM   15   C C   . PRO A 1 3   ? 3.904   11.609  17.043  1.00 14.18 ? 3   PRO A C   1 
ATOM   16   O O   . PRO A 1 3   ? 3.661   12.399  16.128  1.00 13.85 ? 3   PRO A O   1 
ATOM   17   C CB  . PRO A 1 3   ? 2.234   9.766   17.470  1.00 17.60 ? 3   PRO A CB  1 
ATOM   18   C CG  . PRO A 1 3   ? 1.221   10.171  16.435  1.00 15.76 ? 3   PRO A CG  1 
ATOM   19   C CD  . PRO A 1 3   ? 0.519   11.360  17.049  1.00 14.73 ? 3   PRO A CD  1 
ATOM   20   N N   . ALA A 1 4   ? 5.158   11.189  17.208  1.00 13.49 ? 4   ALA A N   1 
ATOM   21   C CA  . ALA A 1 4   ? 6.175   11.573  16.231  1.00 15.03 ? 4   ALA A CA  1 
ATOM   22   C C   . ALA A 1 4   ? 6.029   10.793  14.924  1.00 12.67 ? 4   ALA A C   1 
ATOM   23   O O   . ALA A 1 4   ? 6.364   11.277  13.845  1.00 11.37 ? 4   ALA A O   1 
ATOM   24   C CB  . ALA A 1 4   ? 7.576   11.348  16.759  1.00 12.34 ? 4   ALA A CB  1 
ATOM   25   N N   . ILE A 1 5   ? 5.540   9.572   15.053  1.00 8.84  ? 5   ILE A N   1 
ATOM   26   C CA  . ILE A 1 5   ? 5.377   8.675   13.917  1.00 7.80  ? 5   ILE A CA  1 
ATOM   27   C C   . ILE A 1 5   ? 3.993   8.049   13.964  1.00 6.95  ? 5   ILE A C   1 
ATOM   28   O O   . ILE A 1 5   ? 3.554   7.610   15.028  1.00 9.58  ? 5   ILE A O   1 
ATOM   29   C CB  . ILE A 1 5   ? 6.444   7.570   13.914  1.00 14.95 ? 5   ILE A CB  1 
ATOM   30   C CG1 . ILE A 1 5   ? 7.851   8.116   13.653  1.00 22.14 ? 5   ILE A CG1 1 
ATOM   31   C CG2 . ILE A 1 5   ? 6.122   6.460   12.921  1.00 8.37  ? 5   ILE A CG2 1 
ATOM   32   C CD1 . ILE A 1 5   ? 8.936   7.621   14.571  1.00 32.36 ? 5   ILE A CD1 1 
ATOM   33   N N   . HIS A 1 6   ? 3.331   8.025   12.822  1.00 8.69  ? 6   HIS A N   1 
ATOM   34   C CA  . HIS A 1 6   ? 2.003   7.376   12.772  1.00 10.08 ? 6   HIS A CA  1 
ATOM   35   C C   . HIS A 1 6   ? 1.981   6.425   11.583  1.00 12.20 ? 6   HIS A C   1 
ATOM   36   O O   . HIS A 1 6   ? 2.537   6.756   10.532  1.00 11.47 ? 6   HIS A O   1 
ATOM   37   C CB  . HIS A 1 6   ? 0.930   8.435   12.732  1.00 11.38 ? 6   HIS A CB  1 
ATOM   38   C CG  . HIS A 1 6   ? -0.483  8.043   12.504  1.00 13.18 ? 6   HIS A CG  1 
ATOM   39   N ND1 . HIS A 1 6   ? -1.249  7.322   13.367  1.00 13.59 ? 6   HIS A ND1 1 
ATOM   40   C CD2 . HIS A 1 6   ? -1.318  8.299   11.468  1.00 19.46 ? 6   HIS A CD2 1 
ATOM   41   C CE1 . HIS A 1 6   ? -2.471  7.122   12.926  1.00 18.61 ? 6   HIS A CE1 1 
ATOM   42   N NE2 . HIS A 1 6   ? -2.531  7.718   11.746  1.00 21.39 ? 6   HIS A NE2 1 
ATOM   43   N N   . VAL A 1 7   ? 1.375   5.235   11.711  1.00 6.00  ? 7   VAL A N   1 
ATOM   44   C CA  . VAL A 1 7   ? 1.393   4.373   10.531  1.00 5.43  ? 7   VAL A CA  1 
ATOM   45   C C   . VAL A 1 7   ? -0.039  3.991   10.141  1.00 8.87  ? 7   VAL A C   1 
ATOM   46   O O   . VAL A 1 7   ? -0.938  3.900   10.968  1.00 11.78 ? 7   VAL A O   1 
ATOM   47   C CB  . VAL A 1 7   ? 2.270   3.123   10.680  1.00 14.60 ? 7   VAL A CB  1 
ATOM   48   C CG1 . VAL A 1 7   ? 3.146   3.204   11.922  1.00 17.16 ? 7   VAL A CG1 1 
ATOM   49   C CG2 . VAL A 1 7   ? 1.448   1.849   10.689  1.00 34.75 ? 7   VAL A CG2 1 
ATOM   50   N N   . PHE A 1 8   ? -0.214  3.802   8.839   1.00 5.70  ? 8   PHE A N   1 
ATOM   51   C CA  . PHE A 1 8   ? -1.476  3.439   8.228   1.00 10.56 ? 8   PHE A CA  1 
ATOM   52   C C   . PHE A 1 8   ? -1.291  2.083   7.530   1.00 10.34 ? 8   PHE A C   1 
ATOM   53   O O   . PHE A 1 8   ? -0.353  1.949   6.746   1.00 9.57  ? 8   PHE A O   1 
ATOM   54   C CB  . PHE A 1 8   ? -1.972  4.439   7.201   1.00 9.51  ? 8   PHE A CB  1 
ATOM   55   C CG  . PHE A 1 8   ? -2.319  5.840   7.676   1.00 11.54 ? 8   PHE A CG  1 
ATOM   56   C CD1 . PHE A 1 8   ? -1.331  6.804   7.789   1.00 9.92  ? 8   PHE A CD1 1 
ATOM   57   C CD2 . PHE A 1 8   ? -3.620  6.189   7.992   1.00 13.96 ? 8   PHE A CD2 1 
ATOM   58   C CE1 . PHE A 1 8   ? -1.649  8.088   8.200   1.00 13.43 ? 8   PHE A CE1 1 
ATOM   59   C CE2 . PHE A 1 8   ? -3.947  7.465   8.417   1.00 13.08 ? 8   PHE A CE2 1 
ATOM   60   C CZ  . PHE A 1 8   ? -2.945  8.416   8.527   1.00 13.35 ? 8   PHE A CZ  1 
ATOM   61   N N   . GLY A 1 9   ? -2.169  1.141   7.842   1.00 9.15  ? 9   GLY A N   1 
ATOM   62   C CA  . GLY A 1 9   ? -2.121  -0.190  7.258   1.00 8.00  ? 9   GLY A CA  1 
ATOM   63   C C   . GLY A 1 9   ? -3.396  -0.526  6.523   1.00 8.75  ? 9   GLY A C   1 
ATOM   64   O O   . GLY A 1 9   ? -4.500  -0.233  6.974   1.00 6.87  ? 9   GLY A O   1 
ATOM   65   N N   . ALA A 1 10  ? -3.245  -1.143  5.363   1.00 6.95  ? 10  ALA A N   1 
ATOM   66   C CA  . ALA A 1 10  ? -4.405  -1.497  4.559   1.00 8.67  ? 10  ALA A CA  1 
ATOM   67   C C   . ALA A 1 10  ? -4.351  -2.997  4.248   1.00 8.99  ? 10  ALA A C   1 
ATOM   68   O O   . ALA A 1 10  ? -3.298  -3.481  3.837   1.00 7.38  ? 10  ALA A O   1 
ATOM   69   C CB  . ALA A 1 10  ? -4.472  -0.660  3.301   1.00 12.36 ? 10  ALA A CB  1 
ATOM   70   N N   . ARG A 1 11  ? -5.462  -3.685  4.485   1.00 10.80 ? 11  ARG A N   1 
ATOM   71   C CA  . ARG A 1 11  ? -5.550  -5.135  4.461   1.00 6.28  ? 11  ARG A CA  1 
ATOM   72   C C   . ARG A 1 11  ? -5.899  -5.660  3.072   1.00 13.16 ? 11  ARG A C   1 
ATOM   73   O O   . ARG A 1 11  ? -6.308  -4.902  2.192   1.00 10.32 ? 11  ARG A O   1 
ATOM   74   C CB  . ARG A 1 11  ? -6.595  -5.611  5.462   1.00 7.04  ? 11  ARG A CB  1 
ATOM   75   C CG  . ARG A 1 11  ? -8.037  -5.503  4.990   1.00 10.66 ? 11  ARG A CG  1 
ATOM   76   C CD  . ARG A 1 11  ? -8.992  -5.818  6.119   1.00 11.45 ? 11  ARG A CD  1 
ATOM   77   N NE  . ARG A 1 11  ? -10.405 -5.700  5.809   1.00 16.06 ? 11  ARG A NE  1 
ATOM   78   C CZ  . ARG A 1 11  ? -11.106 -4.593  5.637   1.00 20.40 ? 11  ARG A CZ  1 
ATOM   79   N NH1 . ARG A 1 11  ? -10.535 -3.399  5.734   1.00 14.29 ? 11  ARG A NH1 1 
ATOM   80   N NH2 . ARG A 1 11  ? -12.406 -4.655  5.357   1.00 14.66 ? 11  ARG A NH2 1 
ATOM   81   N N   . GLU A 1 12  ? -5.735  -6.962  2.892   1.00 17.09 ? 12  GLU A N   1 
ATOM   82   C CA  . GLU A 1 12  ? -6.061  -7.632  1.646   1.00 17.85 ? 12  GLU A CA  1 
ATOM   83   C C   . GLU A 1 12  ? -7.534  -8.020  1.567   1.00 10.84 ? 12  GLU A C   1 
ATOM   84   O O   . GLU A 1 12  ? -8.320  -7.911  2.489   1.00 8.57  ? 12  GLU A O   1 
ATOM   85   C CB  . GLU A 1 12  ? -5.232  -8.908  1.461   1.00 11.97 ? 12  GLU A CB  1 
ATOM   86   C CG  . GLU A 1 12  ? -5.582  -10.014 2.438   1.00 12.26 ? 12  GLU A CG  1 
ATOM   87   C CD  . GLU A 1 12  ? -4.812  -9.912  3.739   1.00 22.00 ? 12  GLU A CD  1 
ATOM   88   O OE1 . GLU A 1 12  ? -4.558  -8.777  4.206   1.00 22.44 ? 12  GLU A OE1 1 
ATOM   89   O OE2 . GLU A 1 12  ? -4.463  -10.961 4.319   1.00 22.46 ? 12  GLU A OE2 1 
ATOM   90   N N   . THR A 1 13  ? -7.880  -8.509  0.381   1.00 14.53 ? 13  THR A N   1 
ATOM   91   C CA  . THR A 1 13  ? -9.265  -8.826  0.050   1.00 15.15 ? 13  THR A CA  1 
ATOM   92   C C   . THR A 1 13  ? -9.782  -9.958  0.938   1.00 7.18  ? 13  THR A C   1 
ATOM   93   O O   . THR A 1 13  ? -9.099  -10.966 1.080   1.00 10.67 ? 13  THR A O   1 
ATOM   94   C CB  . THR A 1 13  ? -9.402  -9.199  -1.437  1.00 16.97 ? 13  THR A CB  1 
ATOM   95   O OG1 . THR A 1 13  ? -8.791  -8.219  -2.293  1.00 17.67 ? 13  THR A OG1 1 
ATOM   96   C CG2 . THR A 1 13  ? -10.869 -9.244  -1.851  1.00 17.32 ? 13  THR A CG2 1 
ATOM   97   N N   . THR A 1 14  ? -10.954 -9.764  1.495   1.00 13.04 ? 14  THR A N   1 
ATOM   98   C CA  . THR A 1 14  ? -11.740 -10.607 2.373   1.00 16.70 ? 14  THR A CA  1 
ATOM   99   C C   . THR A 1 14  ? -11.168 -10.701 3.781   1.00 16.31 ? 14  THR A C   1 
ATOM   100  O O   . THR A 1 14  ? -11.769 -11.315 4.665   1.00 13.22 ? 14  THR A O   1 
ATOM   101  C CB  . THR A 1 14  ? -11.920 -12.049 1.842   1.00 20.09 ? 14  THR A CB  1 
ATOM   102  O OG1 . THR A 1 14  ? -10.659 -12.718 1.777   1.00 16.18 ? 14  THR A OG1 1 
ATOM   103  C CG2 . THR A 1 14  ? -12.490 -12.003 0.432   1.00 19.97 ? 14  THR A CG2 1 
ATOM   104  N N   . ALA A 1 15  ? -10.016 -10.078 4.021   1.00 16.76 ? 15  ALA A N   1 
ATOM   105  C CA  . ALA A 1 15  ? -9.521  -10.073 5.391   1.00 10.80 ? 15  ALA A CA  1 
ATOM   106  C C   . ALA A 1 15  ? -10.486 -9.341  6.316   1.00 12.31 ? 15  ALA A C   1 
ATOM   107  O O   . ALA A 1 15  ? -11.157 -8.396  5.879   1.00 13.33 ? 15  ALA A O   1 
ATOM   108  C CB  . ALA A 1 15  ? -8.145  -9.421  5.458   1.00 11.67 ? 15  ALA A CB  1 
ATOM   109  N N   . SER A 1 16  ? -10.547 -9.763  7.579   1.00 10.85 ? 16  SER A N   1 
ATOM   110  C CA  . SER A 1 16  ? -11.410 -9.082  8.542   1.00 14.08 ? 16  SER A CA  1 
ATOM   111  C C   . SER A 1 16  ? -10.874 -7.676  8.813   1.00 17.73 ? 16  SER A C   1 
ATOM   112  O O   . SER A 1 16  ? -9.678  -7.412  8.668   1.00 10.58 ? 16  SER A O   1 
ATOM   113  C CB  . SER A 1 16  ? -11.525 -9.833  9.866   1.00 17.46 ? 16  SER A CB  1 
ATOM   114  O OG  . SER A 1 16  ? -11.722 -11.223 9.710   1.00 26.61 ? 16  SER A OG  1 
ATOM   115  N N   . PRO A 1 17  ? -11.767 -6.774  9.189   1.00 17.88 ? 17  PRO A N   1 
ATOM   116  C CA  . PRO A 1 17  ? -11.375 -5.396  9.516   1.00 13.34 ? 17  PRO A CA  1 
ATOM   117  C C   . PRO A 1 17  ? -10.186 -5.329  10.466  1.00 12.85 ? 17  PRO A C   1 
ATOM   118  O O   . PRO A 1 17  ? -10.038 -6.085  11.423  1.00 14.17 ? 17  PRO A O   1 
ATOM   119  C CB  . PRO A 1 17  ? -12.655 -4.849  10.153  1.00 17.92 ? 17  PRO A CB  1 
ATOM   120  C CG  . PRO A 1 17  ? -13.739 -5.563  9.390   1.00 18.31 ? 17  PRO A CG  1 
ATOM   121  C CD  . PRO A 1 17  ? -13.226 -6.973  9.288   1.00 21.09 ? 17  PRO A CD  1 
ATOM   122  N N   . GLY A 1 18  ? -9.318  -4.384  10.143  1.00 11.13 ? 18  GLY A N   1 
ATOM   123  C CA  . GLY A 1 18  ? -8.009  -4.204  10.712  1.00 12.34 ? 18  GLY A CA  1 
ATOM   124  C C   . GLY A 1 18  ? -6.955  -4.160  9.602   1.00 10.30 ? 18  GLY A C   1 
ATOM   125  O O   . GLY A 1 18  ? -7.224  -3.705  8.494   1.00 10.48 ? 18  GLY A O   1 
ATOM   126  N N   . TYR A 1 19  ? -5.770  -4.638  9.919   1.00 12.20 ? 19  TYR A N   1 
ATOM   127  C CA  . TYR A 1 19  ? -4.554  -4.564  9.145   1.00 13.68 ? 19  TYR A CA  1 
ATOM   128  C C   . TYR A 1 19  ? -4.316  -5.763  8.235   1.00 17.93 ? 19  TYR A C   1 
ATOM   129  O O   . TYR A 1 19  ? -3.511  -5.664  7.306   1.00 13.27 ? 19  TYR A O   1 
ATOM   130  C CB  . TYR A 1 19  ? -3.361  -4.468  10.115  1.00 19.66 ? 19  TYR A CB  1 
ATOM   131  C CG  . TYR A 1 19  ? -3.428  -3.313  11.091  1.00 16.31 ? 19  TYR A CG  1 
ATOM   132  C CD1 . TYR A 1 19  ? -3.283  -1.995  10.683  1.00 15.29 ? 19  TYR A CD1 1 
ATOM   133  C CD2 . TYR A 1 19  ? -3.639  -3.547  12.445  1.00 20.24 ? 19  TYR A CD2 1 
ATOM   134  C CE1 . TYR A 1 19  ? -3.346  -0.955  11.595  1.00 17.70 ? 19  TYR A CE1 1 
ATOM   135  C CE2 . TYR A 1 19  ? -3.705  -2.524  13.373  1.00 33.69 ? 19  TYR A CE2 1 
ATOM   136  C CZ  . TYR A 1 19  ? -3.556  -1.228  12.928  1.00 22.47 ? 19  TYR A CZ  1 
ATOM   137  O OH  . TYR A 1 19  ? -3.627  -0.223  13.852  1.00 25.18 ? 19  TYR A OH  1 
ATOM   138  N N   . GLY A 1 20  ? -4.991  -6.874  8.518   1.00 15.07 ? 20  GLY A N   1 
ATOM   139  C CA  . GLY A 1 20  ? -4.780  -8.106  7.768   1.00 10.17 ? 20  GLY A CA  1 
ATOM   140  C C   . GLY A 1 20  ? -3.290  -8.417  7.720   1.00 15.80 ? 20  GLY A C   1 
ATOM   141  O O   . GLY A 1 20  ? -2.601  -8.276  8.736   1.00 19.21 ? 20  GLY A O   1 
ATOM   142  N N   . SER A 1 21  ? -2.794  -8.806  6.553   1.00 13.77 ? 21  SER A N   1 
ATOM   143  C CA  . SER A 1 21  ? -1.392  -9.181  6.410   1.00 13.93 ? 21  SER A CA  1 
ATOM   144  C C   . SER A 1 21  ? -0.454  -7.989  6.416   1.00 17.17 ? 21  SER A C   1 
ATOM   145  O O   . SER A 1 21  ? 0.766   -8.194  6.366   1.00 16.05 ? 21  SER A O   1 
ATOM   146  C CB  . SER A 1 21  ? -1.182  -9.976  5.111   1.00 12.70 ? 21  SER A CB  1 
ATOM   147  O OG  . SER A 1 21  ? -1.814  -11.240 5.260   1.00 16.40 ? 21  SER A OG  1 
ATOM   148  N N   . SER A 1 22  ? -0.967  -6.756  6.489   1.00 11.86 ? 22  SER A N   1 
ATOM   149  C CA  . SER A 1 22  ? 0.018   -5.678  6.616   1.00 5.58  ? 22  SER A CA  1 
ATOM   150  C C   . SER A 1 22  ? 0.530   -5.618  8.043   1.00 14.66 ? 22  SER A C   1 
ATOM   151  O O   . SER A 1 22  ? 1.450   -4.870  8.384   1.00 17.65 ? 22  SER A O   1 
ATOM   152  C CB  . SER A 1 22  ? -0.599  -4.355  6.169   1.00 9.42  ? 22  SER A CB  1 
ATOM   153  O OG  . SER A 1 22  ? -1.491  -3.897  7.171   1.00 19.88 ? 22  SER A OG  1 
ATOM   154  N N   . SER A 1 23  ? -0.044  -6.416  8.935   1.00 12.96 ? 23  SER A N   1 
ATOM   155  C CA  . SER A 1 23  ? 0.333   -6.391  10.346  1.00 17.32 ? 23  SER A CA  1 
ATOM   156  C C   . SER A 1 23  ? 1.812   -6.607  10.617  1.00 16.65 ? 23  SER A C   1 
ATOM   157  O O   . SER A 1 23  ? 2.421   -6.069  11.547  1.00 17.32 ? 23  SER A O   1 
ATOM   158  C CB  . SER A 1 23  ? -0.465  -7.493  11.074  1.00 17.41 ? 23  SER A CB  1 
ATOM   159  O OG  . SER A 1 23  ? 0.051   -8.753  10.662  1.00 28.51 ? 23  SER A OG  1 
ATOM   160  N N   . THR A 1 24  ? 2.462   -7.440  9.811   1.00 15.15 ? 24  THR A N   1 
ATOM   161  C CA  . THR A 1 24  ? 3.859   -7.767  10.068  1.00 14.23 ? 24  THR A CA  1 
ATOM   162  C C   . THR A 1 24  ? 4.735   -6.536  10.047  1.00 15.06 ? 24  THR A C   1 
ATOM   163  O O   . THR A 1 24  ? 5.545   -6.279  10.942  1.00 14.80 ? 24  THR A O   1 
ATOM   164  C CB  . THR A 1 24  ? 4.379   -8.767  9.015   1.00 21.02 ? 24  THR A CB  1 
ATOM   165  O OG1 . THR A 1 24  ? 3.790   -10.052 9.233   1.00 32.44 ? 24  THR A OG1 1 
ATOM   166  C CG2 . THR A 1 24  ? 5.881   -8.970  9.150   1.00 32.77 ? 24  THR A CG2 1 
ATOM   167  N N   . VAL A 1 25  ? 4.638   -5.697  9.001   1.00 14.80 ? 25  VAL A N   1 
ATOM   168  C CA  . VAL A 1 25  ? 5.568   -4.559  9.128   1.00 18.83 ? 25  VAL A CA  1 
ATOM   169  C C   . VAL A 1 25  ? 4.893   -3.465  9.944   1.00 17.46 ? 25  VAL A C   1 
ATOM   170  O O   . VAL A 1 25  ? 5.591   -2.612  10.504  1.00 20.25 ? 25  VAL A O   1 
ATOM   171  C CB  . VAL A 1 25  ? 6.138   -4.050  7.797   1.00 22.26 ? 25  VAL A CB  1 
ATOM   172  C CG1 . VAL A 1 25  ? 5.949   -5.076  6.687   1.00 17.95 ? 25  VAL A CG1 1 
ATOM   173  C CG2 . VAL A 1 25  ? 5.545   -2.709  7.420   1.00 23.62 ? 25  VAL A CG2 1 
ATOM   174  N N   . VAL A 1 26  ? 3.561   -3.470  10.072  1.00 12.18 ? 26  VAL A N   1 
ATOM   175  C CA  . VAL A 1 26  ? 2.986   -2.418  10.913  1.00 10.61 ? 26  VAL A CA  1 
ATOM   176  C C   . VAL A 1 26  ? 3.488   -2.577  12.343  1.00 16.68 ? 26  VAL A C   1 
ATOM   177  O O   . VAL A 1 26  ? 3.935   -1.620  12.979  1.00 14.72 ? 26  VAL A O   1 
ATOM   178  C CB  . VAL A 1 26  ? 1.455   -2.445  10.892  1.00 14.90 ? 26  VAL A CB  1 
ATOM   179  C CG1 . VAL A 1 26  ? 0.924   -1.660  12.084  1.00 18.10 ? 26  VAL A CG1 1 
ATOM   180  C CG2 . VAL A 1 26  ? 0.919   -1.899  9.571   1.00 12.89 ? 26  VAL A CG2 1 
ATOM   181  N N   . ASN A 1 27  ? 3.420   -3.820  12.807  1.00 14.89 ? 27  ASN A N   1 
ATOM   182  C CA  . ASN A 1 27  ? 3.859   -4.149  14.161  1.00 17.56 ? 27  ASN A CA  1 
ATOM   183  C C   . ASN A 1 27  ? 5.357   -3.991  14.337  1.00 18.75 ? 27  ASN A C   1 
ATOM   184  O O   . ASN A 1 27  ? 5.883   -3.690  15.412  1.00 16.74 ? 27  ASN A O   1 
ATOM   185  C CB  . ASN A 1 27  ? 3.446   -5.583  14.495  1.00 23.25 ? 27  ASN A CB  1 
ATOM   186  C CG  . ASN A 1 27  ? 1.963   -5.648  14.833  1.00 27.75 ? 27  ASN A CG  1 
ATOM   187  O OD1 . ASN A 1 27  ? 1.298   -4.617  14.910  1.00 28.68 ? 27  ASN A OD1 1 
ATOM   188  N ND2 . ASN A 1 27  ? 1.480   -6.867  15.034  1.00 51.99 ? 27  ASN A ND2 1 
ATOM   189  N N   . GLY A 1 28  ? 6.080   -4.202  13.237  1.00 13.01 ? 28  GLY A N   1 
ATOM   190  C CA  . GLY A 1 28  ? 7.516   -4.021  13.286  1.00 14.49 ? 28  GLY A CA  1 
ATOM   191  C C   . GLY A 1 28  ? 7.897   -2.585  13.615  1.00 17.56 ? 28  GLY A C   1 
ATOM   192  O O   . GLY A 1 28  ? 8.797   -2.377  14.428  1.00 17.51 ? 28  GLY A O   1 
ATOM   193  N N   . VAL A 1 29  ? 7.229   -1.625  12.988  1.00 12.98 ? 29  VAL A N   1 
ATOM   194  C CA  . VAL A 1 29  ? 7.495   -0.206  13.204  1.00 13.01 ? 29  VAL A CA  1 
ATOM   195  C C   . VAL A 1 29  ? 7.121   0.234   14.610  1.00 14.63 ? 29  VAL A C   1 
ATOM   196  O O   . VAL A 1 29  ? 7.888   0.888   15.323  1.00 14.27 ? 29  VAL A O   1 
ATOM   197  C CB  . VAL A 1 29  ? 6.744   0.647   12.165  1.00 11.78 ? 29  VAL A CB  1 
ATOM   198  C CG1 . VAL A 1 29  ? 7.013   2.118   12.415  1.00 13.45 ? 29  VAL A CG1 1 
ATOM   199  C CG2 . VAL A 1 29  ? 7.152   0.215   10.767  1.00 18.01 ? 29  VAL A CG2 1 
ATOM   200  N N   . LEU A 1 30  ? 5.914   -0.147  15.019  1.00 16.95 ? 30  LEU A N   1 
ATOM   201  C CA  . LEU A 1 30  ? 5.409   0.188   16.339  1.00 15.93 ? 30  LEU A CA  1 
ATOM   202  C C   . LEU A 1 30  ? 6.345   -0.265  17.454  1.00 19.58 ? 30  LEU A C   1 
ATOM   203  O O   . LEU A 1 30  ? 6.546   0.424   18.456  1.00 22.46 ? 30  LEU A O   1 
ATOM   204  C CB  . LEU A 1 30  ? 4.040   -0.461  16.556  1.00 16.22 ? 30  LEU A CB  1 
ATOM   205  C CG  . LEU A 1 30  ? 2.828   0.157   15.861  1.00 17.85 ? 30  LEU A CG  1 
ATOM   206  C CD1 . LEU A 1 30  ? 1.554   -0.553  16.305  1.00 20.90 ? 30  LEU A CD1 1 
ATOM   207  C CD2 . LEU A 1 30  ? 2.710   1.645   16.130  1.00 26.95 ? 30  LEU A CD2 1 
ATOM   208  N N   . SER A 1 31  ? 6.928   -1.454  17.293  1.00 13.35 ? 31  SER A N   1 
ATOM   209  C CA  . SER A 1 31  ? 7.769   -1.990  18.363  1.00 21.11 ? 31  SER A CA  1 
ATOM   210  C C   . SER A 1 31  ? 9.187   -1.438  18.255  1.00 20.18 ? 31  SER A C   1 
ATOM   211  O O   . SER A 1 31  ? 9.951   -1.489  19.220  1.00 20.54 ? 31  SER A O   1 
ATOM   212  C CB  A SER A 1 31  ? 7.793   -3.521  18.336  0.59 18.70 ? 31  SER A CB  1 
ATOM   213  C CB  B SER A 1 31  ? 7.765   -3.521  18.345  0.41 18.93 ? 31  SER A CB  1 
ATOM   214  O OG  A SER A 1 31  ? 8.506   -4.009  17.214  0.59 20.23 ? 31  SER A OG  1 
ATOM   215  O OG  B SER A 1 31  ? 6.599   -4.002  19.000  0.41 15.48 ? 31  SER A OG  1 
ATOM   216  N N   . ALA A 1 32  ? 9.499   -0.917  17.073  1.00 16.48 ? 32  ALA A N   1 
ATOM   217  C CA  . ALA A 1 32  ? 10.806  -0.323  16.841  1.00 21.86 ? 32  ALA A CA  1 
ATOM   218  C C   . ALA A 1 32  ? 10.834  1.118   17.354  1.00 20.28 ? 32  ALA A C   1 
ATOM   219  O O   . ALA A 1 32  ? 11.912  1.643   17.630  1.00 16.38 ? 32  ALA A O   1 
ATOM   220  C CB  . ALA A 1 32  ? 11.186  -0.322  15.368  1.00 20.32 ? 32  ALA A CB  1 
HETATM 221  N N   . TYI A 1 33  ? 9.647   1.691   17.438  1.00 11.40 ? 33  TYI A N   1 
HETATM 222  C CA  . TYI A 1 33  ? 9.438   3.076   17.833  1.00 11.43 ? 33  TYI A CA  1 
HETATM 223  C CB  . TYI A 1 33  ? 9.063   3.904   16.600  1.00 10.97 ? 33  TYI A CB  1 
HETATM 224  C CG  . TYI A 1 33  ? 10.161  3.940   15.567  1.00 15.23 ? 33  TYI A CG  1 
HETATM 225  C CD1 . TYI A 1 33  ? 10.191  3.024   14.520  1.00 10.62 ? 33  TYI A CD1 1 
HETATM 226  C CE1 . TYI A 1 33  ? 11.214  3.101   13.610  1.00 14.81 ? 33  TYI A CE1 1 
HETATM 227  C CD2 . TYI A 1 33  ? 11.172  4.886   15.637  1.00 13.79 ? 33  TYI A CD2 1 
HETATM 228  C CE2 . TYI A 1 33  ? 12.198  4.947   14.708  1.00 21.34 ? 33  TYI A CE2 1 
HETATM 229  C CZ  . TYI A 1 33  ? 12.214  4.033   13.679  1.00 15.02 ? 33  TYI A CZ  1 
HETATM 230  O OH  . TYI A 1 33  ? 13.213  4.066   12.733  1.00 16.40 ? 33  TYI A OH  1 
HETATM 231  C C   . TYI A 1 33  ? 8.337   3.212   18.873  1.00 15.90 ? 33  TYI A C   1 
HETATM 232  O O   . TYI A 1 33  ? 7.221   3.626   18.542  1.00 14.89 ? 33  TYI A O   1 
HETATM 233  I I1  . TYI A 1 33  ? 11.390  1.648   12.108  1.00 29.41 ? 33  TYI A I1  1 
HETATM 234  I I2  . TYI A 1 33  ? 13.370  7.021   14.439  0.25 49.96 ? 33  TYI A I2  1 
ATOM   235  N N   . PRO A 1 34  ? 8.665   2.857   20.108  1.00 13.79 ? 34  PRO A N   1 
ATOM   236  C CA  . PRO A 1 34  ? 7.691   2.995   21.200  1.00 15.35 ? 34  PRO A CA  1 
ATOM   237  C C   . PRO A 1 34  ? 7.144   4.422   21.219  1.00 15.97 ? 34  PRO A C   1 
ATOM   238  O O   . PRO A 1 34  ? 7.884   5.377   20.956  1.00 20.33 ? 34  PRO A O   1 
ATOM   239  C CB  . PRO A 1 34  ? 8.512   2.661   22.443  1.00 24.51 ? 34  PRO A CB  1 
ATOM   240  C CG  . PRO A 1 34  ? 9.612   1.779   21.943  1.00 21.47 ? 34  PRO A CG  1 
ATOM   241  C CD  . PRO A 1 34  ? 9.948   2.308   20.569  1.00 17.51 ? 34  PRO A CD  1 
ATOM   242  N N   . GLY A 1 35  ? 5.855   4.556   21.496  1.00 15.31 ? 35  GLY A N   1 
ATOM   243  C CA  . GLY A 1 35  ? 5.112   5.799   21.434  1.00 14.69 ? 35  GLY A CA  1 
ATOM   244  C C   . GLY A 1 35  ? 4.506   6.054   20.071  1.00 8.45  ? 35  GLY A C   1 
ATOM   245  O O   . GLY A 1 35  ? 3.571   6.836   19.919  1.00 18.17 ? 35  GLY A O   1 
ATOM   246  N N   . SER A 1 36  ? 5.024   5.384   19.039  1.00 10.92 ? 36  SER A N   1 
ATOM   247  C CA  . SER A 1 36  ? 4.347   5.535   17.745  1.00 9.43  ? 36  SER A CA  1 
ATOM   248  C C   . SER A 1 36  ? 2.988   4.843   17.791  1.00 20.36 ? 36  SER A C   1 
ATOM   249  O O   . SER A 1 36  ? 2.721   3.953   18.612  1.00 12.94 ? 36  SER A O   1 
ATOM   250  C CB  . SER A 1 36  ? 5.228   5.005   16.623  1.00 10.72 ? 36  SER A CB  1 
ATOM   251  O OG  . SER A 1 36  ? 5.434   3.608   16.739  1.00 21.70 ? 36  SER A OG  1 
ATOM   252  N N   . THR A 1 37  ? 2.082   5.284   16.908  1.00 12.65 ? 37  THR A N   1 
ATOM   253  C CA  . THR A 1 37  ? 0.733   4.725   16.892  1.00 14.36 ? 37  THR A CA  1 
ATOM   254  C C   . THR A 1 37  ? 0.304   4.373   15.472  1.00 12.74 ? 37  THR A C   1 
ATOM   255  O O   . THR A 1 37  ? 0.888   4.832   14.493  1.00 11.07 ? 37  THR A O   1 
ATOM   256  C CB  . THR A 1 37  ? -0.257  5.695   17.536  1.00 15.71 ? 37  THR A CB  1 
ATOM   257  O OG1 . THR A 1 37  ? -0.226  6.955   16.879  1.00 17.00 ? 37  THR A OG1 1 
ATOM   258  C CG2 . THR A 1 37  ? 0.165   6.054   18.961  1.00 19.91 ? 37  THR A CG2 1 
ATOM   259  N N   . ALA A 1 38  ? -0.722  3.540   15.347  1.00 10.90 ? 38  ALA A N   1 
ATOM   260  C CA  . ALA A 1 38  ? -1.128  3.068   14.025  1.00 8.48  ? 38  ALA A CA  1 
ATOM   261  C C   . ALA A 1 38  ? -2.644  3.049   13.902  1.00 10.72 ? 38  ALA A C   1 
ATOM   262  O O   . ALA A 1 38  ? -3.340  3.004   14.911  1.00 11.89 ? 38  ALA A O   1 
ATOM   263  C CB  . ALA A 1 38  ? -0.549  1.680   13.798  1.00 9.97  ? 38  ALA A CB  1 
ATOM   264  N N   . GLU A 1 39  ? -3.151  3.072   12.682  1.00 13.49 ? 39  GLU A N   1 
ATOM   265  C CA  . GLU A 1 39  ? -4.573  2.937   12.400  1.00 12.09 ? 39  GLU A CA  1 
ATOM   266  C C   . GLU A 1 39  ? -4.731  2.124   11.108  1.00 14.55 ? 39  GLU A C   1 
ATOM   267  O O   . GLU A 1 39  ? -3.883  2.235   10.219  1.00 9.05  ? 39  GLU A O   1 
ATOM   268  C CB  . GLU A 1 39  ? -5.291  4.270   12.272  1.00 11.93 ? 39  GLU A CB  1 
ATOM   269  C CG  . GLU A 1 39  ? -4.971  5.133   11.070  1.00 19.05 ? 39  GLU A CG  1 
ATOM   270  C CD  . GLU A 1 39  ? -5.610  6.507   11.138  1.00 25.21 ? 39  GLU A CD  1 
ATOM   271  O OE1 . GLU A 1 39  ? -5.014  7.446   11.711  1.00 18.89 ? 39  GLU A OE1 1 
ATOM   272  O OE2 . GLU A 1 39  ? -6.738  6.691   10.621  1.00 27.69 ? 39  GLU A OE2 1 
ATOM   273  N N   . ALA A 1 40  ? -5.802  1.352   11.071  1.00 15.36 ? 40  ALA A N   1 
ATOM   274  C CA  . ALA A 1 40  ? -6.176  0.580   9.897   1.00 12.45 ? 40  ALA A CA  1 
ATOM   275  C C   . ALA A 1 40  ? -7.028  1.433   8.972   1.00 9.34  ? 40  ALA A C   1 
ATOM   276  O O   . ALA A 1 40  ? -7.892  2.190   9.407   1.00 17.62 ? 40  ALA A O   1 
ATOM   277  C CB  . ALA A 1 40  ? -6.916  -0.688  10.296  1.00 10.69 ? 40  ALA A CB  1 
ATOM   278  N N   . ILE A 1 41  ? -6.787  1.305   7.680   1.00 9.15  ? 41  ILE A N   1 
ATOM   279  C CA  . ILE A 1 41  ? -7.649  1.934   6.687   1.00 11.56 ? 41  ILE A CA  1 
ATOM   280  C C   . ILE A 1 41  ? -9.012  1.246   6.651   1.00 14.35 ? 41  ILE A C   1 
ATOM   281  O O   . ILE A 1 41  ? -9.107  0.019   6.562   1.00 17.41 ? 41  ILE A O   1 
ATOM   282  C CB  . ILE A 1 41  ? -7.009  1.891   5.290   1.00 12.28 ? 41  ILE A CB  1 
ATOM   283  C CG1 . ILE A 1 41  ? -5.702  2.688   5.196   1.00 16.17 ? 41  ILE A CG1 1 
ATOM   284  C CG2 . ILE A 1 41  ? -7.993  2.354   4.227   1.00 10.99 ? 41  ILE A CG2 1 
ATOM   285  C CD1 . ILE A 1 41  ? -5.910  4.153   5.544   1.00 17.16 ? 41  ILE A CD1 1 
ATOM   286  N N   . ASN A 1 42  ? -10.072 2.037   6.718   1.00 13.24 ? 42  ASN A N   1 
ATOM   287  C CA  . ASN A 1 42  ? -11.434 1.519   6.663   1.00 16.33 ? 42  ASN A CA  1 
ATOM   288  C C   . ASN A 1 42  ? -11.901 1.513   5.207   1.00 15.54 ? 42  ASN A C   1 
ATOM   289  O O   . ASN A 1 42  ? -12.124 2.558   4.605   1.00 13.23 ? 42  ASN A O   1 
ATOM   290  C CB  . ASN A 1 42  ? -12.387 2.340   7.527   1.00 16.11 ? 42  ASN A CB  1 
ATOM   291  C CG  . ASN A 1 42  ? -12.087 2.312   9.010   1.00 21.08 ? 42  ASN A CG  1 
ATOM   292  O OD1 . ASN A 1 42  ? -11.923 3.383   9.603   1.00 28.39 ? 42  ASN A OD1 1 
ATOM   293  N ND2 . ASN A 1 42  ? -12.008 1.141   9.622   1.00 23.40 ? 42  ASN A ND2 1 
ATOM   294  N N   . TYR A 1 43  ? -12.044 0.341   4.600   1.00 10.77 ? 43  TYR A N   1 
ATOM   295  C CA  . TYR A 1 43  ? -12.535 0.282   3.220   1.00 5.31  ? 43  TYR A CA  1 
ATOM   296  C C   . TYR A 1 43  ? -13.028 -1.151  3.016   1.00 9.46  ? 43  TYR A C   1 
ATOM   297  O O   . TYR A 1 43  ? -12.710 -1.995  3.863   1.00 10.63 ? 43  TYR A O   1 
ATOM   298  C CB  . TYR A 1 43  ? -11.479 0.698   2.229   1.00 9.72  ? 43  TYR A CB  1 
ATOM   299  C CG  . TYR A 1 43  ? -10.515 -0.388  1.802   1.00 10.84 ? 43  TYR A CG  1 
ATOM   300  C CD1 . TYR A 1 43  ? -9.592  -0.947  2.676   1.00 11.44 ? 43  TYR A CD1 1 
ATOM   301  C CD2 . TYR A 1 43  ? -10.540 -0.848  0.500   1.00 9.46  ? 43  TYR A CD2 1 
ATOM   302  C CE1 . TYR A 1 43  ? -8.726  -1.936  2.252   1.00 12.51 ? 43  TYR A CE1 1 
ATOM   303  C CE2 . TYR A 1 43  ? -9.681  -1.837  0.068   1.00 14.39 ? 43  TYR A CE2 1 
ATOM   304  C CZ  . TYR A 1 43  ? -8.775  -2.379  0.951   1.00 14.52 ? 43  TYR A CZ  1 
ATOM   305  O OH  . TYR A 1 43  ? -7.924  -3.359  0.494   1.00 14.50 ? 43  TYR A OH  1 
ATOM   306  N N   . PRO A 1 44  ? -13.801 -1.390  1.977   1.00 8.17  ? 44  PRO A N   1 
ATOM   307  C CA  . PRO A 1 44  ? -14.402 -2.723  1.805   1.00 9.26  ? 44  PRO A CA  1 
ATOM   308  C C   . PRO A 1 44  ? -13.422 -3.879  1.788   1.00 5.93  ? 44  PRO A C   1 
ATOM   309  O O   . PRO A 1 44  ? -13.812 -4.909  2.366   1.00 11.22 ? 44  PRO A O   1 
ATOM   310  C CB  . PRO A 1 44  ? -15.131 -2.600  0.460   1.00 13.35 ? 44  PRO A CB  1 
ATOM   311  C CG  . PRO A 1 44  ? -15.518 -1.147  0.450   1.00 12.71 ? 44  PRO A CG  1 
ATOM   312  C CD  . PRO A 1 44  ? -14.260 -0.465  0.927   1.00 9.70  ? 44  PRO A CD  1 
ATOM   313  N N   . ALA A 1 45  ? -12.249 -3.783  1.202   1.00 7.55  ? 45  ALA A N   1 
ATOM   314  C CA  . ALA A 1 45  ? -11.335 -4.910  1.040   1.00 11.86 ? 45  ALA A CA  1 
ATOM   315  C C   . ALA A 1 45  ? -12.115 -6.108  0.506   1.00 8.29  ? 45  ALA A C   1 
ATOM   316  O O   . ALA A 1 45  ? -12.104 -7.185  1.093   1.00 9.22  ? 45  ALA A O   1 
ATOM   317  C CB  . ALA A 1 45  ? -10.609 -5.291  2.321   1.00 12.43 ? 45  ALA A CB  1 
ATOM   318  N N   . CYS A 1 46  ? -12.817 -5.868  -0.599  1.00 11.22 ? 46  CYS A N   1 
ATOM   319  C CA  . CYS A 1 46  ? -13.734 -6.907  -1.068  1.00 13.12 ? 46  CYS A CA  1 
ATOM   320  C C   . CYS A 1 46  ? -13.552 -7.136  -2.567  1.00 14.72 ? 46  CYS A C   1 
ATOM   321  O O   . CYS A 1 46  ? -12.980 -6.304  -3.255  1.00 11.13 ? 46  CYS A O   1 
ATOM   322  C CB  . CYS A 1 46  ? -15.188 -6.533  -0.805  1.00 12.55 ? 46  CYS A CB  1 
ATOM   323  S SG  . CYS A 1 46  ? -16.368 -7.886  -0.639  1.00 11.79 ? 46  CYS A SG  1 
ATOM   324  N N   . GLY A 1 47  ? -14.070 -8.265  -3.024  1.00 15.79 ? 47  GLY A N   1 
ATOM   325  C CA  . GLY A 1 47  ? -14.063 -8.659  -4.417  1.00 13.32 ? 47  GLY A CA  1 
ATOM   326  C C   . GLY A 1 47  ? -15.386 -9.321  -4.787  1.00 14.46 ? 47  GLY A C   1 
ATOM   327  O O   . GLY A 1 47  ? -15.340 -10.269 -5.558  1.00 13.20 ? 47  GLY A O   1 
ATOM   328  N N   . GLY A 1 48  ? -16.491 -8.833  -4.242  1.00 15.34 ? 48  GLY A N   1 
ATOM   329  C CA  . GLY A 1 48  ? -17.829 -9.292  -4.549  1.00 14.96 ? 48  GLY A CA  1 
ATOM   330  C C   . GLY A 1 48  ? -18.370 -10.297 -3.570  1.00 12.99 ? 48  GLY A C   1 
ATOM   331  O O   . GLY A 1 48  ? -19.549 -10.642 -3.604  1.00 21.66 ? 48  GLY A O   1 
ATOM   332  N N   . GLN A 1 49  ? -17.565 -10.808 -2.651  1.00 12.22 ? 49  GLN A N   1 
ATOM   333  C CA  . GLN A 1 49  ? -18.074 -11.764 -1.676  1.00 9.43  ? 49  GLN A CA  1 
ATOM   334  C C   . GLN A 1 49  ? -19.060 -11.133 -0.706  1.00 8.46  ? 49  GLN A C   1 
ATOM   335  O O   . GLN A 1 49  ? -18.928 -9.975  -0.303  1.00 15.11 ? 49  GLN A O   1 
ATOM   336  C CB  . GLN A 1 49  ? -16.915 -12.362 -0.882  1.00 9.86  ? 49  GLN A CB  1 
ATOM   337  C CG  . GLN A 1 49  ? -15.828 -12.998 -1.717  1.00 9.95  ? 49  GLN A CG  1 
ATOM   338  C CD  . GLN A 1 49  ? -14.804 -12.053 -2.297  1.00 12.28 ? 49  GLN A CD  1 
ATOM   339  O OE1 . GLN A 1 49  ? -14.855 -10.836 -2.157  1.00 14.28 ? 49  GLN A OE1 1 
ATOM   340  N NE2 . GLN A 1 49  ? -13.840 -12.627 -3.009  1.00 19.67 ? 49  GLN A NE2 1 
ATOM   341  N N   . SER A 1 50  ? -20.073 -11.877 -0.262  1.00 6.94  ? 50  SER A N   1 
ATOM   342  C CA  . SER A 1 50  ? -21.009 -11.217 0.660   1.00 16.07 ? 50  SER A CA  1 
ATOM   343  C C   . SER A 1 50  ? -20.391 -10.988 2.032   1.00 14.42 ? 50  SER A C   1 
ATOM   344  O O   . SER A 1 50  ? -20.811 -10.095 2.771   1.00 11.95 ? 50  SER A O   1 
ATOM   345  C CB  . SER A 1 50  ? -22.297 -12.040 0.780   1.00 17.24 ? 50  SER A CB  1 
ATOM   346  O OG  . SER A 1 50  ? -22.063 -13.151 1.629   1.00 31.12 ? 50  SER A OG  1 
ATOM   347  N N   . SER A 1 51  ? -19.390 -11.790 2.394   1.00 10.05 ? 51  SER A N   1 
ATOM   348  C CA  . SER A 1 51  ? -18.768 -11.653 3.709   1.00 17.90 ? 51  SER A CA  1 
ATOM   349  C C   . SER A 1 51  ? -18.204 -10.248 3.891   1.00 17.49 ? 51  SER A C   1 
ATOM   350  O O   . SER A 1 51  ? -18.202 -9.723  5.004   1.00 13.17 ? 51  SER A O   1 
ATOM   351  C CB  . SER A 1 51  ? -17.672 -12.700 3.916   1.00 17.40 ? 51  SER A CB  1 
ATOM   352  O OG  . SER A 1 51  ? -16.507 -12.387 3.164   1.00 18.45 ? 51  SER A OG  1 
ATOM   353  N N   . CYS A 1 52  ? -17.727 -9.633  2.804   1.00 12.70 ? 52  CYS A N   1 
ATOM   354  C CA  . CYS A 1 52  ? -17.136 -8.304  3.006   1.00 9.63  ? 52  CYS A CA  1 
ATOM   355  C C   . CYS A 1 52  ? -18.022 -7.213  2.455   1.00 10.84 ? 52  CYS A C   1 
ATOM   356  O O   . CYS A 1 52  ? -17.572 -6.125  2.104   1.00 13.16 ? 52  CYS A O   1 
ATOM   357  C CB  . CYS A 1 52  ? -15.748 -8.252  2.370   1.00 12.53 ? 52  CYS A CB  1 
ATOM   358  S SG  . CYS A 1 52  ? -15.555 -9.082  0.785   1.00 12.14 ? 52  CYS A SG  1 
ATOM   359  N N   . GLY A 1 53  ? -19.321 -7.487  2.373   1.00 12.01 ? 53  GLY A N   1 
ATOM   360  C CA  . GLY A 1 53  ? -20.248 -6.444  1.987   1.00 10.33 ? 53  GLY A CA  1 
ATOM   361  C C   . GLY A 1 53  ? -20.675 -6.511  0.535   1.00 17.31 ? 53  GLY A C   1 
ATOM   362  O O   . GLY A 1 53  ? -21.480 -5.692  0.087   1.00 20.39 ? 53  GLY A O   1 
ATOM   363  N N   . GLY A 1 54  ? -20.160 -7.473  -0.222  1.00 12.38 ? 54  GLY A N   1 
ATOM   364  C CA  . GLY A 1 54  ? -20.574 -7.681  -1.590  1.00 12.54 ? 54  GLY A CA  1 
ATOM   365  C C   . GLY A 1 54  ? -20.084 -6.664  -2.580  1.00 19.27 ? 54  GLY A C   1 
ATOM   366  O O   . GLY A 1 54  ? -20.405 -6.700  -3.771  1.00 17.93 ? 54  GLY A O   1 
ATOM   367  N N   . ALA A 1 55  ? -19.267 -5.691  -2.165  1.00 15.51 ? 55  ALA A N   1 
ATOM   368  C CA  . ALA A 1 55  ? -18.759 -4.775  -3.187  1.00 10.20 ? 55  ALA A CA  1 
ATOM   369  C C   . ALA A 1 55  ? -17.812 -5.456  -4.162  1.00 8.03  ? 55  ALA A C   1 
ATOM   370  O O   . ALA A 1 55  ? -16.932 -6.263  -3.859  1.00 14.55 ? 55  ALA A O   1 
ATOM   371  C CB  . ALA A 1 55  ? -18.085 -3.605  -2.493  1.00 17.95 ? 55  ALA A CB  1 
ATOM   372  N N   . SER A 1 56  ? -17.960 -5.125  -5.439  1.00 8.09  ? 56  SER A N   1 
ATOM   373  C CA  . SER A 1 56  ? -17.007 -5.613  -6.422  1.00 10.74 ? 56  SER A CA  1 
ATOM   374  C C   . SER A 1 56  ? -15.604 -5.078  -6.157  1.00 12.32 ? 56  SER A C   1 
ATOM   375  O O   . SER A 1 56  ? -15.382 -4.072  -5.485  1.00 10.28 ? 56  SER A O   1 
ATOM   376  C CB  . SER A 1 56  ? -17.434 -5.179  -7.830  1.00 13.85 ? 56  SER A CB  1 
ATOM   377  O OG  . SER A 1 56  ? -17.290 -3.775  -7.971  1.00 13.54 ? 56  SER A OG  1 
ATOM   378  N N   . TYR A 1 57  ? -14.636 -5.780  -6.726  1.00 12.58 ? 57  TYR A N   1 
ATOM   379  C CA  . TYR A 1 57  ? -13.247 -5.353  -6.662  1.00 13.71 ? 57  TYR A CA  1 
ATOM   380  C C   . TYR A 1 57  ? -13.117 -3.902  -7.115  1.00 11.82 ? 57  TYR A C   1 
ATOM   381  O O   . TYR A 1 57  ? -12.502 -3.061  -6.451  1.00 11.58 ? 57  TYR A O   1 
ATOM   382  C CB  . TYR A 1 57  ? -12.373 -6.294  -7.490  1.00 11.79 ? 57  TYR A CB  1 
ATOM   383  C CG  . TYR A 1 57  ? -10.899 -6.101  -7.185  1.00 11.69 ? 57  TYR A CG  1 
ATOM   384  C CD1 . TYR A 1 57  ? -10.298 -6.796  -6.150  1.00 15.12 ? 57  TYR A CD1 1 
ATOM   385  C CD2 . TYR A 1 57  ? -10.131 -5.220  -7.930  1.00 14.19 ? 57  TYR A CD2 1 
ATOM   386  C CE1 . TYR A 1 57  ? -8.956  -6.615  -5.875  1.00 11.88 ? 57  TYR A CE1 1 
ATOM   387  C CE2 . TYR A 1 57  ? -8.789  -5.030  -7.660  1.00 10.47 ? 57  TYR A CE2 1 
ATOM   388  C CZ  . TYR A 1 57  ? -8.216  -5.737  -6.627  1.00 10.70 ? 57  TYR A CZ  1 
ATOM   389  O OH  . TYR A 1 57  ? -6.880  -5.567  -6.335  1.00 12.33 ? 57  TYR A OH  1 
ATOM   390  N N   . SER A 1 58  ? -13.732 -3.578  -8.250  1.00 8.09  ? 58  SER A N   1 
ATOM   391  C CA  . SER A 1 58  ? -13.662 -2.210  -8.761  1.00 6.66  ? 58  SER A CA  1 
ATOM   392  C C   . SER A 1 58  ? -14.236 -1.202  -7.788  1.00 12.46 ? 58  SER A C   1 
ATOM   393  O O   . SER A 1 58  ? -13.698 -0.138  -7.501  1.00 13.40 ? 58  SER A O   1 
ATOM   394  C CB  . SER A 1 58  ? -14.420 -2.164  -10.095 1.00 11.07 ? 58  SER A CB  1 
ATOM   395  O OG  . SER A 1 58  ? -14.709 -0.824  -10.428 1.00 29.70 ? 58  SER A OG  1 
ATOM   396  N N   . SER A 1 59  ? -15.406 -1.505  -7.229  1.00 7.91  ? 59  SER A N   1 
ATOM   397  C CA  . SER A 1 59  ? -15.984 -0.573  -6.275  1.00 7.32  ? 59  SER A CA  1 
ATOM   398  C C   . SER A 1 59  ? -15.176 -0.509  -4.989  1.00 10.35 ? 59  SER A C   1 
ATOM   399  O O   . SER A 1 59  ? -15.042 0.569   -4.397  1.00 12.93 ? 59  SER A O   1 
ATOM   400  C CB  . SER A 1 59  ? -17.430 -1.010  -6.024  1.00 18.59 ? 59  SER A CB  1 
ATOM   401  O OG  . SER A 1 59  ? -17.986 -0.314  -4.932  1.00 22.90 ? 59  SER A OG  1 
ATOM   402  N N   . SER A 1 60  ? -14.628 -1.630  -4.532  1.00 11.18 ? 60  SER A N   1 
ATOM   403  C CA  . SER A 1 60  ? -13.801 -1.668  -3.321  1.00 9.47  ? 60  SER A CA  1 
ATOM   404  C C   . SER A 1 60  ? -12.555 -0.808  -3.501  1.00 13.09 ? 60  SER A C   1 
ATOM   405  O O   . SER A 1 60  ? -12.168 -0.016  -2.636  1.00 9.63  ? 60  SER A O   1 
ATOM   406  C CB  . SER A 1 60  ? -13.438 -3.119  -3.005  1.00 9.21  ? 60  SER A CB  1 
ATOM   407  O OG  . SER A 1 60  ? -12.615 -3.277  -1.862  1.00 9.06  ? 60  SER A OG  1 
ATOM   408  N N   . VAL A 1 61  ? -11.899 -0.955  -4.663  1.00 10.09 ? 61  VAL A N   1 
ATOM   409  C CA  . VAL A 1 61  ? -10.697 -0.145  -4.903  1.00 10.75 ? 61  VAL A CA  1 
ATOM   410  C C   . VAL A 1 61  ? -11.001 1.355   -4.908  1.00 11.51 ? 61  VAL A C   1 
ATOM   411  O O   . VAL A 1 61  ? -10.278 2.142   -4.294  1.00 9.89  ? 61  VAL A O   1 
ATOM   412  C CB  . VAL A 1 61  ? -9.997  -0.504  -6.224  1.00 12.60 ? 61  VAL A CB  1 
ATOM   413  C CG1 . VAL A 1 61  ? -8.902  0.507   -6.543  1.00 14.75 ? 61  VAL A CG1 1 
ATOM   414  C CG2 . VAL A 1 61  ? -9.390  -1.897  -6.183  1.00 15.40 ? 61  VAL A CG2 1 
ATOM   415  N N   . ALA A 1 62  ? -12.062 1.771   -5.590  1.00 14.06 ? 62  ALA A N   1 
ATOM   416  C CA  . ALA A 1 62  ? -12.453 3.169   -5.694  1.00 11.61 ? 62  ALA A CA  1 
ATOM   417  C C   . ALA A 1 62  ? -12.662 3.760   -4.306  1.00 14.39 ? 62  ALA A C   1 
ATOM   418  O O   . ALA A 1 62  ? -12.151 4.841   -4.031  1.00 15.09 ? 62  ALA A O   1 
ATOM   419  C CB  . ALA A 1 62  ? -13.706 3.319   -6.554  1.00 16.55 ? 62  ALA A CB  1 
ATOM   420  N N   . GLN A 1 63  ? -13.403 3.028   -3.471  1.00 8.97  ? 63  GLN A N   1 
ATOM   421  C CA  . GLN A 1 63  ? -13.686 3.458   -2.110  1.00 12.61 ? 63  GLN A CA  1 
ATOM   422  C C   . GLN A 1 63  ? -12.430 3.476   -1.245  1.00 12.41 ? 63  GLN A C   1 
ATOM   423  O O   . GLN A 1 63  ? -12.231 4.326   -0.375  1.00 11.60 ? 63  GLN A O   1 
ATOM   424  C CB  . GLN A 1 63  ? -14.754 2.519   -1.543  1.00 16.67 ? 63  GLN A CB  1 
ATOM   425  C CG  . GLN A 1 63  ? -16.127 2.701   -2.198  1.00 16.70 ? 63  GLN A CG  1 
ATOM   426  C CD  . GLN A 1 63  ? -17.170 1.924   -1.412  1.00 25.61 ? 63  GLN A CD  1 
ATOM   427  O OE1 . GLN A 1 63  ? -17.363 2.146   -0.211  1.00 25.63 ? 63  GLN A OE1 1 
ATOM   428  N NE2 . GLN A 1 63  ? -17.841 0.990   -2.072  1.00 39.28 ? 63  GLN A NE2 1 
ATOM   429  N N   . GLY A 1 64  ? -11.543 2.510   -1.486  1.00 7.45  ? 64  GLY A N   1 
ATOM   430  C CA  . GLY A 1 64  ? -10.303 2.445   -0.746  1.00 7.45  ? 64  GLY A CA  1 
ATOM   431  C C   . GLY A 1 64  ? -9.392  3.614   -1.054  1.00 6.91  ? 64  GLY A C   1 
ATOM   432  O O   . GLY A 1 64  ? -8.770  4.162   -0.149  1.00 14.11 ? 64  GLY A O   1 
ATOM   433  N N   . ILE A 1 65  ? -9.298  4.004   -2.323  1.00 10.61 ? 65  ILE A N   1 
ATOM   434  C CA  . ILE A 1 65  ? -8.428  5.135   -2.651  1.00 11.94 ? 65  ILE A CA  1 
ATOM   435  C C   . ILE A 1 65  ? -8.887  6.407   -1.961  1.00 13.91 ? 65  ILE A C   1 
ATOM   436  O O   . ILE A 1 65  ? -8.112  7.192   -1.422  1.00 15.07 ? 65  ILE A O   1 
ATOM   437  C CB  . ILE A 1 65  ? -8.384  5.349   -4.162  1.00 11.35 ? 65  ILE A CB  1 
ATOM   438  C CG1 . ILE A 1 65  ? -7.743  4.175   -4.903  1.00 12.53 ? 65  ILE A CG1 1 
ATOM   439  C CG2 . ILE A 1 65  ? -7.691  6.667   -4.491  1.00 14.66 ? 65  ILE A CG2 1 
ATOM   440  C CD1 . ILE A 1 65  ? -8.090  4.159   -6.380  1.00 10.81 ? 65  ILE A CD1 1 
ATOM   441  N N   . ALA A 1 66  ? -10.198 6.617   -1.955  1.00 14.79 ? 66  ALA A N   1 
ATOM   442  C CA  . ALA A 1 66  ? -10.773 7.760   -1.260  1.00 14.15 ? 66  ALA A CA  1 
ATOM   443  C C   . ALA A 1 66  ? -10.575 7.694   0.245   1.00 18.00 ? 66  ALA A C   1 
ATOM   444  O O   . ALA A 1 66  ? -10.306 8.685   0.928   1.00 15.80 ? 66  ALA A O   1 
ATOM   445  C CB  . ALA A 1 66  ? -12.264 7.838   -1.568  1.00 11.31 ? 66  ALA A CB  1 
ATOM   446  N N   . ALA A 1 67  ? -10.721 6.495   0.788   1.00 12.56 ? 67  ALA A N   1 
ATOM   447  C CA  . ALA A 1 67  ? -10.503 6.255   2.200   1.00 14.49 ? 67  ALA A CA  1 
ATOM   448  C C   . ALA A 1 67  ? -9.066  6.554   2.611   1.00 15.26 ? 67  ALA A C   1 
ATOM   449  O O   . ALA A 1 67  ? -8.803  7.172   3.643   1.00 10.92 ? 67  ALA A O   1 
ATOM   450  C CB  . ALA A 1 67  ? -10.849 4.802   2.494   1.00 14.90 ? 67  ALA A CB  1 
ATOM   451  N N   . VAL A 1 68  ? -8.099  6.111   1.822   1.00 7.89  ? 68  VAL A N   1 
ATOM   452  C CA  . VAL A 1 68  ? -6.699  6.387   2.140   1.00 8.96  ? 68  VAL A CA  1 
ATOM   453  C C   . VAL A 1 68  ? -6.428  7.888   2.163   1.00 14.38 ? 68  VAL A C   1 
ATOM   454  O O   . VAL A 1 68  ? -5.778  8.456   3.038   1.00 10.83 ? 68  VAL A O   1 
ATOM   455  C CB  . VAL A 1 68  ? -5.769  5.729   1.109   1.00 11.39 ? 68  VAL A CB  1 
ATOM   456  C CG1 . VAL A 1 68  ? -4.333  6.209   1.277   1.00 16.94 ? 68  VAL A CG1 1 
ATOM   457  C CG2 . VAL A 1 68  ? -5.815  4.216   1.214   1.00 12.86 ? 68  VAL A CG2 1 
ATOM   458  N N   . ALA A 1 69  ? -6.953  8.552   1.141   1.00 14.11 ? 69  ALA A N   1 
ATOM   459  C CA  . ALA A 1 69  ? -6.764  9.978   0.931   1.00 11.63 ? 69  ALA A CA  1 
ATOM   460  C C   . ALA A 1 69  ? -7.353  10.789  2.076   1.00 11.32 ? 69  ALA A C   1 
ATOM   461  O O   . ALA A 1 69  ? -6.750  11.723  2.604   1.00 17.55 ? 69  ALA A O   1 
ATOM   462  C CB  . ALA A 1 69  ? -7.399  10.393  -0.390  1.00 17.83 ? 69  ALA A CB  1 
ATOM   463  N N   . SER A 1 70  ? -8.563  10.395  2.458   1.00 10.24 ? 70  SER A N   1 
ATOM   464  C CA  . SER A 1 70  ? -9.251  11.129  3.513   1.00 9.66  ? 70  SER A CA  1 
ATOM   465  C C   . SER A 1 70  ? -8.545  10.944  4.843   1.00 10.52 ? 70  SER A C   1 
ATOM   466  O O   . SER A 1 70  ? -8.339  11.916  5.567   1.00 13.03 ? 70  SER A O   1 
ATOM   467  C CB  A SER A 1 70  ? -10.708 10.671  3.625   0.50 9.58  ? 70  SER A CB  1 
ATOM   468  C CB  B SER A 1 70  ? -10.713 10.684  3.625   0.50 9.60  ? 70  SER A CB  1 
ATOM   469  O OG  A SER A 1 70  ? -11.428 11.044  2.463   0.50 16.12 ? 70  SER A OG  1 
ATOM   470  O OG  B SER A 1 70  ? -11.462 11.710  4.255   0.50 19.44 ? 70  SER A OG  1 
ATOM   471  N N   . ALA A 1 71  ? -8.197  9.702   5.154   1.00 8.71  ? 71  ALA A N   1 
ATOM   472  C CA  . ALA A 1 71  ? -7.622  9.428   6.468   1.00 12.99 ? 71  ALA A CA  1 
ATOM   473  C C   . ALA A 1 71  ? -6.230  10.033  6.608   1.00 14.47 ? 71  ALA A C   1 
ATOM   474  O O   . ALA A 1 71  ? -5.886  10.540  7.682   1.00 10.75 ? 71  ALA A O   1 
ATOM   475  C CB  . ALA A 1 71  ? -7.611  7.930   6.739   1.00 15.49 ? 71  ALA A CB  1 
ATOM   476  N N   . VAL A 1 72  ? -5.428  9.983   5.548   1.00 13.42 ? 72  VAL A N   1 
ATOM   477  C CA  . VAL A 1 72  ? -4.059  10.498  5.597   1.00 13.04 ? 72  VAL A CA  1 
ATOM   478  C C   . VAL A 1 72  ? -4.058  12.026  5.555   1.00 13.33 ? 72  VAL A C   1 
ATOM   479  O O   . VAL A 1 72  ? -3.338  12.691  6.304   1.00 13.25 ? 72  VAL A O   1 
ATOM   480  C CB  . VAL A 1 72  ? -3.191  9.961   4.450   1.00 15.40 ? 72  VAL A CB  1 
ATOM   481  C CG1 . VAL A 1 72  ? -1.819  10.633  4.422   1.00 16.16 ? 72  VAL A CG1 1 
ATOM   482  C CG2 . VAL A 1 72  ? -2.970  8.457   4.545   1.00 12.06 ? 72  VAL A CG2 1 
ATOM   483  N N   . ASN A 1 73  ? -4.887  12.597  4.684   1.00 8.74  ? 73  ASN A N   1 
ATOM   484  C CA  . ASN A 1 73  ? -4.980  14.047  4.571   1.00 7.28  ? 73  ASN A CA  1 
ATOM   485  C C   . ASN A 1 73  ? -5.511  14.657  5.867   1.00 14.70 ? 73  ASN A C   1 
ATOM   486  O O   . ASN A 1 73  ? -5.045  15.683  6.356   1.00 13.94 ? 73  ASN A O   1 
ATOM   487  C CB  . ASN A 1 73  ? -5.863  14.433  3.385   1.00 7.11  ? 73  ASN A CB  1 
ATOM   488  C CG  . ASN A 1 73  ? -5.196  14.240  2.048   1.00 9.16  ? 73  ASN A CG  1 
ATOM   489  O OD1 . ASN A 1 73  ? -3.982  14.039  1.940   1.00 14.62 ? 73  ASN A OD1 1 
ATOM   490  N ND2 . ASN A 1 73  ? -5.999  14.295  0.995   1.00 12.79 ? 73  ASN A ND2 1 
ATOM   491  N N   . SER A 1 74  ? -6.524  14.038  6.472   1.00 9.32  ? 74  SER A N   1 
ATOM   492  C CA  . SER A 1 74  ? -7.048  14.621  7.702   1.00 16.00 ? 74  SER A CA  1 
ATOM   493  C C   . SER A 1 74  ? -6.033  14.497  8.829   1.00 14.24 ? 74  SER A C   1 
ATOM   494  O O   . SER A 1 74  ? -5.825  15.426  9.610   1.00 14.36 ? 74  SER A O   1 
ATOM   495  C CB  . SER A 1 74  ? -8.367  13.951  8.101   1.00 19.83 ? 74  SER A CB  1 
ATOM   496  O OG  . SER A 1 74  ? -8.344  12.579  7.763   1.00 53.34 ? 74  SER A OG  1 
ATOM   497  N N   . PHE A 1 75  ? -5.396  13.329  8.918   1.00 9.54  ? 75  PHE A N   1 
ATOM   498  C CA  . PHE A 1 75  ? -4.428  13.135  9.988   1.00 7.62  ? 75  PHE A CA  1 
ATOM   499  C C   . PHE A 1 75  ? -3.328  14.185  9.838   1.00 12.16 ? 75  PHE A C   1 
ATOM   500  O O   . PHE A 1 75  ? -2.977  14.823  10.829  1.00 14.20 ? 75  PHE A O   1 
ATOM   501  C CB  . PHE A 1 75  ? -3.870  11.715  10.000  1.00 8.10  ? 75  PHE A CB  1 
ATOM   502  C CG  . PHE A 1 75  ? -2.808  11.540  11.070  1.00 10.32 ? 75  PHE A CG  1 
ATOM   503  C CD1 . PHE A 1 75  ? -3.166  11.294  12.379  1.00 16.59 ? 75  PHE A CD1 1 
ATOM   504  C CD2 . PHE A 1 75  ? -1.460  11.633  10.748  1.00 12.98 ? 75  PHE A CD2 1 
ATOM   505  C CE1 . PHE A 1 75  ? -2.202  11.152  13.366  1.00 17.53 ? 75  PHE A CE1 1 
ATOM   506  C CE2 . PHE A 1 75  ? -0.492  11.509  11.723  1.00 14.61 ? 75  PHE A CE2 1 
ATOM   507  C CZ  . PHE A 1 75  ? -0.868  11.276  13.037  1.00 18.03 ? 75  PHE A CZ  1 
ATOM   508  N N   . ASN A 1 76  ? -2.809  14.354  8.624   1.00 11.62 ? 76  ASN A N   1 
ATOM   509  C CA  . ASN A 1 76  ? -1.744  15.330  8.401   1.00 13.04 ? 76  ASN A CA  1 
ATOM   510  C C   . ASN A 1 76  ? -2.150  16.743  8.802   1.00 11.74 ? 76  ASN A C   1 
ATOM   511  O O   . ASN A 1 76  ? -1.352  17.487  9.385   1.00 11.27 ? 76  ASN A O   1 
ATOM   512  C CB  . ASN A 1 76  ? -1.311  15.295  6.935   1.00 13.05 ? 76  ASN A CB  1 
ATOM   513  C CG  . ASN A 1 76  ? -0.383  16.447  6.588   1.00 8.66  ? 76  ASN A CG  1 
ATOM   514  O OD1 . ASN A 1 76  ? -0.795  17.368  5.889   1.00 10.54 ? 76  ASN A OD1 1 
ATOM   515  N ND2 . ASN A 1 76  ? 0.837   16.349  7.090   1.00 10.77 ? 76  ASN A ND2 1 
ATOM   516  N N   . SER A 1 77  ? -3.385  17.155  8.517   1.00 12.32 ? 77  SER A N   1 
ATOM   517  C CA  . SER A 1 77  ? -3.814  18.489  8.940   1.00 13.68 ? 77  SER A CA  1 
ATOM   518  C C   . SER A 1 77  ? -3.864  18.643  10.450  1.00 16.98 ? 77  SER A C   1 
ATOM   519  O O   . SER A 1 77  ? -3.640  19.703  11.039  1.00 13.89 ? 77  SER A O   1 
ATOM   520  C CB  . SER A 1 77  ? -5.199  18.765  8.337   1.00 13.09 ? 77  SER A CB  1 
ATOM   521  O OG  . SER A 1 77  ? -5.015  18.892  6.928   1.00 21.82 ? 77  SER A OG  1 
ATOM   522  N N   . GLN A 1 78  ? -4.182  17.541  11.125  1.00 11.33 ? 78  GLN A N   1 
ATOM   523  C CA  . GLN A 1 78  ? -4.224  17.550  12.573  1.00 14.64 ? 78  GLN A CA  1 
ATOM   524  C C   . GLN A 1 78  ? -2.823  17.527  13.181  1.00 18.29 ? 78  GLN A C   1 
ATOM   525  O O   . GLN A 1 78  ? -2.598  18.197  14.189  1.00 12.29 ? 78  GLN A O   1 
ATOM   526  C CB  . GLN A 1 78  ? -5.010  16.336  13.086  1.00 16.02 ? 78  GLN A CB  1 
ATOM   527  C CG  . GLN A 1 78  ? -5.629  16.553  14.458  1.00 36.30 ? 78  GLN A CG  1 
ATOM   528  C CD  . GLN A 1 78  ? -7.131  16.335  14.418  1.00 51.64 ? 78  GLN A CD  1 
ATOM   529  O OE1 . GLN A 1 78  ? -7.572  15.185  14.474  1.00 84.00 ? 78  GLN A OE1 1 
ATOM   530  N NE2 . GLN A 1 78  ? -7.896  17.414  14.312  1.00 35.23 ? 78  GLN A NE2 1 
ATOM   531  N N   . CYS A 1 79  ? -1.928  16.755  12.590  1.00 13.44 ? 79  CYS A N   1 
ATOM   532  C CA  . CYS A 1 79  ? -0.585  16.489  13.087  1.00 7.97  ? 79  CYS A CA  1 
ATOM   533  C C   . CYS A 1 79  ? 0.476   16.726  12.019  1.00 11.24 ? 79  CYS A C   1 
ATOM   534  O O   . CYS A 1 79  ? 1.129   15.802  11.538  1.00 11.37 ? 79  CYS A O   1 
ATOM   535  C CB  . CYS A 1 79  ? -0.516  15.039  13.568  1.00 10.71 ? 79  CYS A CB  1 
ATOM   536  S SG  . CYS A 1 79  ? -1.553  14.662  14.999  1.00 14.64 ? 79  CYS A SG  1 
ATOM   537  N N   . PRO A 1 80  ? 0.642   17.993  11.640  1.00 13.71 ? 80  PRO A N   1 
ATOM   538  C CA  . PRO A 1 80  ? 1.462   18.371  10.493  1.00 10.73 ? 80  PRO A CA  1 
ATOM   539  C C   . PRO A 1 80  ? 2.945   18.054  10.614  1.00 9.99  ? 80  PRO A C   1 
ATOM   540  O O   . PRO A 1 80  ? 3.667   18.036  9.614   1.00 11.47 ? 80  PRO A O   1 
ATOM   541  C CB  . PRO A 1 80  ? 1.314   19.892  10.409  1.00 12.24 ? 80  PRO A CB  1 
ATOM   542  C CG  . PRO A 1 80  ? 0.542   20.324  11.602  1.00 13.61 ? 80  PRO A CG  1 
ATOM   543  C CD  . PRO A 1 80  ? 0.016   19.131  12.315  1.00 11.57 ? 80  PRO A CD  1 
ATOM   544  N N   . SER A 1 81  ? 3.443   17.804  11.819  1.00 10.59 ? 81  SER A N   1 
ATOM   545  C CA  . SER A 1 81  ? 4.874   17.530  11.909  1.00 12.09 ? 81  SER A CA  1 
ATOM   546  C C   . SER A 1 81  ? 5.117   16.049  12.187  1.00 13.14 ? 81  SER A C   1 
ATOM   547  O O   . SER A 1 81  ? 6.241   15.624  12.444  1.00 10.71 ? 81  SER A O   1 
ATOM   548  C CB  . SER A 1 81  ? 5.504   18.428  12.972  1.00 18.78 ? 81  SER A CB  1 
ATOM   549  O OG  . SER A 1 81  ? 4.988   18.193  14.270  1.00 15.08 ? 81  SER A OG  1 
ATOM   550  N N   . THR A 1 82  ? 4.058   15.248  12.116  1.00 12.02 ? 82  THR A N   1 
ATOM   551  C CA  . THR A 1 82  ? 4.178   13.805  12.326  1.00 10.64 ? 82  THR A CA  1 
ATOM   552  C C   . THR A 1 82  ? 4.636   13.090  11.060  1.00 6.18  ? 82  THR A C   1 
ATOM   553  O O   . THR A 1 82  ? 4.094   13.333  9.984   1.00 8.83  ? 82  THR A O   1 
ATOM   554  C CB  . THR A 1 82  ? 2.843   13.189  12.788  1.00 10.39 ? 82  THR A CB  1 
ATOM   555  O OG1 . THR A 1 82  ? 2.542   13.741  14.072  1.00 10.01 ? 82  THR A OG1 1 
ATOM   556  C CG2 . THR A 1 82  ? 2.937   11.680  12.959  1.00 10.79 ? 82  THR A CG2 1 
ATOM   557  N N   . LYS A 1 83  ? 5.621   12.214  11.228  1.00 8.25  ? 83  LYS A N   1 
ATOM   558  C CA  . LYS A 1 83  ? 6.121   11.425  10.100  1.00 10.12 ? 83  LYS A CA  1 
ATOM   559  C C   . LYS A 1 83  ? 5.174   10.252  9.848   1.00 10.93 ? 83  LYS A C   1 
ATOM   560  O O   . LYS A 1 83  ? 4.723   9.586   10.785  1.00 9.87  ? 83  LYS A O   1 
ATOM   561  C CB  . LYS A 1 83  ? 7.542   10.924  10.317  1.00 9.95  ? 83  LYS A CB  1 
ATOM   562  C CG  . LYS A 1 83  ? 8.585   12.036  10.314  1.00 12.79 ? 83  LYS A CG  1 
ATOM   563  C CD  . LYS A 1 83  ? 9.980   11.489  10.550  1.00 15.59 ? 83  LYS A CD  1 
ATOM   564  C CE  . LYS A 1 83  ? 11.010  12.607  10.390  1.00 26.89 ? 83  LYS A CE  1 
ATOM   565  N NZ  . LYS A 1 83  ? 12.318  12.221  11.001  1.00 32.74 ? 83  LYS A NZ  1 
ATOM   566  N N   . ILE A 1 84  ? 4.901   10.042  8.560   1.00 11.52 ? 84  ILE A N   1 
ATOM   567  C CA  . ILE A 1 84  ? 3.912   9.026   8.203   1.00 10.72 ? 84  ILE A CA  1 
ATOM   568  C C   . ILE A 1 84  ? 4.513   7.839   7.475   1.00 11.02 ? 84  ILE A C   1 
ATOM   569  O O   . ILE A 1 84  ? 5.381   7.972   6.622   1.00 11.74 ? 84  ILE A O   1 
ATOM   570  C CB  . ILE A 1 84  ? 2.818   9.659   7.324   1.00 8.45  ? 84  ILE A CB  1 
ATOM   571  C CG1 . ILE A 1 84  ? 2.017   10.676  8.126   1.00 12.84 ? 84  ILE A CG1 1 
ATOM   572  C CG2 . ILE A 1 84  ? 1.949   8.584   6.687   1.00 15.35 ? 84  ILE A CG2 1 
ATOM   573  C CD1 . ILE A 1 84  ? 1.425   11.810  7.330   1.00 16.64 ? 84  ILE A CD1 1 
ATOM   574  N N   . VAL A 1 85  ? 4.030   6.658   7.832   1.00 8.00  ? 85  VAL A N   1 
ATOM   575  C CA  . VAL A 1 85  ? 4.419   5.451   7.123   1.00 5.67  ? 85  VAL A CA  1 
ATOM   576  C C   . VAL A 1 85  ? 3.158   4.762   6.595   1.00 10.13 ? 85  VAL A C   1 
ATOM   577  O O   . VAL A 1 85  ? 2.177   4.619   7.327   1.00 10.14 ? 85  VAL A O   1 
ATOM   578  C CB  . VAL A 1 85  ? 5.185   4.477   8.023   1.00 6.06  ? 85  VAL A CB  1 
ATOM   579  C CG1 . VAL A 1 85  ? 5.606   3.272   7.200   1.00 9.98  ? 85  VAL A CG1 1 
ATOM   580  C CG2 . VAL A 1 85  ? 6.369   5.176   8.671   1.00 11.81 ? 85  VAL A CG2 1 
ATOM   581  N N   . LEU A 1 86  ? 3.177   4.345   5.337   1.00 10.10 ? 86  LEU A N   1 
ATOM   582  C CA  . LEU A 1 86  ? 2.053   3.598   4.778   1.00 8.74  ? 86  LEU A CA  1 
ATOM   583  C C   . LEU A 1 86  ? 2.437   2.138   4.560   1.00 12.10 ? 86  LEU A C   1 
ATOM   584  O O   . LEU A 1 86  ? 3.551   1.874   4.083   1.00 8.78  ? 86  LEU A O   1 
ATOM   585  C CB  . LEU A 1 86  ? 1.608   4.213   3.451   1.00 9.00  ? 86  LEU A CB  1 
ATOM   586  C CG  . LEU A 1 86  ? 1.429   5.730   3.416   1.00 14.15 ? 86  LEU A CG  1 
ATOM   587  C CD1 . LEU A 1 86  ? 1.124   6.234   2.013   1.00 19.49 ? 86  LEU A CD1 1 
ATOM   588  C CD2 . LEU A 1 86  ? 0.314   6.154   4.358   1.00 14.81 ? 86  LEU A CD2 1 
ATOM   589  N N   . VAL A 1 87  ? 1.522   1.226   4.878   1.00 7.75  ? 87  VAL A N   1 
ATOM   590  C CA  . VAL A 1 87  ? 1.755   -0.191  4.590   1.00 7.12  ? 87  VAL A CA  1 
ATOM   591  C C   . VAL A 1 87  ? 0.506   -0.811  3.979   1.00 11.18 ? 87  VAL A C   1 
ATOM   592  O O   . VAL A 1 87  ? -0.580  -0.735  4.542   1.00 9.51  ? 87  VAL A O   1 
ATOM   593  C CB  . VAL A 1 87  ? 2.126   -0.987  5.845   1.00 14.22 ? 87  VAL A CB  1 
ATOM   594  C CG1 . VAL A 1 87  ? 2.441   -2.431  5.471   1.00 13.91 ? 87  VAL A CG1 1 
ATOM   595  C CG2 . VAL A 1 87  ? 3.312   -0.353  6.561   1.00 14.29 ? 87  VAL A CG2 1 
ATOM   596  N N   . GLY A 1 88  ? 0.672   -1.437  2.818   1.00 10.41 ? 88  GLY A N   1 
ATOM   597  C CA  . GLY A 1 88  ? -0.496  -2.005  2.150   1.00 8.83  ? 88  GLY A CA  1 
ATOM   598  C C   . GLY A 1 88  ? -0.160  -3.356  1.526   1.00 10.05 ? 88  GLY A C   1 
ATOM   599  O O   . GLY A 1 88  ? 0.838   -3.528  0.847   1.00 8.18  ? 88  GLY A O   1 
ATOM   600  N N   . TYR A 1 89  ? -1.024  -4.325  1.766   1.00 14.19 ? 89  TYR A N   1 
ATOM   601  C CA  . TYR A 1 89  ? -0.908  -5.689  1.290   1.00 13.95 ? 89  TYR A CA  1 
ATOM   602  C C   . TYR A 1 89  ? -1.951  -5.970  0.213   1.00 8.33  ? 89  TYR A C   1 
ATOM   603  O O   . TYR A 1 89  ? -3.146  -5.795  0.456   1.00 10.05 ? 89  TYR A O   1 
ATOM   604  C CB  . TYR A 1 89  ? -1.056  -6.652  2.481   1.00 16.16 ? 89  TYR A CB  1 
ATOM   605  C CG  . TYR A 1 89  ? -0.287  -7.938  2.261   1.00 18.22 ? 89  TYR A CG  1 
ATOM   606  C CD1 . TYR A 1 89  ? -0.798  -8.895  1.393   1.00 16.95 ? 89  TYR A CD1 1 
ATOM   607  C CD2 . TYR A 1 89  ? 0.923   -8.205  2.881   1.00 15.40 ? 89  TYR A CD2 1 
ATOM   608  C CE1 . TYR A 1 89  ? -0.133  -10.083 1.156   1.00 13.02 ? 89  TYR A CE1 1 
ATOM   609  C CE2 . TYR A 1 89  ? 1.599   -9.391  2.650   1.00 10.13 ? 89  TYR A CE2 1 
ATOM   610  C CZ  . TYR A 1 89  ? 1.066   -10.326 1.788   1.00 11.00 ? 89  TYR A CZ  1 
ATOM   611  O OH  . TYR A 1 89  ? 1.707   -11.517 1.538   1.00 18.58 ? 89  TYR A OH  1 
ATOM   612  N N   . SER A 1 90  ? -1.481  -6.390  -0.950  1.00 5.75  ? 90  SER A N   1 
ATOM   613  C CA  . SER A 1 90  ? -2.332  -6.776  -2.063  1.00 8.50  ? 90  SER A CA  1 
ATOM   614  C C   . SER A 1 90  ? -3.274  -5.662  -2.480  1.00 11.09 ? 90  SER A C   1 
ATOM   615  O O   . SER A 1 90  ? -2.802  -4.597  -2.885  1.00 11.84 ? 90  SER A O   1 
ATOM   616  C CB  . SER A 1 90  ? -3.116  -8.050  -1.685  1.00 10.83 ? 90  SER A CB  1 
ATOM   617  O OG  . SER A 1 90  ? -3.571  -8.681  -2.880  1.00 19.10 ? 90  SER A OG  1 
ATOM   618  N N   . GLN A 1 91  ? -4.596  -5.858  -2.415  1.00 11.19 ? 91  GLN A N   1 
ATOM   619  C CA  . GLN A 1 91  ? -5.504  -4.777  -2.774  1.00 6.33  ? 91  GLN A CA  1 
ATOM   620  C C   . GLN A 1 91  ? -5.207  -3.529  -1.939  1.00 6.25  ? 91  GLN A C   1 
ATOM   621  O O   . GLN A 1 91  ? -5.370  -2.408  -2.419  1.00 9.66  ? 91  GLN A O   1 
ATOM   622  C CB  . GLN A 1 91  ? -6.983  -5.130  -2.599  1.00 9.01  ? 91  GLN A CB  1 
ATOM   623  C CG  . GLN A 1 91  ? -7.879  -3.973  -3.006  1.00 15.26 ? 91  GLN A CG  1 
ATOM   624  C CD  . GLN A 1 91  ? -9.364  -4.158  -2.823  1.00 15.45 ? 91  GLN A CD  1 
ATOM   625  O OE1 . GLN A 1 91  ? -10.135 -3.190  -2.847  1.00 12.19 ? 91  GLN A OE1 1 
ATOM   626  N NE2 . GLN A 1 91  ? -9.804  -5.391  -2.628  1.00 14.22 ? 91  GLN A NE2 1 
ATOM   627  N N   . GLY A 1 92  ? -4.787  -3.778  -0.702  1.00 4.57  ? 92  GLY A N   1 
ATOM   628  C CA  . GLY A 1 92  ? -4.429  -2.680  0.184   1.00 6.33  ? 92  GLY A CA  1 
ATOM   629  C C   . GLY A 1 92  ? -3.237  -1.905  -0.339  1.00 11.65 ? 92  GLY A C   1 
ATOM   630  O O   . GLY A 1 92  ? -3.115  -0.690  -0.163  1.00 13.70 ? 92  GLY A O   1 
ATOM   631  N N   . GLY A 1 93  ? -2.336  -2.637  -0.999  1.00 8.91  ? 93  GLY A N   1 
ATOM   632  C CA  . GLY A 1 93  ? -1.226  -2.011  -1.679  1.00 8.42  ? 93  GLY A CA  1 
ATOM   633  C C   . GLY A 1 93  ? -1.700  -1.199  -2.866  1.00 13.34 ? 93  GLY A C   1 
ATOM   634  O O   . GLY A 1 93  ? -1.229  -0.084  -3.085  1.00 10.08 ? 93  GLY A O   1 
ATOM   635  N N   . GLU A 1 94  ? -2.639  -1.727  -3.646  1.00 10.33 ? 94  GLU A N   1 
ATOM   636  C CA  . GLU A 1 94  ? -3.074  -1.041  -4.860  1.00 9.68  ? 94  GLU A CA  1 
ATOM   637  C C   . GLU A 1 94  ? -3.757  0.283   -4.555  1.00 7.41  ? 94  GLU A C   1 
ATOM   638  O O   . GLU A 1 94  ? -3.588  1.271   -5.266  1.00 10.25 ? 94  GLU A O   1 
ATOM   639  C CB  . GLU A 1 94  ? -4.037  -1.934  -5.642  1.00 5.32  ? 94  GLU A CB  1 
ATOM   640  C CG  . GLU A 1 94  ? -4.630  -1.304  -6.889  1.00 11.73 ? 94  GLU A CG  1 
ATOM   641  C CD  . GLU A 1 94  ? -5.246  -2.350  -7.814  1.00 12.01 ? 94  GLU A CD  1 
ATOM   642  O OE1 . GLU A 1 94  ? -5.212  -3.536  -7.437  1.00 10.70 ? 94  GLU A OE1 1 
ATOM   643  O OE2 . GLU A 1 94  ? -5.758  -2.023  -8.906  1.00 8.29  ? 94  GLU A OE2 1 
ATOM   644  N N   . ILE A 1 95  ? -4.553  0.314   -3.478  1.00 7.93  ? 95  ILE A N   1 
ATOM   645  C CA  . ILE A 1 95  ? -5.255  1.579   -3.199  1.00 12.13 ? 95  ILE A CA  1 
ATOM   646  C C   . ILE A 1 95  ? -4.298  2.669   -2.724  1.00 11.77 ? 95  ILE A C   1 
ATOM   647  O O   . ILE A 1 95  ? -4.542  3.854   -2.987  1.00 8.03  ? 95  ILE A O   1 
ATOM   648  C CB  . ILE A 1 95  ? -6.397  1.356   -2.197  1.00 6.50  ? 95  ILE A CB  1 
ATOM   649  C CG1 . ILE A 1 95  ? -5.983  0.916   -0.790  1.00 7.66  ? 95  ILE A CG1 1 
ATOM   650  C CG2 . ILE A 1 95  ? -7.385  0.354   -2.788  1.00 12.01 ? 95  ILE A CG2 1 
ATOM   651  C CD1 . ILE A 1 95  ? -7.149  0.714   0.158   1.00 10.60 ? 95  ILE A CD1 1 
ATOM   652  N N   . MET A 1 96  ? -3.212  2.296   -2.051  1.00 9.93  ? 96  MET A N   1 
ATOM   653  C CA  . MET A 1 96  ? -2.232  3.280   -1.580  1.00 9.93  ? 96  MET A CA  1 
ATOM   654  C C   . MET A 1 96  ? -1.348  3.767   -2.725  1.00 13.57 ? 96  MET A C   1 
ATOM   655  O O   . MET A 1 96  ? -0.953  4.928   -2.842  1.00 12.23 ? 96  MET A O   1 
ATOM   656  C CB  . MET A 1 96  ? -1.383  2.676   -0.460  1.00 8.25  ? 96  MET A CB  1 
ATOM   657  C CG  . MET A 1 96  ? -1.962  2.804   0.939   1.00 15.57 ? 96  MET A CG  1 
ATOM   658  S SD  . MET A 1 96  ? -1.053  1.801   2.134   1.00 21.40 ? 96  MET A SD  1 
ATOM   659  C CE  . MET A 1 96  ? -2.081  2.023   3.587   1.00 19.91 ? 96  MET A CE  1 
ATOM   660  N N   . ASP A 1 97  ? -1.018  2.838   -3.606  1.00 7.71  ? 97  ASP A N   1 
ATOM   661  C CA  . ASP A 1 97  ? -0.273  3.071   -4.832  1.00 8.42  ? 97  ASP A CA  1 
ATOM   662  C C   . ASP A 1 97  ? -0.948  4.177   -5.627  1.00 11.42 ? 97  ASP A C   1 
ATOM   663  O O   . ASP A 1 97  ? -0.336  5.179   -6.003  1.00 10.15 ? 97  ASP A O   1 
ATOM   664  C CB  . ASP A 1 97  ? -0.187  1.754   -5.600  1.00 8.21  ? 97  ASP A CB  1 
ATOM   665  C CG  . ASP A 1 97  ? 0.831   1.709   -6.711  1.00 10.13 ? 97  ASP A CG  1 
ATOM   666  O OD1 . ASP A 1 97  ? 1.276   2.773   -7.188  1.00 10.51 ? 97  ASP A OD1 1 
ATOM   667  O OD2 . ASP A 1 97  ? 1.204   0.594   -7.140  1.00 8.82  ? 97  ASP A OD2 1 
ATOM   668  N N   . VAL A 1 98  ? -2.252  4.024   -5.896  1.00 12.40 ? 98  VAL A N   1 
ATOM   669  C CA  . VAL A 1 98  ? -2.920  5.080   -6.654  1.00 12.26 ? 98  VAL A CA  1 
ATOM   670  C C   . VAL A 1 98  ? -2.945  6.389   -5.872  1.00 11.91 ? 98  VAL A C   1 
ATOM   671  O O   . VAL A 1 98  ? -2.703  7.453   -6.417  1.00 11.33 ? 98  VAL A O   1 
ATOM   672  C CB  . VAL A 1 98  ? -4.362  4.714   -7.030  1.00 10.01 ? 98  VAL A CB  1 
ATOM   673  C CG1 . VAL A 1 98  ? -4.986  5.865   -7.797  1.00 17.58 ? 98  VAL A CG1 1 
ATOM   674  C CG2 . VAL A 1 98  ? -4.392  3.442   -7.860  1.00 9.14  ? 98  VAL A CG2 1 
ATOM   675  N N   . ALA A 1 99  ? -3.252  6.305   -4.585  1.00 14.93 ? 99  ALA A N   1 
ATOM   676  C CA  . ALA A 1 99  ? -3.423  7.499   -3.772  1.00 14.38 ? 99  ALA A CA  1 
ATOM   677  C C   . ALA A 1 99  ? -2.144  8.318   -3.739  1.00 7.77  ? 99  ALA A C   1 
ATOM   678  O O   . ALA A 1 99  ? -2.148  9.543   -3.823  1.00 12.75 ? 99  ALA A O   1 
ATOM   679  C CB  . ALA A 1 99  ? -3.823  7.104   -2.357  1.00 14.61 ? 99  ALA A CB  1 
ATOM   680  N N   . LEU A 1 100 ? -1.042  7.590   -3.603  1.00 10.89 ? 100 LEU A N   1 
ATOM   681  C CA  . LEU A 1 100 ? 0.246   8.266   -3.451  1.00 12.75 ? 100 LEU A CA  1 
ATOM   682  C C   . LEU A 1 100 ? 0.915   8.582   -4.783  1.00 15.39 ? 100 LEU A C   1 
ATOM   683  O O   . LEU A 1 100 ? 1.570   9.628   -4.900  1.00 12.02 ? 100 LEU A O   1 
ATOM   684  C CB  . LEU A 1 100 ? 1.147   7.406   -2.555  1.00 11.49 ? 100 LEU A CB  1 
ATOM   685  C CG  . LEU A 1 100 ? 2.604   7.871   -2.440  1.00 14.47 ? 100 LEU A CG  1 
ATOM   686  C CD1 . LEU A 1 100 ? 2.670   9.212   -1.721  1.00 13.74 ? 100 LEU A CD1 1 
ATOM   687  C CD2 . LEU A 1 100 ? 3.477   6.857   -1.721  1.00 14.85 ? 100 LEU A CD2 1 
ATOM   688  N N   . CYS A 1 101 ? 0.790   7.723   -5.792  1.00 11.34 ? 101 CYS A N   1 
ATOM   689  C CA  . CYS A 1 101 ? 1.505   7.890   -7.053  1.00 9.60  ? 101 CYS A CA  1 
ATOM   690  C C   . CYS A 1 101 ? 0.628   8.481   -8.153  1.00 12.41 ? 101 CYS A C   1 
ATOM   691  O O   . CYS A 1 101 ? 1.142   8.918   -9.187  1.00 13.20 ? 101 CYS A O   1 
ATOM   692  C CB  . CYS A 1 101 ? 2.107   6.563   -7.546  1.00 11.28 ? 101 CYS A CB  1 
ATOM   693  S SG  . CYS A 1 101 ? 3.521   5.980   -6.581  1.00 14.49 ? 101 CYS A SG  1 
ATOM   694  N N   . GLY A 1 102 ? -0.689  8.527   -7.979  1.00 7.60  ? 102 GLY A N   1 
ATOM   695  C CA  . GLY A 1 102 ? -1.562  9.063   -9.006  1.00 5.65  ? 102 GLY A CA  1 
ATOM   696  C C   . GLY A 1 102 ? -1.660  8.052   -10.143 1.00 9.18  ? 102 GLY A C   1 
ATOM   697  O O   . GLY A 1 102 ? -1.444  6.853   -9.963  1.00 10.88 ? 102 GLY A O   1 
ATOM   698  N N   . GLY A 1 103 ? -1.983  8.562   -11.315 1.00 10.58 ? 103 GLY A N   1 
ATOM   699  C CA  . GLY A 1 103 ? -2.043  7.780   -12.528 1.00 17.31 ? 103 GLY A CA  1 
ATOM   700  C C   . GLY A 1 103 ? -3.343  7.043   -12.756 1.00 15.83 ? 103 GLY A C   1 
ATOM   701  O O   . GLY A 1 103 ? -3.464  6.437   -13.819 1.00 12.68 ? 103 GLY A O   1 
ATOM   702  N N   . GLY A 1 104 ? -4.274  7.089   -11.822 1.00 13.45 ? 104 GLY A N   1 
ATOM   703  C CA  . GLY A 1 104 ? -5.534  6.377   -11.863 1.00 18.40 ? 104 GLY A CA  1 
ATOM   704  C C   . GLY A 1 104 ? -5.355  4.862   -11.864 1.00 20.48 ? 104 GLY A C   1 
ATOM   705  O O   . GLY A 1 104 ? -4.228  4.398   -11.660 1.00 12.77 ? 104 GLY A O   1 
ATOM   706  N N   . ASP A 1 105 ? -6.428  4.113   -12.083 1.00 14.41 ? 105 ASP A N   1 
ATOM   707  C CA  . ASP A 1 105 ? -6.519  2.661   -12.120 1.00 10.07 ? 105 ASP A CA  1 
ATOM   708  C C   . ASP A 1 105 ? -7.531  2.279   -13.204 1.00 12.78 ? 105 ASP A C   1 
ATOM   709  O O   . ASP A 1 105 ? -8.669  1.919   -12.913 1.00 12.09 ? 105 ASP A O   1 
ATOM   710  C CB  . ASP A 1 105 ? -6.937  2.066   -10.782 1.00 13.04 ? 105 ASP A CB  1 
ATOM   711  C CG  . ASP A 1 105 ? -6.446  0.644   -10.588 1.00 7.75  ? 105 ASP A CG  1 
ATOM   712  O OD1 . ASP A 1 105 ? -6.115  -0.032  -11.579 1.00 13.84 ? 105 ASP A OD1 1 
ATOM   713  O OD2 . ASP A 1 105 ? -6.395  0.199   -9.426  1.00 11.25 ? 105 ASP A OD2 1 
ATOM   714  N N   . PRO A 1 106 ? -7.099  2.420   -14.444 1.00 10.30 ? 106 PRO A N   1 
ATOM   715  C CA  . PRO A 1 106 ? -8.036  2.381   -15.561 1.00 12.54 ? 106 PRO A CA  1 
ATOM   716  C C   . PRO A 1 106 ? -8.781  1.061   -15.604 1.00 12.46 ? 106 PRO A C   1 
ATOM   717  O O   . PRO A 1 106 ? -9.934  1.025   -16.018 1.00 13.83 ? 106 PRO A O   1 
ATOM   718  C CB  . PRO A 1 106 ? -7.141  2.497   -16.791 1.00 17.73 ? 106 PRO A CB  1 
ATOM   719  C CG  . PRO A 1 106 ? -5.785  2.126   -16.305 1.00 19.81 ? 106 PRO A CG  1 
ATOM   720  C CD  . PRO A 1 106 ? -5.718  2.644   -14.905 1.00 15.47 ? 106 PRO A CD  1 
ATOM   721  N N   . ASN A 1 107 ? -8.110  -0.006  -15.178 1.00 14.61 ? 107 ASN A N   1 
ATOM   722  C CA  . ASN A 1 107 ? -8.812  -1.292  -15.291 1.00 12.31 ? 107 ASN A CA  1 
ATOM   723  C C   . ASN A 1 107 ? -9.966  -1.385  -14.316 1.00 15.57 ? 107 ASN A C   1 
ATOM   724  O O   . ASN A 1 107 ? -10.910 -2.154  -14.507 1.00 14.26 ? 107 ASN A O   1 
ATOM   725  C CB  . ASN A 1 107 ? -7.821  -2.431  -15.104 1.00 12.50 ? 107 ASN A CB  1 
ATOM   726  C CG  . ASN A 1 107 ? -7.183  -3.099  -16.287 1.00 17.05 ? 107 ASN A CG  1 
ATOM   727  O OD1 . ASN A 1 107 ? -6.419  -4.061  -16.102 1.00 16.27 ? 107 ASN A OD1 1 
ATOM   728  N ND2 . ASN A 1 107 ? -7.402  -2.708  -17.535 1.00 13.85 ? 107 ASN A ND2 1 
ATOM   729  N N   . GLN A 1 108 ? -9.900  -0.593  -13.254 1.00 8.51  ? 108 GLN A N   1 
ATOM   730  C CA  . GLN A 1 108 ? -10.955 -0.658  -12.248 1.00 11.08 ? 108 GLN A CA  1 
ATOM   731  C C   . GLN A 1 108 ? -11.941 0.490   -12.377 1.00 10.68 ? 108 GLN A C   1 
ATOM   732  O O   . GLN A 1 108 ? -12.850 0.643   -11.564 1.00 13.70 ? 108 GLN A O   1 
ATOM   733  C CB  . GLN A 1 108 ? -10.324 -0.684  -10.851 1.00 9.54  ? 108 GLN A CB  1 
ATOM   734  C CG  . GLN A 1 108 ? -9.373  -1.870  -10.735 1.00 10.15 ? 108 GLN A CG  1 
ATOM   735  C CD  . GLN A 1 108 ? -10.010 -3.195  -11.104 1.00 13.02 ? 108 GLN A CD  1 
ATOM   736  O OE1 . GLN A 1 108 ? -9.341  -4.132  -11.564 1.00 16.47 ? 108 GLN A OE1 1 
ATOM   737  N NE2 . GLN A 1 108 ? -11.313 -3.325  -10.902 1.00 11.51 ? 108 GLN A NE2 1 
ATOM   738  N N   . GLY A 1 109 ? -11.794 1.307   -13.411 1.00 12.95 ? 109 GLY A N   1 
ATOM   739  C CA  . GLY A 1 109 ? -12.697 2.405   -13.661 1.00 10.76 ? 109 GLY A CA  1 
ATOM   740  C C   . GLY A 1 109 ? -12.373 3.656   -12.873 1.00 19.15 ? 109 GLY A C   1 
ATOM   741  O O   . GLY A 1 109 ? -13.190 4.587   -12.827 1.00 18.72 ? 109 GLY A O   1 
ATOM   742  N N   . TYR A 1 110 ? -11.207 3.743   -12.232 1.00 16.47 ? 110 TYR A N   1 
ATOM   743  C CA  . TYR A 1 110 ? -10.883 4.983   -11.504 1.00 12.38 ? 110 TYR A CA  1 
ATOM   744  C C   . TYR A 1 110 ? -10.132 5.911   -12.454 1.00 12.09 ? 110 TYR A C   1 
ATOM   745  O O   . TYR A 1 110 ? -9.001  5.634   -12.851 1.00 13.72 ? 110 TYR A O   1 
ATOM   746  C CB  . TYR A 1 110 ? -10.092 4.706   -10.236 1.00 14.16 ? 110 TYR A CB  1 
ATOM   747  C CG  . TYR A 1 110 ? -9.932  5.911   -9.331  1.00 16.13 ? 110 TYR A CG  1 
ATOM   748  C CD1 . TYR A 1 110 ? -8.853  6.776   -9.466  1.00 15.00 ? 110 TYR A CD1 1 
ATOM   749  C CD2 . TYR A 1 110 ? -10.862 6.177   -8.342  1.00 17.66 ? 110 TYR A CD2 1 
ATOM   750  C CE1 . TYR A 1 110 ? -8.731  7.864   -8.631  1.00 18.06 ? 110 TYR A CE1 1 
ATOM   751  C CE2 . TYR A 1 110 ? -10.746 7.270   -7.498  1.00 22.75 ? 110 TYR A CE2 1 
ATOM   752  C CZ  . TYR A 1 110 ? -9.668  8.112   -7.657  1.00 19.67 ? 110 TYR A CZ  1 
ATOM   753  O OH  . TYR A 1 110 ? -9.530  9.203   -6.826  1.00 32.01 ? 110 TYR A OH  1 
ATOM   754  N N   . THR A 1 111 ? -10.807 6.986   -12.826 1.00 13.25 ? 111 THR A N   1 
ATOM   755  C CA  . THR A 1 111 ? -10.463 7.772   -14.000 1.00 15.01 ? 111 THR A CA  1 
ATOM   756  C C   . THR A 1 111 ? -9.545  8.940   -13.699 1.00 19.50 ? 111 THR A C   1 
ATOM   757  O O   . THR A 1 111 ? -8.759  9.369   -14.542 1.00 19.04 ? 111 THR A O   1 
ATOM   758  C CB  . THR A 1 111 ? -11.774 8.281   -14.634 1.00 17.70 ? 111 THR A CB  1 
ATOM   759  O OG1 . THR A 1 111 ? -12.509 9.032   -13.659 1.00 21.57 ? 111 THR A OG1 1 
ATOM   760  C CG2 . THR A 1 111 ? -12.644 7.086   -15.021 1.00 23.61 ? 111 THR A CG2 1 
ATOM   761  N N   . ASN A 1 112 ? -9.664  9.438   -12.480 1.00 16.88 ? 112 ASN A N   1 
ATOM   762  C CA  . ASN A 1 112 ? -8.820  10.520  -11.995 1.00 21.28 ? 112 ASN A CA  1 
ATOM   763  C C   . ASN A 1 112 ? -7.361  10.097  -11.910 1.00 20.90 ? 112 ASN A C   1 
ATOM   764  O O   . ASN A 1 112 ? -6.982  9.140   -11.229 1.00 15.43 ? 112 ASN A O   1 
ATOM   765  C CB  . ASN A 1 112 ? -9.328  10.952  -10.616 1.00 24.71 ? 112 ASN A CB  1 
ATOM   766  C CG  . ASN A 1 112 ? -8.810  12.319  -10.215 1.00 29.25 ? 112 ASN A CG  1 
ATOM   767  O OD1 . ASN A 1 112 ? -8.017  12.902  -10.954 1.00 24.85 ? 112 ASN A OD1 1 
ATOM   768  N ND2 . ASN A 1 112 ? -9.254  12.804  -9.060  1.00 40.48 ? 112 ASN A ND2 1 
ATOM   769  N N   . THR A 1 113 ? -6.490  10.820  -12.604 1.00 19.13 ? 113 THR A N   1 
ATOM   770  C CA  . THR A 1 113 ? -5.070  10.464  -12.580 1.00 15.92 ? 113 THR A CA  1 
ATOM   771  C C   . THR A 1 113 ? -4.268  11.305  -11.595 1.00 19.00 ? 113 THR A C   1 
ATOM   772  O O   . THR A 1 113 ? -3.047  11.160  -11.491 1.00 16.60 ? 113 THR A O   1 
ATOM   773  C CB  . THR A 1 113 ? -4.482  10.639  -13.987 1.00 17.52 ? 113 THR A CB  1 
ATOM   774  O OG1 . THR A 1 113 ? -4.646  12.004  -14.394 1.00 16.49 ? 113 THR A OG1 1 
ATOM   775  C CG2 . THR A 1 113 ? -5.255  9.799   -14.987 1.00 22.39 ? 113 THR A CG2 1 
ATOM   776  N N   . ALA A 1 114 ? -4.914  12.201  -10.853 1.00 12.86 ? 114 ALA A N   1 
ATOM   777  C CA  . ALA A 1 114 ? -4.173  13.039  -9.917  1.00 15.13 ? 114 ALA A CA  1 
ATOM   778  C C   . ALA A 1 114 ? -3.736  12.249  -8.687  1.00 15.45 ? 114 ALA A C   1 
ATOM   779  O O   . ALA A 1 114 ? -4.424  11.328  -8.257  1.00 12.69 ? 114 ALA A O   1 
ATOM   780  C CB  . ALA A 1 114 ? -4.998  14.216  -9.437  1.00 15.95 ? 114 ALA A CB  1 
ATOM   781  N N   . VAL A 1 115 ? -2.592  12.668  -8.149  1.00 12.61 ? 115 VAL A N   1 
ATOM   782  C CA  . VAL A 1 115 ? -2.202  12.218  -6.815  1.00 16.78 ? 115 VAL A CA  1 
ATOM   783  C C   . VAL A 1 115 ? -3.325  12.624  -5.860  1.00 15.89 ? 115 VAL A C   1 
ATOM   784  O O   . VAL A 1 115 ? -3.820  13.750  -5.983  1.00 14.06 ? 115 VAL A O   1 
ATOM   785  C CB  . VAL A 1 115 ? -0.838  12.805  -6.427  1.00 12.14 ? 115 VAL A CB  1 
ATOM   786  C CG1 . VAL A 1 115 ? -0.551  12.603  -4.946  1.00 12.91 ? 115 VAL A CG1 1 
ATOM   787  C CG2 . VAL A 1 115 ? 0.270   12.186  -7.274  1.00 10.78 ? 115 VAL A CG2 1 
ATOM   788  N N   . GLN A 1 116 ? -3.774  11.771  -4.940  1.00 12.61 ? 116 GLN A N   1 
ATOM   789  C CA  . GLN A 1 116 ? -4.910  12.114  -4.086  1.00 12.32 ? 116 GLN A CA  1 
ATOM   790  C C   . GLN A 1 116 ? -4.525  12.643  -2.711  1.00 8.89  ? 116 GLN A C   1 
ATOM   791  O O   . GLN A 1 116 ? -5.311  13.348  -2.077  1.00 15.20 ? 116 GLN A O   1 
ATOM   792  C CB  . GLN A 1 116 ? -5.804  10.888  -3.885  1.00 15.52 ? 116 GLN A CB  1 
ATOM   793  C CG  . GLN A 1 116 ? -6.308  10.339  -5.221  1.00 16.76 ? 116 GLN A CG  1 
ATOM   794  C CD  . GLN A 1 116 ? -7.333  11.309  -5.781  1.00 18.20 ? 116 GLN A CD  1 
ATOM   795  O OE1 . GLN A 1 116 ? -7.141  11.838  -6.868  1.00 23.98 ? 116 GLN A OE1 1 
ATOM   796  N NE2 . GLN A 1 116 ? -8.382  11.511  -4.999  1.00 23.85 ? 116 GLN A NE2 1 
ATOM   797  N N   . LEU A 1 117 ? -3.339  12.299  -2.250  1.00 11.58 ? 117 LEU A N   1 
ATOM   798  C CA  . LEU A 1 117 ? -2.807  12.859  -1.020  1.00 11.15 ? 117 LEU A CA  1 
ATOM   799  C C   . LEU A 1 117 ? -2.502  14.333  -1.268  1.00 14.69 ? 117 LEU A C   1 
ATOM   800  O O   . LEU A 1 117 ? -2.115  14.686  -2.383  1.00 14.14 ? 117 LEU A O   1 
ATOM   801  C CB  . LEU A 1 117 ? -1.542  12.140  -0.573  1.00 12.76 ? 117 LEU A CB  1 
ATOM   802  C CG  . LEU A 1 117 ? -1.636  10.638  -0.313  1.00 17.31 ? 117 LEU A CG  1 
ATOM   803  C CD1 . LEU A 1 117 ? -0.397  10.124  0.406   1.00 13.60 ? 117 LEU A CD1 1 
ATOM   804  C CD2 . LEU A 1 117 ? -2.897  10.329  0.476   1.00 19.72 ? 117 LEU A CD2 1 
ATOM   805  N N   . SER A 1 118 ? -2.674  15.154  -0.244  1.00 14.46 ? 118 SER A N   1 
ATOM   806  C CA  . SER A 1 118 ? -2.321  16.569  -0.355  1.00 14.75 ? 118 SER A CA  1 
ATOM   807  C C   . SER A 1 118 ? -0.810  16.743  -0.454  1.00 11.77 ? 118 SER A C   1 
ATOM   808  O O   . SER A 1 118 ? -0.050  15.848  -0.091  1.00 10.71 ? 118 SER A O   1 
ATOM   809  C CB  . SER A 1 118 ? -2.860  17.311  0.863   1.00 8.93  ? 118 SER A CB  1 
ATOM   810  O OG  . SER A 1 118 ? -2.158  16.876  2.019   1.00 14.00 ? 118 SER A OG  1 
ATOM   811  N N   . SER A 1 119 ? -0.348  17.899  -0.933  1.00 21.28 ? 119 SER A N   1 
ATOM   812  C CA  . SER A 1 119 ? 1.085   18.178  -1.001  1.00 19.93 ? 119 SER A CA  1 
ATOM   813  C C   . SER A 1 119 ? 1.742   18.111  0.376   1.00 13.72 ? 119 SER A C   1 
ATOM   814  O O   . SER A 1 119 ? 2.884   17.672  0.459   1.00 15.72 ? 119 SER A O   1 
ATOM   815  C CB  . SER A 1 119 ? 1.368   19.563  -1.596  1.00 19.10 ? 119 SER A CB  1 
ATOM   816  O OG  . SER A 1 119 ? 0.513   19.791  -2.701  1.00 33.93 ? 119 SER A OG  1 
ATOM   817  N N   . SER A 1 120 ? 1.027   18.554  1.412   1.00 9.36  ? 120 SER A N   1 
ATOM   818  C CA  . SER A 1 120 ? 1.602   18.525  2.753   1.00 9.91  ? 120 SER A CA  1 
ATOM   819  C C   . SER A 1 120 ? 1.769   17.078  3.190   1.00 11.02 ? 120 SER A C   1 
ATOM   820  O O   . SER A 1 120 ? 2.761   16.694  3.789   1.00 9.91  ? 120 SER A O   1 
ATOM   821  C CB  . SER A 1 120 ? 0.732   19.255  3.779   1.00 10.69 ? 120 SER A CB  1 
ATOM   822  O OG  . SER A 1 120 ? 0.003   20.325  3.222   1.00 34.25 ? 120 SER A OG  1 
ATOM   823  N N   . ALA A 1 121 ? 0.738   16.286  2.879   1.00 10.32 ? 121 ALA A N   1 
ATOM   824  C CA  . ALA A 1 121 ? 0.750   14.888  3.309   1.00 8.02  ? 121 ALA A CA  1 
ATOM   825  C C   . ALA A 1 121 ? 1.832   14.114  2.581   1.00 7.05  ? 121 ALA A C   1 
ATOM   826  O O   . ALA A 1 121 ? 2.568   13.327  3.163   1.00 14.78 ? 121 ALA A O   1 
ATOM   827  C CB  . ALA A 1 121 ? -0.622  14.262  3.110   1.00 12.89 ? 121 ALA A CB  1 
ATOM   828  N N   . VAL A 1 122 ? 1.950   14.337  1.282   1.00 10.51 ? 122 VAL A N   1 
ATOM   829  C CA  . VAL A 1 122 ? 3.030   13.666  0.561   1.00 14.22 ? 122 VAL A CA  1 
ATOM   830  C C   . VAL A 1 122 ? 4.399   13.975  1.146   1.00 14.37 ? 122 VAL A C   1 
ATOM   831  O O   . VAL A 1 122 ? 5.270   13.121  1.237   1.00 10.68 ? 122 VAL A O   1 
ATOM   832  C CB  . VAL A 1 122 ? 3.044   14.096  -0.916  1.00 17.42 ? 122 VAL A CB  1 
ATOM   833  C CG1 . VAL A 1 122 ? 4.265   13.497  -1.592  1.00 10.28 ? 122 VAL A CG1 1 
ATOM   834  C CG2 . VAL A 1 122 ? 1.751   13.690  -1.598  1.00 21.37 ? 122 VAL A CG2 1 
ATOM   835  N N   . ASN A 1 123 ? 4.607   15.228  1.543   1.00 11.06 ? 123 ASN A N   1 
ATOM   836  C CA  . ASN A 1 123 ? 5.872   15.634  2.145   1.00 9.78  ? 123 ASN A CA  1 
ATOM   837  C C   . ASN A 1 123 ? 6.200   14.863  3.418   1.00 10.27 ? 123 ASN A C   1 
ATOM   838  O O   . ASN A 1 123 ? 7.354   14.523  3.670   1.00 15.60 ? 123 ASN A O   1 
ATOM   839  C CB  . ASN A 1 123 ? 5.807   17.134  2.453   1.00 10.03 ? 123 ASN A CB  1 
ATOM   840  C CG  . ASN A 1 123 ? 7.077   17.686  3.052   1.00 17.44 ? 123 ASN A CG  1 
ATOM   841  O OD1 . ASN A 1 123 ? 7.075   18.394  4.059   1.00 30.47 ? 123 ASN A OD1 1 
ATOM   842  N ND2 . ASN A 1 123 ? 8.191   17.369  2.415   1.00 16.86 ? 123 ASN A ND2 1 
ATOM   843  N N   . MET A 1 124 ? 5.203   14.576  4.252   1.00 7.35  ? 124 MET A N   1 
ATOM   844  C CA  . MET A 1 124 ? 5.423   13.914  5.532   1.00 10.36 ? 124 MET A CA  1 
ATOM   845  C C   . MET A 1 124 ? 5.298   12.397  5.456   1.00 13.92 ? 124 MET A C   1 
ATOM   846  O O   . MET A 1 124 ? 5.663   11.698  6.401   1.00 9.37  ? 124 MET A O   1 
ATOM   847  C CB  . MET A 1 124 ? 4.448   14.487  6.575   1.00 9.89  ? 124 MET A CB  1 
ATOM   848  C CG  . MET A 1 124 ? 4.849   15.915  6.961   1.00 14.95 ? 124 MET A CG  1 
ATOM   849  S SD  . MET A 1 124 ? 6.601   16.023  7.404   1.00 28.76 ? 124 MET A SD  1 
ATOM   850  C CE  . MET A 1 124 ? 6.622   14.953  8.822   1.00 13.34 ? 124 MET A CE  1 
ATOM   851  N N   . VAL A 1 125 ? 4.816   11.870  4.332   1.00 14.94 ? 125 VAL A N   1 
ATOM   852  C CA  . VAL A 1 125 ? 4.973   10.435  4.079   1.00 14.62 ? 125 VAL A CA  1 
ATOM   853  C C   . VAL A 1 125 ? 6.460   10.185  3.842   1.00 12.78 ? 125 VAL A C   1 
ATOM   854  O O   . VAL A 1 125 ? 7.016   10.713  2.881   1.00 13.97 ? 125 VAL A O   1 
ATOM   855  C CB  . VAL A 1 125 ? 4.164   9.915   2.880   1.00 10.46 ? 125 VAL A CB  1 
ATOM   856  C CG1 . VAL A 1 125 ? 4.450   8.433   2.638   1.00 16.22 ? 125 VAL A CG1 1 
ATOM   857  C CG2 . VAL A 1 125 ? 2.671   10.082  3.058   1.00 11.56 ? 125 VAL A CG2 1 
ATOM   858  N N   . LYS A 1 126 ? 7.119   9.414   4.692   1.00 10.71 ? 126 LYS A N   1 
ATOM   859  C CA  . LYS A 1 126 ? 8.547   9.153   4.616   1.00 8.48  ? 126 LYS A CA  1 
ATOM   860  C C   . LYS A 1 126 ? 8.882   7.779   4.034   1.00 11.97 ? 126 LYS A C   1 
ATOM   861  O O   . LYS A 1 126 ? 9.982   7.567   3.531   1.00 13.02 ? 126 LYS A O   1 
ATOM   862  C CB  . LYS A 1 126 ? 9.186   9.219   6.014   1.00 11.10 ? 126 LYS A CB  1 
ATOM   863  C CG  . LYS A 1 126 ? 8.889   10.513  6.754   1.00 19.48 ? 126 LYS A CG  1 
ATOM   864  C CD  . LYS A 1 126 ? 9.641   11.655  6.094   1.00 20.64 ? 126 LYS A CD  1 
ATOM   865  C CE  . LYS A 1 126 ? 8.705   12.637  5.429   1.00 31.54 ? 126 LYS A CE  1 
ATOM   866  N NZ  . LYS A 1 126 ? 9.372   13.966  5.283   1.00 32.79 ? 126 LYS A NZ  1 
ATOM   867  N N   . ALA A 1 127 ? 7.939   6.842   4.121   1.00 13.17 ? 127 ALA A N   1 
ATOM   868  C CA  . ALA A 1 127 ? 8.130   5.504   3.585   1.00 12.32 ? 127 ALA A CA  1 
ATOM   869  C C   . ALA A 1 127 ? 6.784   4.825   3.319   1.00 10.74 ? 127 ALA A C   1 
ATOM   870  O O   . ALA A 1 127 ? 5.881   4.919   4.151   1.00 12.47 ? 127 ALA A O   1 
ATOM   871  C CB  . ALA A 1 127 ? 8.942   4.632   4.530   1.00 12.75 ? 127 ALA A CB  1 
ATOM   872  N N   . ALA A 1 128 ? 6.715   4.162   2.173   1.00 9.98  ? 128 ALA A N   1 
ATOM   873  C CA  . ALA A 1 128 ? 5.544   3.384   1.793   1.00 11.45 ? 128 ALA A CA  1 
ATOM   874  C C   . ALA A 1 128 ? 5.970   1.970   1.383   1.00 10.77 ? 128 ALA A C   1 
ATOM   875  O O   . ALA A 1 128 ? 6.882   1.821   0.580   1.00 11.49 ? 128 ALA A O   1 
ATOM   876  C CB  . ALA A 1 128 ? 4.776   4.069   0.685   1.00 8.97  ? 128 ALA A CB  1 
ATOM   877  N N   . ILE A 1 129 ? 5.311   0.978   1.957   1.00 9.04  ? 129 ILE A N   1 
ATOM   878  C CA  . ILE A 1 129 ? 5.617   -0.431  1.768   1.00 9.00  ? 129 ILE A CA  1 
ATOM   879  C C   . ILE A 1 129 ? 4.384   -1.075  1.129   1.00 8.32  ? 129 ILE A C   1 
ATOM   880  O O   . ILE A 1 129 ? 3.310   -1.060  1.726   1.00 8.70  ? 129 ILE A O   1 
ATOM   881  C CB  . ILE A 1 129 ? 5.989   -1.158  3.067   1.00 12.45 ? 129 ILE A CB  1 
ATOM   882  C CG1 . ILE A 1 129 ? 7.182   -0.577  3.830   1.00 10.53 ? 129 ILE A CG1 1 
ATOM   883  C CG2 . ILE A 1 129 ? 6.255   -2.638  2.808   1.00 17.00 ? 129 ILE A CG2 1 
ATOM   884  C CD1 . ILE A 1 129 ? 8.488   -0.642  3.072   1.00 13.33 ? 129 ILE A CD1 1 
ATOM   885  N N   . PHE A 1 130 ? 4.563   -1.593  -0.072  1.00 8.67  ? 130 PHE A N   1 
ATOM   886  C CA  . PHE A 1 130 ? 3.540   -2.356  -0.771  1.00 8.19  ? 130 PHE A CA  1 
ATOM   887  C C   . PHE A 1 130 ? 3.988   -3.810  -0.937  1.00 10.75 ? 130 PHE A C   1 
ATOM   888  O O   . PHE A 1 130 ? 5.114   -4.063  -1.359  1.00 10.10 ? 130 PHE A O   1 
ATOM   889  C CB  . PHE A 1 130 ? 3.221   -1.801  -2.155  1.00 8.54  ? 130 PHE A CB  1 
ATOM   890  C CG  . PHE A 1 130 ? 2.916   -0.320  -2.208  1.00 11.58 ? 130 PHE A CG  1 
ATOM   891  C CD1 . PHE A 1 130 ? 2.406   0.336   -1.101  1.00 12.57 ? 130 PHE A CD1 1 
ATOM   892  C CD2 . PHE A 1 130 ? 3.144   0.382   -3.374  1.00 16.35 ? 130 PHE A CD2 1 
ATOM   893  C CE1 . PHE A 1 130 ? 2.130   1.688   -1.142  1.00 11.82 ? 130 PHE A CE1 1 
ATOM   894  C CE2 . PHE A 1 130 ? 2.859   1.734   -3.417  1.00 19.60 ? 130 PHE A CE2 1 
ATOM   895  C CZ  . PHE A 1 130 ? 2.361   2.384   -2.308  1.00 8.19  ? 130 PHE A CZ  1 
ATOM   896  N N   . MET A 1 131 ? 3.100   -4.748  -0.619  1.00 8.44  ? 131 MET A N   1 
ATOM   897  C CA  . MET A 1 131 ? 3.404   -6.159  -0.831  1.00 9.19  ? 131 MET A CA  1 
ATOM   898  C C   . MET A 1 131 ? 2.332   -6.822  -1.679  1.00 8.74  ? 131 MET A C   1 
ATOM   899  O O   . MET A 1 131 ? 1.160   -6.715  -1.330  1.00 9.59  ? 131 MET A O   1 
ATOM   900  C CB  . MET A 1 131 ? 3.530   -6.843  0.528   1.00 6.17  ? 131 MET A CB  1 
ATOM   901  C CG  . MET A 1 131 ? 4.808   -6.427  1.251   1.00 11.02 ? 131 MET A CG  1 
ATOM   902  S SD  . MET A 1 131 ? 4.871   -7.148  2.904   1.00 18.49 ? 131 MET A SD  1 
ATOM   903  C CE  . MET A 1 131 ? 6.614   -6.998  3.282   1.00 27.46 ? 131 MET A CE  1 
ATOM   904  N N   . GLY A 1 132 ? 2.708   -7.478  -2.775  1.00 7.51  ? 132 GLY A N   1 
ATOM   905  C CA  . GLY A 1 132 ? 1.702   -8.177  -3.565  1.00 11.15 ? 132 GLY A CA  1 
ATOM   906  C C   . GLY A 1 132 ? 0.766   -7.283  -4.349  1.00 9.64  ? 132 GLY A C   1 
ATOM   907  O O   . GLY A 1 132 ? -0.337  -7.722  -4.682  1.00 10.71 ? 132 GLY A O   1 
ATOM   908  N N   . ASP A 1 133 ? 1.162   -6.060  -4.652  1.00 10.26 ? 133 ASP A N   1 
ATOM   909  C CA  . ASP A 1 133 ? 0.403   -5.020  -5.343  1.00 8.43  ? 133 ASP A CA  1 
ATOM   910  C C   . ASP A 1 133 ? 0.099   -5.388  -6.788  1.00 9.90  ? 133 ASP A C   1 
ATOM   911  O O   . ASP A 1 133 ? 1.004   -5.451  -7.612  1.00 8.48  ? 133 ASP A O   1 
ATOM   912  C CB  . ASP A 1 133 ? 1.197   -3.718  -5.287  1.00 10.31 ? 133 ASP A CB  1 
ATOM   913  C CG  . ASP A 1 133 ? 0.575   -2.506  -5.917  1.00 12.94 ? 133 ASP A CG  1 
ATOM   914  O OD1 . ASP A 1 133 ? -0.522  -2.601  -6.499  1.00 9.86  ? 133 ASP A OD1 1 
ATOM   915  O OD2 . ASP A 1 133 ? 1.200   -1.422  -5.823  1.00 13.60 ? 133 ASP A OD2 1 
ATOM   916  N N   . PRO A 1 134 ? -1.157  -5.649  -7.129  1.00 8.91  ? 134 PRO A N   1 
ATOM   917  C CA  . PRO A 1 134 ? -1.502  -5.995  -8.505  1.00 10.19 ? 134 PRO A CA  1 
ATOM   918  C C   . PRO A 1 134 ? -1.135  -4.929  -9.527  1.00 15.43 ? 134 PRO A C   1 
ATOM   919  O O   . PRO A 1 134 ? -1.217  -5.258  -10.714 1.00 13.11 ? 134 PRO A O   1 
ATOM   920  C CB  . PRO A 1 134 ? -3.029  -6.147  -8.453  1.00 11.11 ? 134 PRO A CB  1 
ATOM   921  C CG  . PRO A 1 134 ? -3.271  -6.549  -7.037  1.00 12.16 ? 134 PRO A CG  1 
ATOM   922  C CD  . PRO A 1 134 ? -2.325  -5.682  -6.242  1.00 9.17  ? 134 PRO A CD  1 
ATOM   923  N N   . MET A 1 135 ? -0.740  -3.719  -9.132  1.00 9.41  ? 135 MET A N   1 
ATOM   924  C CA  . MET A 1 135 ? -0.279  -2.723  -10.092 1.00 7.50  ? 135 MET A CA  1 
ATOM   925  C C   . MET A 1 135 ? 1.203   -2.892  -10.387 1.00 5.57  ? 135 MET A C   1 
ATOM   926  O O   . MET A 1 135 ? 1.800   -2.083  -11.100 1.00 9.97  ? 135 MET A O   1 
ATOM   927  C CB  . MET A 1 135 ? -0.562  -1.305  -9.590  1.00 9.79  ? 135 MET A CB  1 
ATOM   928  C CG  . MET A 1 135 ? -2.008  -1.103  -9.150  1.00 13.06 ? 135 MET A CG  1 
ATOM   929  S SD  . MET A 1 135 ? -2.422  0.654   -9.132  1.00 16.39 ? 135 MET A SD  1 
ATOM   930  C CE  . MET A 1 135 ? -2.573  0.958   -10.887 1.00 19.25 ? 135 MET A CE  1 
ATOM   931  N N   . PHE A 1 136 ? 1.819   -3.943  -9.836  1.00 7.61  ? 136 PHE A N   1 
ATOM   932  C CA  . PHE A 1 136 ? 3.248   -4.145  -10.051 1.00 7.25  ? 136 PHE A CA  1 
ATOM   933  C C   . PHE A 1 136 ? 3.553   -4.305  -11.538 1.00 12.60 ? 136 PHE A C   1 
ATOM   934  O O   . PHE A 1 136 ? 2.857   -5.005  -12.277 1.00 7.83  ? 136 PHE A O   1 
ATOM   935  C CB  . PHE A 1 136 ? 3.729   -5.358  -9.273  1.00 8.77  ? 136 PHE A CB  1 
ATOM   936  C CG  . PHE A 1 136 ? 5.225   -5.586  -9.147  1.00 11.71 ? 136 PHE A CG  1 
ATOM   937  C CD1 . PHE A 1 136 ? 5.928   -6.250  -10.136 1.00 10.05 ? 136 PHE A CD1 1 
ATOM   938  C CD2 . PHE A 1 136 ? 5.941   -5.160  -8.042  1.00 9.75  ? 136 PHE A CD2 1 
ATOM   939  C CE1 . PHE A 1 136 ? 7.289   -6.487  -10.033 1.00 10.77 ? 136 PHE A CE1 1 
ATOM   940  C CE2 . PHE A 1 136 ? 7.296   -5.388  -7.926  1.00 11.27 ? 136 PHE A CE2 1 
ATOM   941  C CZ  . PHE A 1 136 ? 7.983   -6.063  -8.920  1.00 10.68 ? 136 PHE A CZ  1 
ATOM   942  N N   . ARG A 1 137 ? 4.626   -3.621  -11.926 1.00 9.34  ? 137 ARG A N   1 
ATOM   943  C CA  . ARG A 1 137 ? 5.210   -3.770  -13.241 1.00 6.40  ? 137 ARG A CA  1 
ATOM   944  C C   . ARG A 1 137 ? 6.732   -3.677  -13.171 1.00 9.86  ? 137 ARG A C   1 
ATOM   945  O O   . ARG A 1 137 ? 7.265   -2.625  -12.827 1.00 12.24 ? 137 ARG A O   1 
ATOM   946  C CB  . ARG A 1 137 ? 4.664   -2.731  -14.224 1.00 10.58 ? 137 ARG A CB  1 
ATOM   947  C CG  . ARG A 1 137 ? 4.851   -3.204  -15.654 1.00 18.78 ? 137 ARG A CG  1 
ATOM   948  C CD  . ARG A 1 137 ? 5.120   -2.079  -16.627 1.00 32.99 ? 137 ARG A CD  1 
ATOM   949  N NE  . ARG A 1 137 ? 5.258   -2.643  -17.978 1.00 44.22 ? 137 ARG A NE  1 
ATOM   950  C CZ  . ARG A 1 137 ? 4.286   -2.793  -18.867 1.00 41.48 ? 137 ARG A CZ  1 
ATOM   951  N NH1 . ARG A 1 137 ? 3.041   -2.422  -18.588 1.00 23.42 ? 137 ARG A NH1 1 
ATOM   952  N NH2 . ARG A 1 137 ? 4.553   -3.320  -20.062 1.00 30.33 ? 137 ARG A NH2 1 
ATOM   953  N N   . ALA A 1 138 ? 7.401   -4.781  -13.498 1.00 7.99  ? 138 ALA A N   1 
ATOM   954  C CA  . ALA A 1 138 ? 8.859   -4.819  -13.415 1.00 13.39 ? 138 ALA A CA  1 
ATOM   955  C C   . ALA A 1 138 ? 9.484   -3.656  -14.176 1.00 16.43 ? 138 ALA A C   1 
ATOM   956  O O   . ALA A 1 138 ? 9.009   -3.237  -15.231 1.00 12.86 ? 138 ALA A O   1 
ATOM   957  C CB  . ALA A 1 138 ? 9.401   -6.145  -13.925 1.00 12.12 ? 138 ALA A CB  1 
ATOM   958  N N   . GLY A 1 139 ? 10.567  -3.105  -13.635 1.00 18.30 ? 139 GLY A N   1 
ATOM   959  C CA  . GLY A 1 139 ? 11.278  -2.043  -14.329 1.00 17.99 ? 139 GLY A CA  1 
ATOM   960  C C   . GLY A 1 139 ? 11.124  -0.702  -13.640 1.00 17.05 ? 139 GLY A C   1 
ATOM   961  O O   . GLY A 1 139 ? 11.676  0.291   -14.118 1.00 17.20 ? 139 GLY A O   1 
ATOM   962  N N   . LEU A 1 140 ? 10.381  -0.648  -12.538 1.00 12.85 ? 140 LEU A N   1 
ATOM   963  C CA  . LEU A 1 140 ? 10.250  0.605   -11.792 1.00 15.25 ? 140 LEU A CA  1 
ATOM   964  C C   . LEU A 1 140 ? 11.301  0.677   -10.692 1.00 15.87 ? 140 LEU A C   1 
ATOM   965  O O   . LEU A 1 140 ? 11.656  -0.335  -10.087 1.00 14.57 ? 140 LEU A O   1 
ATOM   966  C CB  . LEU A 1 140 ? 8.832   0.734   -11.231 1.00 17.39 ? 140 LEU A CB  1 
ATOM   967  C CG  . LEU A 1 140 ? 7.696   0.830   -12.249 1.00 16.56 ? 140 LEU A CG  1 
ATOM   968  C CD1 . LEU A 1 140 ? 6.333   0.890   -11.565 1.00 13.42 ? 140 LEU A CD1 1 
ATOM   969  C CD2 . LEU A 1 140 ? 7.897   2.046   -13.140 1.00 30.05 ? 140 LEU A CD2 1 
ATOM   970  N N   . SER A 1 141 ? 11.838  1.868   -10.407 1.00 14.62 ? 141 SER A N   1 
ATOM   971  C CA  . SER A 1 141 ? 12.972  1.965   -9.491  1.00 15.97 ? 141 SER A CA  1 
ATOM   972  C C   . SER A 1 141 ? 12.641  1.546   -8.071  1.00 14.38 ? 141 SER A C   1 
ATOM   973  O O   . SER A 1 141 ? 13.511  1.184   -7.276  1.00 18.06 ? 141 SER A O   1 
ATOM   974  C CB  . SER A 1 141 ? 13.508  3.407   -9.491  1.00 19.30 ? 141 SER A CB  1 
ATOM   975  O OG  . SER A 1 141 ? 12.563  4.288   -8.891  1.00 21.13 ? 141 SER A OG  1 
ATOM   976  N N   . TYR A 1 142 ? 11.362  1.597   -7.707  1.00 12.08 ? 142 TYR A N   1 
ATOM   977  C CA  . TYR A 1 142 ? 11.001  1.316   -6.323  1.00 10.26 ? 142 TYR A CA  1 
ATOM   978  C C   . TYR A 1 142 ? 10.600  -0.130  -6.086  1.00 10.94 ? 142 TYR A C   1 
ATOM   979  O O   . TYR A 1 142 ? 10.083  -0.501  -5.038  1.00 16.99 ? 142 TYR A O   1 
ATOM   980  C CB  . TYR A 1 142 ? 9.856   2.221   -5.898  1.00 13.20 ? 142 TYR A CB  1 
ATOM   981  C CG  . TYR A 1 142 ? 8.729   2.544   -6.833  1.00 12.50 ? 142 TYR A CG  1 
ATOM   982  C CD1 . TYR A 1 142 ? 8.844   3.577   -7.754  1.00 17.75 ? 142 TYR A CD1 1 
ATOM   983  C CD2 . TYR A 1 142 ? 7.532   1.845   -6.801  1.00 14.50 ? 142 TYR A CD2 1 
ATOM   984  C CE1 . TYR A 1 142 ? 7.824   3.900   -8.618  1.00 16.13 ? 142 TYR A CE1 1 
ATOM   985  C CE2 . TYR A 1 142 ? 6.499   2.159   -7.664  1.00 12.22 ? 142 TYR A CE2 1 
ATOM   986  C CZ  . TYR A 1 142 ? 6.646   3.183   -8.564  1.00 14.16 ? 142 TYR A CZ  1 
ATOM   987  O OH  . TYR A 1 142 ? 5.640   3.514   -9.434  1.00 17.85 ? 142 TYR A OH  1 
ATOM   988  N N   . GLU A 1 143 ? 10.836  -1.001  -7.061  1.00 8.61  ? 143 GLU A N   1 
ATOM   989  C CA  . GLU A 1 143 ? 10.356  -2.363  -6.870  1.00 11.90 ? 143 GLU A CA  1 
ATOM   990  C C   . GLU A 1 143 ? 11.473  -3.330  -6.539  1.00 16.08 ? 143 GLU A C   1 
ATOM   991  O O   . GLU A 1 143 ? 12.623  -3.227  -6.970  1.00 15.02 ? 143 GLU A O   1 
ATOM   992  C CB  . GLU A 1 143 ? 9.627   -2.801  -8.154  1.00 11.40 ? 143 GLU A CB  1 
ATOM   993  C CG  . GLU A 1 143 ? 8.395   -1.950  -8.433  1.00 11.45 ? 143 GLU A CG  1 
ATOM   994  C CD  . GLU A 1 143 ? 7.750   -2.307  -9.760  1.00 14.01 ? 143 GLU A CD  1 
ATOM   995  O OE1 . GLU A 1 143 ? 8.505   -2.636  -10.696 1.00 10.37 ? 143 GLU A OE1 1 
ATOM   996  O OE2 . GLU A 1 143 ? 6.509   -2.250  -9.836  1.00 12.16 ? 143 GLU A OE2 1 
ATOM   997  N N   . VAL A 1 144 ? 11.093  -4.328  -5.747  1.00 12.13 ? 144 VAL A N   1 
ATOM   998  C CA  . VAL A 1 144 ? 12.063  -5.388  -5.474  1.00 13.33 ? 144 VAL A CA  1 
ATOM   999  C C   . VAL A 1 144 ? 11.350  -6.728  -5.559  1.00 13.79 ? 144 VAL A C   1 
ATOM   1000 O O   . VAL A 1 144 ? 10.137  -6.835  -5.346  1.00 12.40 ? 144 VAL A O   1 
ATOM   1001 C CB  . VAL A 1 144 ? 12.763  -5.119  -4.131  1.00 18.53 ? 144 VAL A CB  1 
ATOM   1002 C CG1 . VAL A 1 144 ? 11.905  -4.190  -3.292  1.00 35.57 ? 144 VAL A CG1 1 
ATOM   1003 C CG2 . VAL A 1 144 ? 13.092  -6.404  -3.386  1.00 12.99 ? 144 VAL A CG2 1 
ATOM   1004 N N   . GLY A 1 145 ? 12.098  -7.767  -5.902  1.00 12.99 ? 145 GLY A N   1 
ATOM   1005 C CA  . GLY A 1 145 ? 11.533  -9.099  -6.018  1.00 16.62 ? 145 GLY A CA  1 
ATOM   1006 C C   . GLY A 1 145 ? 11.853  -9.753  -7.342  1.00 13.06 ? 145 GLY A C   1 
ATOM   1007 O O   . GLY A 1 145 ? 12.409  -9.140  -8.254  1.00 11.99 ? 145 GLY A O   1 
ATOM   1008 N N   . THR A 1 146 ? 11.485  -11.028 -7.470  1.00 15.73 ? 146 THR A N   1 
ATOM   1009 C CA  . THR A 1 146 ? 11.884  -11.733 -8.691  1.00 14.97 ? 146 THR A CA  1 
ATOM   1010 C C   . THR A 1 146 ? 10.905  -11.620 -9.850  1.00 16.59 ? 146 THR A C   1 
ATOM   1011 O O   . THR A 1 146 ? 11.176  -12.120 -10.955 1.00 15.49 ? 146 THR A O   1 
ATOM   1012 C CB  . THR A 1 146 ? 12.175  -13.206 -8.330  1.00 16.54 ? 146 THR A CB  1 
ATOM   1013 O OG1 . THR A 1 146 ? 11.207  -13.741 -7.456  1.00 20.77 ? 146 THR A OG1 1 
ATOM   1014 C CG2 . THR A 1 146 ? 13.449  -13.292 -7.491  1.00 17.12 ? 146 THR A CG2 1 
ATOM   1015 N N   . CYS A 1 147 ? 9.761   -10.965 -9.707  1.00 9.65  ? 147 CYS A N   1 
ATOM   1016 C CA  . CYS A 1 147 ? 8.833   -10.783 -10.815 1.00 4.30  ? 147 CYS A CA  1 
ATOM   1017 C C   . CYS A 1 147 ? 9.422   -9.970  -11.952 1.00 7.57  ? 147 CYS A C   1 
ATOM   1018 O O   . CYS A 1 147 ? 9.822   -8.818  -11.754 1.00 11.33 ? 147 CYS A O   1 
ATOM   1019 C CB  . CYS A 1 147 ? 7.551   -10.103 -10.309 1.00 8.71  ? 147 CYS A CB  1 
ATOM   1020 S SG  . CYS A 1 147 ? 6.348   -9.804  -11.625 1.00 10.74 ? 147 CYS A SG  1 
ATOM   1021 N N   . ALA A 1 148 ? 9.493   -10.528 -13.162 1.00 8.65  ? 148 ALA A N   1 
ATOM   1022 C CA  . ALA A 1 148 ? 10.031  -9.756  -14.281 1.00 6.67  ? 148 ALA A CA  1 
ATOM   1023 C C   . ALA A 1 148 ? 8.933   -9.394  -15.276 1.00 11.82 ? 148 ALA A C   1 
ATOM   1024 O O   . ALA A 1 148 ? 9.216   -8.999  -16.409 1.00 10.69 ? 148 ALA A O   1 
ATOM   1025 C CB  . ALA A 1 148 ? 11.163  -10.506 -14.964 1.00 9.37  ? 148 ALA A CB  1 
ATOM   1026 N N   . ALA A 1 149 ? 7.681   -9.529  -14.839 1.00 11.01 ? 149 ALA A N   1 
ATOM   1027 C CA  . ALA A 1 149 ? 6.538   -9.193  -15.695 1.00 9.10  ? 149 ALA A CA  1 
ATOM   1028 C C   . ALA A 1 149 ? 5.647   -8.162  -15.012 1.00 10.63 ? 149 ALA A C   1 
ATOM   1029 O O   . ALA A 1 149 ? 6.058   -7.011  -14.810 1.00 19.02 ? 149 ALA A O   1 
ATOM   1030 C CB  . ALA A 1 149 ? 5.775   -10.446 -16.099 1.00 12.63 ? 149 ALA A CB  1 
ATOM   1031 N N   . GLY A 1 150 ? 4.420   -8.482  -14.626 1.00 9.45  ? 150 GLY A N   1 
ATOM   1032 C CA  . GLY A 1 150 ? 3.590   -7.495  -13.947 1.00 12.93 ? 150 GLY A CA  1 
ATOM   1033 C C   . GLY A 1 150 ? 2.235   -8.119  -13.631 1.00 12.72 ? 150 GLY A C   1 
ATOM   1034 O O   . GLY A 1 150 ? 2.030   -9.222  -14.144 1.00 9.97  ? 150 GLY A O   1 
ATOM   1035 N N   . GLY A 1 151 ? 1.412   -7.448  -12.847 1.00 13.08 ? 151 GLY A N   1 
ATOM   1036 C CA  . GLY A 1 151 ? 0.129   -7.913  -12.347 1.00 10.38 ? 151 GLY A CA  1 
ATOM   1037 C C   . GLY A 1 151 ? -1.078  -7.576  -13.188 1.00 8.11  ? 151 GLY A C   1 
ATOM   1038 O O   . GLY A 1 151 ? -0.989  -6.968  -14.260 1.00 9.82  ? 151 GLY A O   1 
ATOM   1039 N N   . PHE A 1 152 ? -2.275  -7.938  -12.721 1.00 10.83 ? 152 PHE A N   1 
ATOM   1040 C CA  . PHE A 1 152 ? -3.478  -7.800  -13.542 1.00 11.77 ? 152 PHE A CA  1 
ATOM   1041 C C   . PHE A 1 152 ? -3.887  -6.342  -13.724 1.00 9.22  ? 152 PHE A C   1 
ATOM   1042 O O   . PHE A 1 152 ? -4.617  -6.004  -14.654 1.00 12.58 ? 152 PHE A O   1 
ATOM   1043 C CB  . PHE A 1 152 ? -4.576  -8.689  -12.976 1.00 8.40  ? 152 PHE A CB  1 
ATOM   1044 C CG  . PHE A 1 152 ? -5.177  -8.403  -11.621 1.00 10.01 ? 152 PHE A CG  1 
ATOM   1045 C CD1 . PHE A 1 152 ? -5.950  -7.286  -11.350 1.00 10.39 ? 152 PHE A CD1 1 
ATOM   1046 C CD2 . PHE A 1 152 ? -4.958  -9.300  -10.584 1.00 14.16 ? 152 PHE A CD2 1 
ATOM   1047 C CE1 . PHE A 1 152 ? -6.489  -7.044  -10.103 1.00 11.87 ? 152 PHE A CE1 1 
ATOM   1048 C CE2 . PHE A 1 152 ? -5.489  -9.079  -9.323  1.00 12.96 ? 152 PHE A CE2 1 
ATOM   1049 C CZ  . PHE A 1 152 ? -6.244  -7.945  -9.081  1.00 11.34 ? 152 PHE A CZ  1 
ATOM   1050 N N   . ASP A 1 153 ? -3.425  -5.443  -12.869 1.00 8.18  ? 153 ASP A N   1 
ATOM   1051 C CA  . ASP A 1 153 ? -3.650  -4.013  -13.024 1.00 7.72  ? 153 ASP A CA  1 
ATOM   1052 C C   . ASP A 1 153 ? -2.326  -3.267  -13.196 1.00 13.04 ? 153 ASP A C   1 
ATOM   1053 O O   . ASP A 1 153 ? -2.158  -2.130  -12.747 1.00 11.21 ? 153 ASP A O   1 
ATOM   1054 C CB  . ASP A 1 153 ? -4.385  -3.427  -11.819 1.00 12.96 ? 153 ASP A CB  1 
ATOM   1055 C CG  . ASP A 1 153 ? -5.844  -3.802  -11.686 1.00 13.88 ? 153 ASP A CG  1 
ATOM   1056 O OD1 . ASP A 1 153 ? -6.431  -4.256  -12.687 1.00 10.58 ? 153 ASP A OD1 1 
ATOM   1057 O OD2 . ASP A 1 153 ? -6.410  -3.639  -10.580 1.00 8.29  ? 153 ASP A OD2 1 
ATOM   1058 N N   . GLN A 1 154 ? -1.354  -3.905  -13.846 1.00 15.84 ? 154 GLN A N   1 
ATOM   1059 C CA  . GLN A 1 154 ? -0.007  -3.348  -13.947 1.00 10.06 ? 154 GLN A CA  1 
ATOM   1060 C C   . GLN A 1 154 ? 0.045   -1.931  -14.474 1.00 9.32  ? 154 GLN A C   1 
ATOM   1061 O O   . GLN A 1 154 ? -0.641  -1.482  -15.391 1.00 10.25 ? 154 GLN A O   1 
ATOM   1062 C CB  . GLN A 1 154 ? 0.845   -4.229  -14.876 1.00 9.72  ? 154 GLN A CB  1 
ATOM   1063 C CG  . GLN A 1 154 ? 0.591   -3.960  -16.347 1.00 13.00 ? 154 GLN A CG  1 
ATOM   1064 C CD  . GLN A 1 154 ? 1.151   -5.021  -17.273 1.00 23.49 ? 154 GLN A CD  1 
ATOM   1065 O OE1 . GLN A 1 154 ? 0.863   -5.086  -18.469 1.00 48.73 ? 154 GLN A OE1 1 
ATOM   1066 N NE2 . GLN A 1 154 ? 1.981   -5.903  -16.760 1.00 15.86 ? 154 GLN A NE2 1 
ATOM   1067 N N   . ARG A 1 155 ? 0.949   -1.146  -13.878 1.00 10.58 ? 155 ARG A N   1 
ATOM   1068 C CA  . ARG A 1 155 ? 1.189   0.165   -14.470 1.00 11.49 ? 155 ARG A CA  1 
ATOM   1069 C C   . ARG A 1 155 ? 1.674   0.000   -15.911 1.00 11.25 ? 155 ARG A C   1 
ATOM   1070 O O   . ARG A 1 155 ? 2.225   -1.014  -16.350 1.00 9.02  ? 155 ARG A O   1 
ATOM   1071 C CB  . ARG A 1 155 ? 2.232   0.953   -13.677 1.00 15.00 ? 155 ARG A CB  1 
ATOM   1072 C CG  . ARG A 1 155 ? 1.903   1.241   -12.226 1.00 14.39 ? 155 ARG A CG  1 
ATOM   1073 C CD  . ARG A 1 155 ? 0.936   2.394   -12.094 1.00 12.90 ? 155 ARG A CD  1 
ATOM   1074 N NE  . ARG A 1 155 ? 0.766   2.880   -10.721 1.00 13.26 ? 155 ARG A NE  1 
ATOM   1075 C CZ  . ARG A 1 155 ? -0.090  3.860   -10.432 1.00 9.28  ? 155 ARG A CZ  1 
ATOM   1076 N NH1 . ARG A 1 155 ? -0.809  4.414   -11.398 1.00 20.09 ? 155 ARG A NH1 1 
ATOM   1077 N NH2 . ARG A 1 155 ? -0.265  4.319   -9.214  1.00 11.24 ? 155 ARG A NH2 1 
ATOM   1078 N N   . PRO A 1 156 ? 1.451   1.055   -16.681 1.00 12.10 ? 156 PRO A N   1 
ATOM   1079 C CA  . PRO A 1 156 ? 1.952   1.068   -18.051 1.00 17.06 ? 156 PRO A CA  1 
ATOM   1080 C C   . PRO A 1 156 ? 3.469   1.267   -18.084 1.00 19.34 ? 156 PRO A C   1 
ATOM   1081 O O   . PRO A 1 156 ? 4.067   1.725   -17.112 1.00 17.42 ? 156 PRO A O   1 
ATOM   1082 C CB  . PRO A 1 156 ? 1.267   2.277   -18.676 1.00 13.45 ? 156 PRO A CB  1 
ATOM   1083 C CG  . PRO A 1 156 ? 0.836   3.127   -17.541 1.00 20.77 ? 156 PRO A CG  1 
ATOM   1084 C CD  . PRO A 1 156 ? 0.722   2.270   -16.315 1.00 17.52 ? 156 PRO A CD  1 
ATOM   1085 N N   . ALA A 1 157 ? 4.047   0.907   -19.223 1.00 17.94 ? 157 ALA A N   1 
ATOM   1086 C CA  . ALA A 1 157 ? 5.470   1.099   -19.471 1.00 23.86 ? 157 ALA A CA  1 
ATOM   1087 C C   . ALA A 1 157 ? 5.783   2.591   -19.403 1.00 23.98 ? 157 ALA A C   1 
ATOM   1088 O O   . ALA A 1 157 ? 4.989   3.364   -19.947 1.00 28.03 ? 157 ALA A O   1 
ATOM   1089 C CB  . ALA A 1 157 ? 5.878   0.537   -20.825 1.00 19.51 ? 157 ALA A CB  1 
ATOM   1090 N N   . GLY A 1 158 ? 6.883   2.928   -18.750 1.00 23.50 ? 158 GLY A N   1 
ATOM   1091 C CA  . GLY A 1 158 ? 7.309   4.316   -18.661 1.00 27.38 ? 158 GLY A CA  1 
ATOM   1092 C C   . GLY A 1 158 ? 6.618   5.091   -17.566 1.00 30.78 ? 158 GLY A C   1 
ATOM   1093 O O   . GLY A 1 158 ? 6.733   6.313   -17.459 1.00 30.81 ? 158 GLY A O   1 
ATOM   1094 N N   . PHE A 1 159 ? 5.870   4.392   -16.711 1.00 23.72 ? 159 PHE A N   1 
ATOM   1095 C CA  . PHE A 1 159 ? 5.233   5.097   -15.607 1.00 20.76 ? 159 PHE A CA  1 
ATOM   1096 C C   . PHE A 1 159 ? 6.302   5.618   -14.661 1.00 15.68 ? 159 PHE A C   1 
ATOM   1097 O O   . PHE A 1 159 ? 7.303   4.940   -14.461 1.00 19.52 ? 159 PHE A O   1 
ATOM   1098 C CB  . PHE A 1 159 ? 4.303   4.173   -14.836 1.00 21.58 ? 159 PHE A CB  1 
ATOM   1099 C CG  . PHE A 1 159 ? 3.570   4.823   -13.679 1.00 15.90 ? 159 PHE A CG  1 
ATOM   1100 C CD1 . PHE A 1 159 ? 2.484   5.657   -13.901 1.00 19.53 ? 159 PHE A CD1 1 
ATOM   1101 C CD2 . PHE A 1 159 ? 3.974   4.596   -12.379 1.00 17.57 ? 159 PHE A CD2 1 
ATOM   1102 C CE1 . PHE A 1 159 ? 1.825   6.244   -12.838 1.00 19.08 ? 159 PHE A CE1 1 
ATOM   1103 C CE2 . PHE A 1 159 ? 3.307   5.171   -11.310 1.00 15.51 ? 159 PHE A CE2 1 
ATOM   1104 C CZ  . PHE A 1 159 ? 2.221   5.986   -11.536 1.00 12.38 ? 159 PHE A CZ  1 
ATOM   1105 N N   . SER A 1 160 ? 6.057   6.784   -14.087 1.00 12.56 ? 160 SER A N   1 
ATOM   1106 C CA  . SER A 1 160 ? 6.926   7.298   -13.037 1.00 20.72 ? 160 SER A CA  1 
ATOM   1107 C C   . SER A 1 160 ? 6.090   7.828   -11.870 1.00 17.51 ? 160 SER A C   1 
ATOM   1108 O O   . SER A 1 160 ? 5.106   8.538   -12.083 1.00 16.15 ? 160 SER A O   1 
ATOM   1109 C CB  . SER A 1 160 ? 7.845   8.397   -13.574 1.00 28.80 ? 160 SER A CB  1 
ATOM   1110 O OG  . SER A 1 160 ? 8.646   8.952   -12.545 1.00 60.08 ? 160 SER A OG  1 
ATOM   1111 N N   . CYS A 1 161 ? 6.480   7.478   -10.653 1.00 14.23 ? 161 CYS A N   1 
ATOM   1112 C CA  . CYS A 1 161 ? 5.816   7.974   -9.453  1.00 14.10 ? 161 CYS A CA  1 
ATOM   1113 C C   . CYS A 1 161 ? 6.574   9.156   -8.864  1.00 14.42 ? 161 CYS A C   1 
ATOM   1114 O O   . CYS A 1 161 ? 7.764   8.964   -8.593  1.00 18.06 ? 161 CYS A O   1 
ATOM   1115 C CB  . CYS A 1 161 ? 5.747   6.889   -8.384  1.00 18.28 ? 161 CYS A CB  1 
ATOM   1116 S SG  . CYS A 1 161 ? 4.932   7.411   -6.856  1.00 13.98 ? 161 CYS A SG  1 
ATOM   1117 N N   . PRO A 1 162 ? 5.957   10.310  -8.665  1.00 18.70 ? 162 PRO A N   1 
ATOM   1118 C CA  . PRO A 1 162 ? 6.706   11.422  -8.055  1.00 14.12 ? 162 PRO A CA  1 
ATOM   1119 C C   . PRO A 1 162 ? 7.335   11.012  -6.736  1.00 14.73 ? 162 PRO A C   1 
ATOM   1120 O O   . PRO A 1 162 ? 8.418   11.506  -6.426  1.00 21.55 ? 162 PRO A O   1 
ATOM   1121 C CB  . PRO A 1 162 ? 5.646   12.493  -7.826  1.00 16.04 ? 162 PRO A CB  1 
ATOM   1122 C CG  . PRO A 1 162 ? 4.560   12.186  -8.800  1.00 15.14 ? 162 PRO A CG  1 
ATOM   1123 C CD  . PRO A 1 162 ? 4.575   10.694  -8.985  1.00 17.57 ? 162 PRO A CD  1 
ATOM   1124 N N   . SER A 1 163 ? 6.706   10.126  -5.965  1.00 13.99 ? 163 SER A N   1 
ATOM   1125 C CA  . SER A 1 163 ? 7.294   9.748   -4.683  1.00 10.69 ? 163 SER A CA  1 
ATOM   1126 C C   . SER A 1 163 ? 8.061   8.433   -4.718  1.00 8.85  ? 163 SER A C   1 
ATOM   1127 O O   . SER A 1 163 ? 8.179   7.788   -3.667  1.00 11.54 ? 163 SER A O   1 
ATOM   1128 C CB  . SER A 1 163 ? 6.188   9.663   -3.616  1.00 13.90 ? 163 SER A CB  1 
ATOM   1129 O OG  . SER A 1 163 ? 5.553   10.923  -3.481  1.00 14.01 ? 163 SER A OG  1 
ATOM   1130 N N   . ALA A 1 164 ? 8.587   8.037   -5.870  1.00 10.73 ? 164 ALA A N   1 
ATOM   1131 C CA  . ALA A 1 164 ? 9.400   6.846   -6.041  1.00 12.94 ? 164 ALA A CA  1 
ATOM   1132 C C   . ALA A 1 164 ? 10.391  6.579   -4.921  1.00 14.55 ? 164 ALA A C   1 
ATOM   1133 O O   . ALA A 1 164 ? 10.537  5.460   -4.418  1.00 12.17 ? 164 ALA A O   1 
ATOM   1134 C CB  . ALA A 1 164 ? 10.172  6.949   -7.356  1.00 12.26 ? 164 ALA A CB  1 
ATOM   1135 N N   . ALA A 1 165 ? 11.133  7.595   -4.481  1.00 9.70  ? 165 ALA A N   1 
ATOM   1136 C CA  . ALA A 1 165 ? 12.211  7.321   -3.538  1.00 13.66 ? 165 ALA A CA  1 
ATOM   1137 C C   . ALA A 1 165 ? 11.716  6.967   -2.144  1.00 13.54 ? 165 ALA A C   1 
ATOM   1138 O O   . ALA A 1 165 ? 12.540  6.564   -1.317  1.00 15.64 ? 165 ALA A O   1 
ATOM   1139 C CB  . ALA A 1 165 ? 13.154  8.516   -3.444  1.00 25.84 ? 165 ALA A CB  1 
ATOM   1140 N N   . LYS A 1 166 ? 10.422  7.106   -1.884  1.00 10.37 ? 166 LYS A N   1 
ATOM   1141 C CA  . LYS A 1 166 ? 9.877   6.793   -0.571  1.00 8.70  ? 166 LYS A CA  1 
ATOM   1142 C C   . LYS A 1 166 ? 9.274   5.402   -0.498  1.00 9.00  ? 166 LYS A C   1 
ATOM   1143 O O   . LYS A 1 166 ? 8.770   5.001   0.542   1.00 10.64 ? 166 LYS A O   1 
ATOM   1144 C CB  . LYS A 1 166 ? 8.790   7.794   -0.190  1.00 11.31 ? 166 LYS A CB  1 
ATOM   1145 C CG  . LYS A 1 166 ? 9.371   9.152   0.155   1.00 21.62 ? 166 LYS A CG  1 
ATOM   1146 C CD  . LYS A 1 166 ? 8.304   10.229  0.040   1.00 27.19 ? 166 LYS A CD  1 
ATOM   1147 C CE  . LYS A 1 166 ? 8.895   11.570  0.468   1.00 31.35 ? 166 LYS A CE  1 
ATOM   1148 N NZ  . LYS A 1 166 ? 7.859   12.430  1.098   1.00 26.21 ? 166 LYS A NZ  1 
ATOM   1149 N N   . ILE A 1 167 ? 9.331   4.698   -1.618  1.00 10.57 ? 167 ILE A N   1 
ATOM   1150 C CA  . ILE A 1 167 ? 8.614   3.441   -1.708  1.00 6.33  ? 167 ILE A CA  1 
ATOM   1151 C C   . ILE A 1 167 ? 9.482   2.225   -1.909  1.00 8.82  ? 167 ILE A C   1 
ATOM   1152 O O   . ILE A 1 167 ? 10.484  2.259   -2.611  1.00 10.35 ? 167 ILE A O   1 
ATOM   1153 C CB  . ILE A 1 167 ? 7.635   3.512   -2.912  1.00 11.68 ? 167 ILE A CB  1 
ATOM   1154 C CG1 . ILE A 1 167 ? 6.698   4.712   -2.844  1.00 8.86  ? 167 ILE A CG1 1 
ATOM   1155 C CG2 . ILE A 1 167 ? 6.871   2.205   -3.058  1.00 27.10 ? 167 ILE A CG2 1 
ATOM   1156 C CD1 . ILE A 1 167 ? 6.022   5.063   -4.142  1.00 13.72 ? 167 ILE A CD1 1 
ATOM   1157 N N   . LYS A 1 168 ? 9.038   1.129   -1.294  1.00 14.22 ? 168 LYS A N   1 
ATOM   1158 C CA  . LYS A 1 168 ? 9.463   -0.208  -1.677  1.00 14.49 ? 168 LYS A CA  1 
ATOM   1159 C C   . LYS A 1 168 ? 8.253   -1.090  -1.990  1.00 11.70 ? 168 LYS A C   1 
ATOM   1160 O O   . LYS A 1 168 ? 7.328   -1.215  -1.195  1.00 9.41  ? 168 LYS A O   1 
ATOM   1161 C CB  . LYS A 1 168 ? 10.319  -0.844  -0.583  1.00 14.69 ? 168 LYS A CB  1 
ATOM   1162 C CG  . LYS A 1 168 ? 11.748  -0.330  -0.576  1.00 15.71 ? 168 LYS A CG  1 
ATOM   1163 C CD  . LYS A 1 168 ? 12.532  -0.879  -1.754  1.00 22.19 ? 168 LYS A CD  1 
ATOM   1164 C CE  . LYS A 1 168 ? 14.031  -0.678  -1.588  1.00 34.41 ? 168 LYS A CE  1 
ATOM   1165 N NZ  . LYS A 1 168 ? 14.595  0.129   -2.707  1.00 32.18 ? 168 LYS A NZ  1 
ATOM   1166 N N   . SER A 1 169 ? 8.227   -1.726  -3.154  1.00 11.34 ? 169 SER A N   1 
ATOM   1167 C CA  . SER A 1 169 ? 7.087   -2.559  -3.537  1.00 5.31  ? 169 SER A CA  1 
ATOM   1168 C C   . SER A 1 169 ? 7.600   -3.944  -3.888  1.00 9.15  ? 169 SER A C   1 
ATOM   1169 O O   . SER A 1 169 ? 8.488   -4.038  -4.739  1.00 9.71  ? 169 SER A O   1 
ATOM   1170 C CB  . SER A 1 169 ? 6.369   -1.884  -4.704  1.00 8.00  ? 169 SER A CB  1 
ATOM   1171 O OG  . SER A 1 169 ? 5.329   -2.726  -5.183  1.00 9.85  ? 169 SER A OG  1 
ATOM   1172 N N   . TYR A 1 170 ? 7.087   -4.987  -3.248  1.00 10.02 ? 170 TYR A N   1 
ATOM   1173 C CA  . TYR A 1 170 ? 7.631   -6.325  -3.358  1.00 7.90  ? 170 TYR A CA  1 
ATOM   1174 C C   . TYR A 1 170 ? 6.719   -7.300  -4.104  1.00 11.62 ? 170 TYR A C   1 
ATOM   1175 O O   . TYR A 1 170 ? 5.532   -7.370  -3.790  1.00 9.30  ? 170 TYR A O   1 
ATOM   1176 C CB  . TYR A 1 170 ? 7.902   -6.898  -1.957  1.00 11.35 ? 170 TYR A CB  1 
ATOM   1177 C CG  . TYR A 1 170 ? 8.853   -6.088  -1.110  1.00 12.88 ? 170 TYR A CG  1 
ATOM   1178 C CD1 . TYR A 1 170 ? 10.223  -6.305  -1.172  1.00 13.69 ? 170 TYR A CD1 1 
ATOM   1179 C CD2 . TYR A 1 170 ? 8.392   -5.107  -0.247  1.00 9.65  ? 170 TYR A CD2 1 
ATOM   1180 C CE1 . TYR A 1 170 ? 11.105  -5.564  -0.402  1.00 20.59 ? 170 TYR A CE1 1 
ATOM   1181 C CE2 . TYR A 1 170 ? 9.272   -4.374  0.521   1.00 7.87  ? 170 TYR A CE2 1 
ATOM   1182 C CZ  . TYR A 1 170 ? 10.624  -4.594  0.451   1.00 17.56 ? 170 TYR A CZ  1 
ATOM   1183 O OH  . TYR A 1 170 ? 11.485  -3.849  1.228   1.00 16.12 ? 170 TYR A OH  1 
ATOM   1184 N N   . CYS A 1 171 ? 7.284   -8.049  -5.044  1.00 10.48 ? 171 CYS A N   1 
ATOM   1185 C CA  . CYS A 1 171 ? 6.568   -9.050  -5.838  1.00 8.04  ? 171 CYS A CA  1 
ATOM   1186 C C   . CYS A 1 171 ? 7.491   -10.079 -6.484  1.00 8.92  ? 171 CYS A C   1 
ATOM   1187 O O   . CYS A 1 171 ? 8.483   -9.700  -7.114  1.00 7.09  ? 171 CYS A O   1 
ATOM   1188 C CB  . CYS A 1 171 ? 5.751   -8.372  -6.940  1.00 8.62  ? 171 CYS A CB  1 
ATOM   1189 S SG  . CYS A 1 171 ? 4.751   -9.488  -7.944  1.00 11.69 ? 171 CYS A SG  1 
ATOM   1190 N N   . ASP A 1 172 ? 7.158   -11.358 -6.341  1.00 10.40 ? 172 ASP A N   1 
ATOM   1191 C CA  . ASP A 1 172 ? 7.920   -12.443 -6.963  1.00 8.77  ? 172 ASP A CA  1 
ATOM   1192 C C   . ASP A 1 172 ? 7.180   -13.048 -8.162  1.00 5.03  ? 172 ASP A C   1 
ATOM   1193 O O   . ASP A 1 172 ? 5.969   -12.887 -8.299  1.00 9.40  ? 172 ASP A O   1 
ATOM   1194 C CB  . ASP A 1 172 ? 8.235   -13.508 -5.928  1.00 6.89  ? 172 ASP A CB  1 
ATOM   1195 C CG  . ASP A 1 172 ? 9.259   -13.120 -4.882  1.00 15.89 ? 172 ASP A CG  1 
ATOM   1196 O OD1 . ASP A 1 172 ? 9.931   -12.078 -5.006  1.00 11.60 ? 172 ASP A OD1 1 
ATOM   1197 O OD2 . ASP A 1 172 ? 9.398   -13.889 -3.896  1.00 14.95 ? 172 ASP A OD2 1 
ATOM   1198 N N   . ALA A 1 173 ? 7.864   -13.728 -9.049  1.00 15.65 ? 173 ALA A N   1 
ATOM   1199 C CA  . ALA A 1 173 ? 7.605   -14.273 -10.351 1.00 15.18 ? 173 ALA A CA  1 
ATOM   1200 C C   . ALA A 1 173 ? 6.451   -15.261 -10.277 1.00 8.16  ? 173 ALA A C   1 
ATOM   1201 O O   . ALA A 1 173 ? 5.622   -15.269 -11.171 1.00 9.52  ? 173 ALA A O   1 
ATOM   1202 C CB  . ALA A 1 173 ? 8.802   -15.000 -10.966 1.00 7.02  ? 173 ALA A CB  1 
ATOM   1203 N N   . SER A 1 174 ? 6.441   -16.069 -9.217  1.00 10.15 ? 174 SER A N   1 
ATOM   1204 C CA  . SER A 1 174 ? 5.394   -17.087 -9.212  1.00 7.72  ? 174 SER A CA  1 
ATOM   1205 C C   . SER A 1 174 ? 4.071   -16.531 -8.713  1.00 12.63 ? 174 SER A C   1 
ATOM   1206 O O   . SER A 1 174 ? 3.071   -17.255 -8.661  1.00 15.49 ? 174 SER A O   1 
ATOM   1207 C CB  . SER A 1 174 ? 5.848   -18.269 -8.363  1.00 10.75 ? 174 SER A CB  1 
ATOM   1208 O OG  . SER A 1 174 ? 6.194   -17.802 -7.070  1.00 27.53 ? 174 SER A OG  1 
ATOM   1209 N N   . ASP A 1 175 ? 4.011   -15.255 -8.346  1.00 11.73 ? 175 ASP A N   1 
ATOM   1210 C CA  . ASP A 1 175 ? 2.759   -14.668 -7.862  1.00 10.52 ? 175 ASP A CA  1 
ATOM   1211 C C   . ASP A 1 175 ? 1.727   -14.537 -8.976  1.00 15.50 ? 175 ASP A C   1 
ATOM   1212 O O   . ASP A 1 175 ? 2.048   -13.997 -10.036 1.00 13.70 ? 175 ASP A O   1 
ATOM   1213 C CB  . ASP A 1 175 ? 3.010   -13.283 -7.272  1.00 9.07  ? 175 ASP A CB  1 
ATOM   1214 C CG  . ASP A 1 175 ? 1.843   -12.785 -6.448  1.00 11.16 ? 175 ASP A CG  1 
ATOM   1215 O OD1 . ASP A 1 175 ? 0.750   -12.576 -7.010  1.00 9.34  ? 175 ASP A OD1 1 
ATOM   1216 O OD2 . ASP A 1 175 ? 2.060   -12.589 -5.231  1.00 11.48 ? 175 ASP A OD2 1 
ATOM   1217 N N   . PRO A 1 176 ? 0.501   -15.009 -8.775  1.00 11.92 ? 176 PRO A N   1 
ATOM   1218 C CA  . PRO A 1 176 ? -0.515  -14.917 -9.824  1.00 14.81 ? 176 PRO A CA  1 
ATOM   1219 C C   . PRO A 1 176 ? -1.198  -13.563 -9.919  1.00 15.29 ? 176 PRO A C   1 
ATOM   1220 O O   . PRO A 1 176 ? -1.963  -13.306 -10.861 1.00 11.12 ? 176 PRO A O   1 
ATOM   1221 C CB  . PRO A 1 176 ? -1.554  -15.960 -9.390  1.00 14.54 ? 176 PRO A CB  1 
ATOM   1222 C CG  . PRO A 1 176 ? -1.395  -16.090 -7.918  1.00 19.28 ? 176 PRO A CG  1 
ATOM   1223 C CD  . PRO A 1 176 ? 0.002   -15.684 -7.568  1.00 15.28 ? 176 PRO A CD  1 
HETATM 1224 N N   . TYI A 1 177 ? -0.936  -12.683 -8.951  1.00 10.95 ? 177 TYI A N   1 
HETATM 1225 C CA  . TYI A 1 177 ? -1.703  -11.437 -8.977  1.00 14.66 ? 177 TYI A CA  1 
HETATM 1226 C CB  . TYI A 1 177 ? -2.538  -11.260 -7.702  1.00 15.75 ? 177 TYI A CB  1 
HETATM 1227 C CG  . TYI A 1 177 ? -3.421  -12.457 -7.432  1.00 13.99 ? 177 TYI A CG  1 
HETATM 1228 C CD1 . TYI A 1 177 ? -3.254  -13.181 -6.261  1.00 9.24  ? 177 TYI A CD1 1 
HETATM 1229 C CE1 . TYI A 1 177 ? -4.046  -14.279 -5.999  1.00 21.09 ? 177 TYI A CE1 1 
HETATM 1230 C CD2 . TYI A 1 177 ? -4.398  -12.853 -8.353  1.00 5.41  ? 177 TYI A CD2 1 
HETATM 1231 C CE2 . TYI A 1 177 ? -5.166  -13.952 -8.057  1.00 10.60 ? 177 TYI A CE2 1 
HETATM 1232 C CZ  . TYI A 1 177 ? -5.010  -14.672 -6.904  1.00 16.30 ? 177 TYI A CZ  1 
HETATM 1233 O OH  . TYI A 1 177 ? -5.799  -15.768 -6.633  1.00 15.97 ? 177 TYI A OH  1 
HETATM 1234 C C   . TYI A 1 177 ? -0.801  -10.232 -9.183  1.00 10.28 ? 177 TYI A C   1 
HETATM 1235 O O   . TYI A 1 177 ? -1.208  -9.342  -9.928  1.00 12.08 ? 177 TYI A O   1 
HETATM 1236 I I1  . TYI A 1 177 ? -3.910  -15.493 -4.291  1.00 28.52 ? 177 TYI A I1  1 
HETATM 1237 I I2  . TYI A 1 177 ? -6.443  -14.658 -9.584  1.00 21.62 ? 177 TYI A I2  1 
ATOM   1238 N N   . CYS A 1 178 ? 0.381   -10.197 -8.573  1.00 9.76  ? 178 CYS A N   1 
ATOM   1239 C CA  . CYS A 1 178 ? 1.205   -8.997  -8.850  1.00 11.03 ? 178 CYS A CA  1 
ATOM   1240 C C   . CYS A 1 178 ? 2.163   -9.290  -9.995  1.00 3.71  ? 178 CYS A C   1 
ATOM   1241 O O   . CYS A 1 178 ? 2.762   -8.390  -10.572 1.00 11.58 ? 178 CYS A O   1 
ATOM   1242 C CB  . CYS A 1 178 ? 1.919   -8.529  -7.590  1.00 9.26  ? 178 CYS A CB  1 
ATOM   1243 S SG  . CYS A 1 178 ? 3.045   -9.742  -6.867  1.00 11.35 ? 178 CYS A SG  1 
ATOM   1244 N N   . CYS A 1 179 ? 2.288   -10.570 -10.318 1.00 9.19  ? 179 CYS A N   1 
ATOM   1245 C CA  . CYS A 1 179 ? 3.093   -11.070 -11.415 1.00 11.13 ? 179 CYS A CA  1 
ATOM   1246 C C   . CYS A 1 179 ? 2.229   -11.934 -12.334 1.00 9.98  ? 179 CYS A C   1 
ATOM   1247 O O   . CYS A 1 179 ? 1.011   -11.835 -12.205 1.00 10.56 ? 179 CYS A O   1 
ATOM   1248 C CB  . CYS A 1 179 ? 4.296   -11.889 -10.933 1.00 10.51 ? 179 CYS A CB  1 
ATOM   1249 S SG  . CYS A 1 179 ? 5.709   -11.704 -12.062 1.00 9.88  ? 179 CYS A SG  1 
ATOM   1250 N N   . ASN A 1 180 ? 2.817   -12.741 -13.206 1.00 11.93 ? 180 ASN A N   1 
ATOM   1251 C CA  . ASN A 1 180 ? 2.011   -13.599 -14.078 1.00 13.11 ? 180 ASN A CA  1 
ATOM   1252 C C   . ASN A 1 180 ? 2.297   -15.081 -13.846 1.00 15.40 ? 180 ASN A C   1 
ATOM   1253 O O   . ASN A 1 180 ? 2.320   -15.868 -14.795 1.00 15.16 ? 180 ASN A O   1 
ATOM   1254 C CB  . ASN A 1 180 ? 2.269   -13.273 -15.554 1.00 12.43 ? 180 ASN A CB  1 
ATOM   1255 C CG  . ASN A 1 180 ? 3.745   -13.458 -15.877 1.00 15.65 ? 180 ASN A CG  1 
ATOM   1256 O OD1 . ASN A 1 180 ? 4.540   -13.651 -14.952 1.00 14.06 ? 180 ASN A OD1 1 
ATOM   1257 N ND2 . ASN A 1 180 ? 4.030   -13.387 -17.168 1.00 14.57 ? 180 ASN A ND2 1 
ATOM   1258 N N   . GLY A 1 181 ? 2.515   -15.418 -12.586 1.00 15.88 ? 181 GLY A N   1 
ATOM   1259 C CA  . GLY A 1 181 ? 2.782   -16.759 -12.121 1.00 16.65 ? 181 GLY A CA  1 
ATOM   1260 C C   . GLY A 1 181 ? 1.501   -17.496 -11.761 1.00 15.61 ? 181 GLY A C   1 
ATOM   1261 O O   . GLY A 1 181 ? 0.377   -17.090 -12.049 1.00 10.08 ? 181 GLY A O   1 
ATOM   1262 N N   . SER A 1 182 ? 1.698   -18.634 -11.106 1.00 21.76 ? 182 SER A N   1 
ATOM   1263 C CA  . SER A 1 182 ? 0.566   -19.506 -10.838 1.00 25.03 ? 182 SER A CA  1 
ATOM   1264 C C   . SER A 1 182 ? 0.680   -20.177 -9.487  1.00 21.94 ? 182 SER A C   1 
ATOM   1265 O O   . SER A 1 182 ? 0.107   -21.241 -9.256  1.00 28.97 ? 182 SER A O   1 
ATOM   1266 C CB  . SER A 1 182 ? 0.522   -20.578 -11.938 1.00 30.41 ? 182 SER A CB  1 
ATOM   1267 O OG  . SER A 1 182 ? 1.732   -21.318 -11.819 1.00 33.61 ? 182 SER A OG  1 
ATOM   1268 N N   . ASN A 1 183 ? 1.424   -19.579 -8.559  1.00 11.23 ? 183 ASN A N   1 
ATOM   1269 C CA  . ASN A 1 183 ? 1.472   -20.167 -7.222  1.00 11.54 ? 183 ASN A CA  1 
ATOM   1270 C C   . ASN A 1 183 ? 0.940   -19.168 -6.208  1.00 12.51 ? 183 ASN A C   1 
ATOM   1271 O O   . ASN A 1 183 ? 1.602   -18.256 -5.728  1.00 16.69 ? 183 ASN A O   1 
ATOM   1272 C CB  . ASN A 1 183 ? 2.876   -20.621 -6.841  1.00 24.39 ? 183 ASN A CB  1 
ATOM   1273 C CG  . ASN A 1 183 ? 2.913   -21.186 -5.431  1.00 36.65 ? 183 ASN A CG  1 
ATOM   1274 O OD1 . ASN A 1 183 ? 2.672   -20.479 -4.450  1.00 36.30 ? 183 ASN A OD1 1 
ATOM   1275 N ND2 . ASN A 1 183 ? 3.206   -22.478 -5.339  1.00 55.92 ? 183 ASN A ND2 1 
ATOM   1276 N N   . ALA A 1 184 ? -0.321  -19.364 -5.840  1.00 18.44 ? 184 ALA A N   1 
ATOM   1277 C CA  . ALA A 1 184 ? -0.964  -18.435 -4.918  1.00 19.88 ? 184 ALA A CA  1 
ATOM   1278 C C   . ALA A 1 184 ? -0.264  -18.362 -3.574  1.00 15.19 ? 184 ALA A C   1 
ATOM   1279 O O   . ALA A 1 184 ? -0.345  -17.359 -2.863  1.00 21.57 ? 184 ALA A O   1 
ATOM   1280 C CB  . ALA A 1 184 ? -2.417  -18.870 -4.750  1.00 26.73 ? 184 ALA A CB  1 
ATOM   1281 N N   . ALA A 1 185 ? 0.422   -19.441 -3.212  1.00 19.41 ? 185 ALA A N   1 
ATOM   1282 C CA  . ALA A 1 185 ? 1.073   -19.497 -1.908  1.00 20.94 ? 185 ALA A CA  1 
ATOM   1283 C C   . ALA A 1 185 ? 2.045   -18.325 -1.781  1.00 14.59 ? 185 ALA A C   1 
ATOM   1284 O O   . ALA A 1 185 ? 2.158   -17.701 -0.729  1.00 17.28 ? 185 ALA A O   1 
ATOM   1285 C CB  . ALA A 1 185 ? 1.763   -20.828 -1.702  1.00 19.36 ? 185 ALA A CB  1 
ATOM   1286 N N   . THR A 1 186 ? 2.704   -18.056 -2.905  1.00 10.37 ? 186 THR A N   1 
ATOM   1287 C CA  . THR A 1 186 ? 3.657   -16.960 -2.958  1.00 11.34 ? 186 THR A CA  1 
ATOM   1288 C C   . THR A 1 186 ? 3.015   -15.653 -2.516  1.00 16.37 ? 186 THR A C   1 
ATOM   1289 O O   . THR A 1 186 ? 3.622   -14.887 -1.780  1.00 16.02 ? 186 THR A O   1 
ATOM   1290 C CB  . THR A 1 186 ? 4.231   -16.768 -4.372  1.00 16.28 ? 186 THR A CB  1 
ATOM   1291 O OG1 . THR A 1 186 ? 4.863   -17.992 -4.777  1.00 16.00 ? 186 THR A OG1 1 
ATOM   1292 C CG2 . THR A 1 186 ? 5.293   -15.677 -4.374  1.00 13.52 ? 186 THR A CG2 1 
ATOM   1293 N N   . HIS A 1 187 ? 1.794   -15.400 -2.966  1.00 16.13 ? 187 HIS A N   1 
ATOM   1294 C CA  . HIS A 1 187 ? 1.104   -14.166 -2.617  1.00 13.98 ? 187 HIS A CA  1 
ATOM   1295 C C   . HIS A 1 187 ? 0.973   -13.983 -1.113  1.00 17.40 ? 187 HIS A C   1 
ATOM   1296 O O   . HIS A 1 187 ? 0.864   -12.865 -0.607  1.00 13.17 ? 187 HIS A O   1 
ATOM   1297 C CB  . HIS A 1 187 ? -0.292  -14.152 -3.249  1.00 13.98 ? 187 HIS A CB  1 
ATOM   1298 C CG  . HIS A 1 187 ? -0.888  -12.781 -3.346  1.00 12.46 ? 187 HIS A CG  1 
ATOM   1299 N ND1 . HIS A 1 187 ? -0.350  -11.779 -4.115  1.00 10.66 ? 187 HIS A ND1 1 
ATOM   1300 C CD2 . HIS A 1 187 ? -1.978  -12.250 -2.759  1.00 12.10 ? 187 HIS A CD2 1 
ATOM   1301 C CE1 . HIS A 1 187 ? -1.089  -10.683 -4.003  1.00 16.59 ? 187 HIS A CE1 1 
ATOM   1302 N NE2 . HIS A 1 187 ? -2.086  -10.944 -3.184  1.00 13.22 ? 187 HIS A NE2 1 
ATOM   1303 N N   . GLN A 1 188 ? 0.970   -15.095 -0.380  1.00 14.18 ? 188 GLN A N   1 
ATOM   1304 C CA  . GLN A 1 188 ? 0.690   -14.973 1.050   1.00 17.74 ? 188 GLN A CA  1 
ATOM   1305 C C   . GLN A 1 188 ? 1.932   -14.904 1.915   1.00 15.51 ? 188 GLN A C   1 
ATOM   1306 O O   . GLN A 1 188 ? 1.845   -14.826 3.150   1.00 16.79 ? 188 GLN A O   1 
ATOM   1307 C CB  . GLN A 1 188 ? -0.185  -16.155 1.500   1.00 23.31 ? 188 GLN A CB  1 
ATOM   1308 C CG  . GLN A 1 188 ? -1.607  -16.147 0.969   1.00 25.49 ? 188 GLN A CG  1 
ATOM   1309 C CD  . GLN A 1 188 ? -2.304  -14.809 0.994   1.00 27.92 ? 188 GLN A CD  1 
ATOM   1310 O OE1 . GLN A 1 188 ? -2.977  -14.409 0.038   1.00 49.47 ? 188 GLN A OE1 1 
ATOM   1311 N NE2 . GLN A 1 188 ? -2.175  -14.081 2.098   1.00 49.41 ? 188 GLN A NE2 1 
ATOM   1312 N N   . GLY A 1 189 ? 3.153   -14.920 1.386   1.00 16.57 ? 189 GLY A N   1 
ATOM   1313 C CA  . GLY A 1 189 ? 4.291   -15.016 2.284   1.00 18.56 ? 189 GLY A CA  1 
ATOM   1314 C C   . GLY A 1 189 ? 5.280   -13.876 2.316   1.00 17.98 ? 189 GLY A C   1 
ATOM   1315 O O   . GLY A 1 189 ? 6.364   -14.022 2.897   1.00 17.87 ? 189 GLY A O   1 
ATOM   1316 N N   . TYR A 1 190 ? 4.909   -12.759 1.706   1.00 13.96 ? 190 TYR A N   1 
ATOM   1317 C CA  . TYR A 1 190 ? 5.764   -11.589 1.605   1.00 11.42 ? 190 TYR A CA  1 
ATOM   1318 C C   . TYR A 1 190 ? 6.134   -11.051 2.984   1.00 12.61 ? 190 TYR A C   1 
ATOM   1319 O O   . TYR A 1 190 ? 7.199   -10.457 3.167   1.00 14.29 ? 190 TYR A O   1 
ATOM   1320 C CB  . TYR A 1 190 ? 5.056   -10.507 0.774   1.00 13.88 ? 190 TYR A CB  1 
ATOM   1321 C CG  . TYR A 1 190 ? 4.923   -10.882 -0.684  1.00 12.60 ? 190 TYR A CG  1 
ATOM   1322 C CD1 . TYR A 1 190 ? 6.037   -11.334 -1.386  1.00 16.63 ? 190 TYR A CD1 1 
ATOM   1323 C CD2 . TYR A 1 190 ? 3.719   -10.791 -1.361  1.00 9.93  ? 190 TYR A CD2 1 
ATOM   1324 C CE1 . TYR A 1 190 ? 5.975   -11.690 -2.718  1.00 12.41 ? 190 TYR A CE1 1 
ATOM   1325 C CE2 . TYR A 1 190 ? 3.637   -11.142 -2.696  1.00 9.53  ? 190 TYR A CE2 1 
ATOM   1326 C CZ  . TYR A 1 190 ? 4.761   -11.586 -3.365  1.00 10.50 ? 190 TYR A CZ  1 
ATOM   1327 O OH  . TYR A 1 190 ? 4.682   -11.941 -4.687  1.00 9.41  ? 190 TYR A OH  1 
ATOM   1328 N N   . GLY A 1 191 ? 5.255   -11.245 3.959   1.00 11.35 ? 191 GLY A N   1 
ATOM   1329 C CA  . GLY A 1 191 ? 5.509   -10.777 5.307   1.00 17.36 ? 191 GLY A CA  1 
ATOM   1330 C C   . GLY A 1 191 ? 6.757   -11.387 5.908   1.00 23.23 ? 191 GLY A C   1 
ATOM   1331 O O   . GLY A 1 191 ? 7.660   -10.717 6.412   1.00 15.34 ? 191 GLY A O   1 
ATOM   1332 N N   . SER A 1 192 ? 6.841   -12.712 5.865   1.00 14.63 ? 192 SER A N   1 
ATOM   1333 C CA  . SER A 1 192 ? 8.016   -13.386 6.394   1.00 12.51 ? 192 SER A CA  1 
ATOM   1334 C C   . SER A 1 192 ? 9.203   -13.241 5.460   1.00 14.41 ? 192 SER A C   1 
ATOM   1335 O O   . SER A 1 192 ? 10.360  -13.138 5.855   1.00 23.91 ? 192 SER A O   1 
ATOM   1336 C CB  . SER A 1 192 ? 7.666   -14.867 6.602   1.00 17.48 ? 192 SER A CB  1 
ATOM   1337 O OG  . SER A 1 192 ? 8.351   -15.650 5.632   1.00 60.93 ? 192 SER A OG  1 
ATOM   1338 N N   . GLU A 1 193 ? 8.955   -13.232 4.148   1.00 16.32 ? 193 GLU A N   1 
ATOM   1339 C CA  . GLU A 1 193 ? 10.072  -13.145 3.212   1.00 14.89 ? 193 GLU A CA  1 
ATOM   1340 C C   . GLU A 1 193 ? 10.749  -11.777 3.174   1.00 12.27 ? 193 GLU A C   1 
ATOM   1341 O O   . GLU A 1 193 ? 11.980  -11.705 3.078   1.00 11.72 ? 193 GLU A O   1 
ATOM   1342 C CB  . GLU A 1 193 ? 9.548   -13.513 1.819   1.00 13.91 ? 193 GLU A CB  1 
ATOM   1343 C CG  . GLU A 1 193 ? 10.564  -13.500 0.694   1.00 12.07 ? 193 GLU A CG  1 
ATOM   1344 C CD  . GLU A 1 193 ? 9.941   -13.630 -0.677  1.00 16.02 ? 193 GLU A CD  1 
ATOM   1345 O OE1 . GLU A 1 193 ? 8.700   -13.580 -0.803  1.00 13.84 ? 193 GLU A OE1 1 
ATOM   1346 O OE2 . GLU A 1 193 ? 10.704  -13.769 -1.653  1.00 18.44 ? 193 GLU A OE2 1 
ATOM   1347 N N   . TYR A 1 194 ? 10.008  -10.675 3.224   1.00 12.22 ? 194 TYR A N   1 
ATOM   1348 C CA  . TYR A 1 194 ? 10.557  -9.345  3.004   1.00 15.37 ? 194 TYR A CA  1 
ATOM   1349 C C   . TYR A 1 194 ? 10.334  -8.379  4.166   1.00 14.83 ? 194 TYR A C   1 
ATOM   1350 O O   . TYR A 1 194 ? 10.756  -7.218  4.087   1.00 12.81 ? 194 TYR A O   1 
ATOM   1351 C CB  . TYR A 1 194 ? 9.949   -8.705  1.741   1.00 14.95 ? 194 TYR A CB  1 
ATOM   1352 C CG  . TYR A 1 194 ? 10.361  -9.342  0.429   1.00 15.32 ? 194 TYR A CG  1 
ATOM   1353 C CD1 . TYR A 1 194 ? 11.692  -9.395  0.040   1.00 16.55 ? 194 TYR A CD1 1 
ATOM   1354 C CD2 . TYR A 1 194 ? 9.417   -9.900  -0.431  1.00 13.00 ? 194 TYR A CD2 1 
ATOM   1355 C CE1 . TYR A 1 194 ? 12.095  -9.971  -1.149  1.00 16.12 ? 194 TYR A CE1 1 
ATOM   1356 C CE2 . TYR A 1 194 ? 9.796   -10.480 -1.629  1.00 7.95  ? 194 TYR A CE2 1 
ATOM   1357 C CZ  . TYR A 1 194 ? 11.122  -10.513 -1.973  1.00 9.14  ? 194 TYR A CZ  1 
ATOM   1358 O OH  . TYR A 1 194 ? 11.491  -11.093 -3.164  1.00 14.13 ? 194 TYR A OH  1 
ATOM   1359 N N   . GLY A 1 195 ? 9.679   -8.816  5.233   1.00 14.36 ? 195 GLY A N   1 
ATOM   1360 C CA  . GLY A 1 195 ? 9.359   -7.930  6.344   1.00 17.79 ? 195 GLY A CA  1 
ATOM   1361 C C   . GLY A 1 195 ? 10.586  -7.227  6.896   1.00 17.56 ? 195 GLY A C   1 
ATOM   1362 O O   . GLY A 1 195 ? 10.556  -6.019  7.129   1.00 18.36 ? 195 GLY A O   1 
ATOM   1363 N N   . SER A 1 196 ? 11.651  -8.001  7.093   1.00 18.07 ? 196 SER A N   1 
ATOM   1364 C CA  . SER A 1 196 ? 12.895  -7.481  7.653   1.00 21.90 ? 196 SER A CA  1 
ATOM   1365 C C   . SER A 1 196 ? 13.522  -6.431  6.739   1.00 20.56 ? 196 SER A C   1 
ATOM   1366 O O   . SER A 1 196 ? 13.986  -5.383  7.201   1.00 15.90 ? 196 SER A O   1 
ATOM   1367 C CB  . SER A 1 196 ? 13.853  -8.642  7.922   1.00 22.17 ? 196 SER A CB  1 
ATOM   1368 O OG  . SER A 1 196 ? 15.128  -8.381  7.357   1.00 45.44 ? 196 SER A OG  1 
ATOM   1369 N N   . GLN A 1 197 ? 13.530  -6.691  5.432   1.00 17.20 ? 197 GLN A N   1 
ATOM   1370 C CA  . GLN A 1 197 ? 14.003  -5.743  4.435   1.00 15.94 ? 197 GLN A CA  1 
ATOM   1371 C C   . GLN A 1 197 ? 13.198  -4.448  4.464   1.00 10.90 ? 197 GLN A C   1 
ATOM   1372 O O   . GLN A 1 197 ? 13.699  -3.328  4.409   1.00 17.22 ? 197 GLN A O   1 
ATOM   1373 C CB  . GLN A 1 197 ? 13.888  -6.323  3.020   1.00 18.55 ? 197 GLN A CB  1 
ATOM   1374 C CG  . GLN A 1 197 ? 14.970  -7.319  2.671   1.00 22.17 ? 197 GLN A CG  1 
ATOM   1375 C CD  . GLN A 1 197 ? 15.148  -7.504  1.174   1.00 27.87 ? 197 GLN A CD  1 
ATOM   1376 O OE1 . GLN A 1 197 ? 15.022  -6.549  0.403   1.00 32.72 ? 197 GLN A OE1 1 
ATOM   1377 N NE2 . GLN A 1 197 ? 15.439  -8.743  0.785   1.00 43.26 ? 197 GLN A NE2 1 
ATOM   1378 N N   . ALA A 1 198 ? 11.887  -4.666  4.552   1.00 13.89 ? 198 ALA A N   1 
ATOM   1379 C CA  . ALA A 1 198 ? 10.953  -3.547  4.588   1.00 12.86 ? 198 ALA A CA  1 
ATOM   1380 C C   . ALA A 1 198 ? 11.241  -2.678  5.808   1.00 10.29 ? 198 ALA A C   1 
ATOM   1381 O O   . ALA A 1 198 ? 11.351  -1.458  5.663   1.00 11.75 ? 198 ALA A O   1 
ATOM   1382 C CB  . ALA A 1 198 ? 9.522   -4.050  4.551   1.00 15.78 ? 198 ALA A CB  1 
ATOM   1383 N N   . LEU A 1 199 ? 11.363  -3.295  6.976   1.00 13.02 ? 199 LEU A N   1 
ATOM   1384 C CA  . LEU A 1 199 ? 11.627  -2.552  8.211   1.00 11.33 ? 199 LEU A CA  1 
ATOM   1385 C C   . LEU A 1 199 ? 12.915  -1.750  8.135   1.00 12.34 ? 199 LEU A C   1 
ATOM   1386 O O   . LEU A 1 199 ? 13.018  -0.617  8.614   1.00 14.90 ? 199 LEU A O   1 
ATOM   1387 C CB  . LEU A 1 199 ? 11.693  -3.503  9.392   1.00 13.30 ? 199 LEU A CB  1 
ATOM   1388 C CG  . LEU A 1 199 ? 11.604  -2.951  10.808  1.00 29.39 ? 199 LEU A CG  1 
ATOM   1389 C CD1 . LEU A 1 199 ? 10.935  -1.587  10.877  1.00 38.06 ? 199 LEU A CD1 1 
ATOM   1390 C CD2 . LEU A 1 199 ? 10.847  -3.921  11.712  1.00 35.31 ? 199 LEU A CD2 1 
ATOM   1391 N N   . ALA A 1 200 ? 13.944  -2.341  7.532   1.00 15.64 ? 200 ALA A N   1 
ATOM   1392 C CA  . ALA A 1 200 ? 15.227  -1.643  7.439   1.00 18.77 ? 200 ALA A CA  1 
ATOM   1393 C C   . ALA A 1 200 ? 15.090  -0.368  6.616   1.00 18.75 ? 200 ALA A C   1 
ATOM   1394 O O   . ALA A 1 200 ? 15.683  0.677   6.882   1.00 15.71 ? 200 ALA A O   1 
ATOM   1395 C CB  . ALA A 1 200 ? 16.283  -2.562  6.841   1.00 14.87 ? 200 ALA A CB  1 
ATOM   1396 N N   . PHE A 1 201 ? 14.269  -0.492  5.572   1.00 17.82 ? 201 PHE A N   1 
ATOM   1397 C CA  . PHE A 1 201 ? 14.038  0.626   4.667   1.00 16.18 ? 201 PHE A CA  1 
ATOM   1398 C C   . PHE A 1 201 ? 13.324  1.740   5.421   1.00 8.42  ? 201 PHE A C   1 
ATOM   1399 O O   . PHE A 1 201 ? 13.733  2.900   5.399   1.00 16.02 ? 201 PHE A O   1 
ATOM   1400 C CB  . PHE A 1 201 ? 13.235  0.178   3.449   1.00 15.88 ? 201 PHE A CB  1 
ATOM   1401 C CG  . PHE A 1 201 ? 12.852  1.307   2.512   1.00 10.44 ? 201 PHE A CG  1 
ATOM   1402 C CD1 . PHE A 1 201 ? 13.782  1.861   1.656   1.00 14.09 ? 201 PHE A CD1 1 
ATOM   1403 C CD2 . PHE A 1 201 ? 11.563  1.799   2.508   1.00 12.63 ? 201 PHE A CD2 1 
ATOM   1404 C CE1 . PHE A 1 201 ? 13.437  2.891   0.805   1.00 14.66 ? 201 PHE A CE1 1 
ATOM   1405 C CE2 . PHE A 1 201 ? 11.213  2.822   1.651   1.00 13.82 ? 201 PHE A CE2 1 
ATOM   1406 C CZ  . PHE A 1 201 ? 12.143  3.375   0.803   1.00 11.44 ? 201 PHE A CZ  1 
ATOM   1407 N N   . VAL A 1 202 ? 12.249  1.346   6.095   1.00 9.52  ? 202 VAL A N   1 
ATOM   1408 C CA  . VAL A 1 202 ? 11.498  2.332   6.879   1.00 18.11 ? 202 VAL A CA  1 
ATOM   1409 C C   . VAL A 1 202 ? 12.437  3.010   7.878   1.00 21.36 ? 202 VAL A C   1 
ATOM   1410 O O   . VAL A 1 202 ? 12.403  4.233   8.031   1.00 12.77 ? 202 VAL A O   1 
ATOM   1411 C CB  . VAL A 1 202 ? 10.295  1.683   7.586   1.00 23.04 ? 202 VAL A CB  1 
ATOM   1412 C CG1 . VAL A 1 202 ? 9.615   2.619   8.571   1.00 14.69 ? 202 VAL A CG1 1 
ATOM   1413 C CG2 . VAL A 1 202 ? 9.280   1.207   6.551   1.00 15.93 ? 202 VAL A CG2 1 
ATOM   1414 N N   . LYS A 1 203 ? 13.263  2.200   8.534   1.00 18.87 ? 203 LYS A N   1 
ATOM   1415 C CA  . LYS A 1 203 ? 14.244  2.690   9.497   1.00 19.84 ? 203 LYS A CA  1 
ATOM   1416 C C   . LYS A 1 203 ? 15.157  3.717   8.851   1.00 17.04 ? 203 LYS A C   1 
ATOM   1417 O O   . LYS A 1 203 ? 15.409  4.798   9.394   1.00 22.17 ? 203 LYS A O   1 
ATOM   1418 C CB  . LYS A 1 203 ? 15.049  1.528   10.072  1.00 26.25 ? 203 LYS A CB  1 
ATOM   1419 C CG  . LYS A 1 203 ? 15.796  1.841   11.353  1.00 50.42 ? 203 LYS A CG  1 
ATOM   1420 C CD  . LYS A 1 203 ? 15.086  1.315   12.596  1.00 73.85 ? 203 LYS A CD  1 
ATOM   1421 C CE  . LYS A 1 203 ? 15.644  1.946   13.866  1.00 82.40 ? 203 LYS A CE  1 
ATOM   1422 N NZ  . LYS A 1 203 ? 14.704  1.900   15.021  1.00 79.65 ? 203 LYS A NZ  1 
ATOM   1423 N N   . SER A 1 204 ? 15.674  3.403   7.664   1.00 17.06 ? 204 SER A N   1 
ATOM   1424 C CA  . SER A 1 204 ? 16.585  4.374   7.047   1.00 22.86 ? 204 SER A CA  1 
ATOM   1425 C C   . SER A 1 204 ? 15.887  5.679   6.691   1.00 21.72 ? 204 SER A C   1 
ATOM   1426 O O   . SER A 1 204 ? 16.494  6.743   6.531   1.00 26.28 ? 204 SER A O   1 
ATOM   1427 C CB  . SER A 1 204 ? 17.235  3.746   5.797   1.00 15.79 ? 204 SER A CB  1 
ATOM   1428 O OG  . SER A 1 204 ? 16.271  3.800   4.751   1.00 24.12 ? 204 SER A OG  1 
ATOM   1429 N N   . LYS A 1 205 ? 14.567  5.675   6.538   1.00 17.10 ? 205 LYS A N   1 
ATOM   1430 C CA  . LYS A 1 205 ? 13.857  6.884   6.153   1.00 17.77 ? 205 LYS A CA  1 
ATOM   1431 C C   . LYS A 1 205 ? 13.397  7.691   7.359   1.00 18.46 ? 205 LYS A C   1 
ATOM   1432 O O   . LYS A 1 205 ? 13.139  8.885   7.218   1.00 27.41 ? 205 LYS A O   1 
ATOM   1433 C CB  . LYS A 1 205 ? 12.628  6.533   5.310   1.00 22.81 ? 205 LYS A CB  1 
ATOM   1434 C CG  . LYS A 1 205 ? 12.875  5.581   4.158   1.00 26.53 ? 205 LYS A CG  1 
ATOM   1435 C CD  . LYS A 1 205 ? 14.142  5.919   3.399   1.00 42.75 ? 205 LYS A CD  1 
ATOM   1436 C CE  . LYS A 1 205 ? 13.951  7.026   2.384   1.00 52.95 ? 205 LYS A CE  1 
ATOM   1437 N NZ  . LYS A 1 205 ? 12.520  7.262   2.009   1.00 82.28 ? 205 LYS A NZ  1 
ATOM   1438 N N   . LEU A 1 206 ? 13.285  7.042   8.505   1.00 17.99 ? 206 LEU A N   1 
ATOM   1439 C CA  . LEU A 1 206 ? 12.754  7.640   9.716   1.00 23.71 ? 206 LEU A CA  1 
ATOM   1440 C C   . LEU A 1 206 ? 13.824  8.208   10.644  1.00 35.35 ? 206 LEU A C   1 
ATOM   1441 O O   . LEU A 1 206 ? 13.564  9.196   11.332  1.00 42.12 ? 206 LEU A O   1 
ATOM   1442 C CB  . LEU A 1 206 ? 11.952  6.616   10.531  1.00 19.64 ? 206 LEU A CB  1 
ATOM   1443 C CG  . LEU A 1 206 ? 10.567  6.219   10.048  1.00 15.89 ? 206 LEU A CG  1 
ATOM   1444 C CD1 . LEU A 1 206 ? 9.884   5.358   11.095  1.00 14.84 ? 206 LEU A CD1 1 
ATOM   1445 C CD2 . LEU A 1 206 ? 9.681   7.414   9.723   1.00 27.51 ? 206 LEU A CD2 1 
ATOM   1446 N N   . GLY A 1 207 ? 14.996  7.588   10.691  1.00 45.14 ? 207 GLY A N   1 
ATOM   1447 C CA  . GLY A 1 207 ? 16.026  8.039   11.624  1.00 50.02 ? 207 GLY A CA  1 
ATOM   1448 C C   . GLY A 1 207 ? 16.049  7.125   12.840  1.00 59.51 ? 207 GLY A C   1 
ATOM   1449 O O   . GLY A 1 207 ? 15.438  6.035   12.755  1.00 43.76 ? 207 GLY A O   1 
ATOM   1450 O OXT . GLY A 1 207 ? 16.672  7.505   13.853  1.00 74.91 ? 207 GLY A OXT 1 
HETATM 1451 S S   . SO4 B 2 .   ? 9.671   -17.198 -7.375  1.00 38.43 ? 209 SO4 A S   1 
HETATM 1452 O O1  . SO4 B 2 .   ? 8.469   -16.457 -7.186  1.00 36.85 ? 209 SO4 A O1  1 
HETATM 1453 O O2  . SO4 B 2 .   ? 10.786  -16.455 -6.902  1.00 34.03 ? 209 SO4 A O2  1 
HETATM 1454 O O3  . SO4 B 2 .   ? 9.564   -18.025 -8.533  1.00 65.95 ? 209 SO4 A O3  1 
HETATM 1455 O O4  . SO4 B 2 .   ? 10.090  -17.873 -6.200  1.00 57.80 ? 209 SO4 A O4  1 
HETATM 1456 O O   . HOH C 3 .   ? 3.976   -5.075  -4.427  1.00 15.18 ? 301 HOH A O   1 
HETATM 1457 O O   . HOH C 3 .   ? -5.115  8.698   -9.572  1.00 14.82 ? 302 HOH A O   1 
HETATM 1458 O O   . HOH C 3 .   ? 1.857   14.569  9.099   1.00 12.92 ? 303 HOH A O   1 
HETATM 1459 O O   . HOH C 3 .   ? -7.617  -2.283  6.263   1.00 11.88 ? 304 HOH A O   1 
HETATM 1460 O O   . HOH C 3 .   ? 4.483   18.623  5.239   1.00 19.47 ? 305 HOH A O   1 
HETATM 1461 O O   . HOH C 3 .   ? 6.511   -14.887 -13.751 1.00 15.74 ? 306 HOH A O   1 
HETATM 1462 O O   . HOH C 3 .   ? -18.610 -10.129 7.785   1.00 13.65 ? 307 HOH A O   1 
HETATM 1463 O O   . HOH C 3 .   ? 3.565   11.426  -5.189  1.00 17.92 ? 308 HOH A O   1 
HETATM 1464 O O   . HOH C 3 .   ? 3.273   2.169   -9.081  1.00 13.84 ? 309 HOH A O   1 
HETATM 1465 O O   . HOH C 3 .   ? 11.482  -7.588  -17.169 1.00 15.72 ? 310 HOH A O   1 
HETATM 1466 O O   . HOH C 3 .   ? -6.128  -9.032  -2.218  1.00 16.12 ? 311 HOH A O   1 
HETATM 1467 O O   . HOH C 3 .   ? 2.174   17.104  14.504  1.00 18.22 ? 312 HOH A O   1 
HETATM 1468 O O   . HOH C 3 .   ? -10.208 -1.922  8.734   1.00 27.53 ? 313 HOH A O   1 
HETATM 1469 O O   . HOH C 3 .   ? -12.931 -7.450  4.211   1.00 16.63 ? 314 HOH A O   1 
HETATM 1470 O O   . HOH C 3 .   ? -8.594  -11.870 8.281   1.00 22.41 ? 315 HOH A O   1 
HETATM 1471 O O   . HOH C 3 .   ? -1.581  -12.120 -13.333 1.00 18.80 ? 316 HOH A O   1 
HETATM 1472 O O   . HOH C 3 .   ? -15.107 -8.193  -8.593  1.00 25.02 ? 317 HOH A O   1 
HETATM 1473 O O   . HOH C 3 .   ? -7.414  1.005   13.647  1.00 35.19 ? 318 HOH A O   1 
HETATM 1474 O O   . HOH C 3 .   ? 2.773   -12.377 4.586   1.00 23.46 ? 319 HOH A O   1 
HETATM 1475 O O   . HOH C 3 .   ? 4.758   17.607  -1.510  1.00 28.82 ? 320 HOH A O   1 
HETATM 1476 O O   . HOH C 3 .   ? 9.317   6.060   -10.735 1.00 19.20 ? 321 HOH A O   1 
HETATM 1477 O O   . HOH C 3 .   ? 3.245   -0.315  -9.147  1.00 19.36 ? 322 HOH A O   1 
HETATM 1478 O O   . HOH C 3 .   ? 11.809  -4.757  -11.252 1.00 28.82 ? 323 HOH A O   1 
HETATM 1479 O O   . HOH C 3 .   ? 6.297   -15.089 -0.647  1.00 20.23 ? 324 HOH A O   1 
HETATM 1480 O O   . HOH C 3 .   ? -7.128  9.723   9.940   1.00 26.85 ? 325 HOH A O   1 
HETATM 1481 O O   . HOH C 3 .   ? 12.006  -0.928  20.518  1.00 30.54 ? 326 HOH A O   1 
HETATM 1482 O O   . HOH C 3 .   ? -3.338  17.408  4.545   1.00 21.70 ? 327 HOH A O   1 
HETATM 1483 O O   . HOH C 3 .   ? -0.708  19.833  6.806   1.00 20.13 ? 328 HOH A O   1 
HETATM 1484 O O   . HOH C 3 .   ? -12.965 -1.529  7.098   1.00 23.67 ? 329 HOH A O   1 
HETATM 1485 O O   . HOH C 3 .   ? 4.063   1.935   19.626  1.00 14.84 ? 330 HOH A O   1 
HETATM 1486 O O   . HOH C 3 .   ? 3.245   -7.053  6.111   1.00 29.46 ? 331 HOH A O   1 
HETATM 1487 O O   . HOH C 3 .   ? 12.672  3.552   -3.487  1.00 23.67 ? 332 HOH A O   1 
HETATM 1488 O O   . HOH C 3 .   ? -10.128 -13.164 10.147  1.00 26.24 ? 333 HOH A O   1 
HETATM 1489 O O   . HOH C 3 .   ? -2.194  3.117   -13.820 1.00 18.48 ? 334 HOH A O   1 
HETATM 1490 O O   . HOH C 3 .   ? -15.169 -2.281  5.791   1.00 19.56 ? 335 HOH A O   1 
HETATM 1491 O O   . HOH C 3 .   ? -0.759  12.629  -12.069 1.00 37.33 ? 336 HOH A O   1 
HETATM 1492 O O   . HOH C 3 .   ? 10.821  4.337   -11.911 0.50 14.43 ? 337 HOH A O   1 
HETATM 1493 O O   . HOH C 3 .   ? 2.038   -10.819 6.752   1.00 23.49 ? 338 HOH A O   1 
HETATM 1494 O O   . HOH C 3 .   ? -11.882 -13.061 6.928   1.00 24.18 ? 339 HOH A O   1 
HETATM 1495 O O   . HOH C 3 .   ? 18.167  0.629   8.126   1.00 30.55 ? 340 HOH A O   1 
HETATM 1496 O O   . HOH C 3 .   ? -10.985 11.683  -1.183  1.00 37.06 ? 341 HOH A O   1 
HETATM 1497 O O   . HOH C 3 .   ? -11.994 11.872  -14.155 1.00 17.64 ? 342 HOH A O   1 
HETATM 1498 O O   . HOH C 3 .   ? 2.805   18.817  7.180   1.00 12.39 ? 343 HOH A O   1 
HETATM 1499 O O   . HOH C 3 .   ? -5.801  -0.584  -14.040 1.00 21.05 ? 344 HOH A O   1 
HETATM 1500 O O   . HOH C 3 .   ? -9.795  4.911   7.163   1.00 19.53 ? 345 HOH A O   1 
HETATM 1501 O O   . HOH C 3 .   ? -14.647 -10.935 4.557   1.00 22.41 ? 346 HOH A O   1 
HETATM 1502 O O   . HOH C 3 .   ? 11.402  9.882   2.875   1.00 21.62 ? 347 HOH A O   1 
HETATM 1503 O O   . HOH C 3 .   ? -2.163  8.722   17.210  1.00 25.73 ? 348 HOH A O   1 
HETATM 1504 O O   . HOH C 3 .   ? 11.440  -6.981  -9.686  1.00 23.54 ? 349 HOH A O   1 
HETATM 1505 O O   . HOH C 3 .   ? -0.929  14.783  -9.394  1.00 31.02 ? 350 HOH A O   1 
HETATM 1506 O O   . HOH C 3 .   ? 4.614   -1.488  -7.567  1.00 26.15 ? 351 HOH A O   1 
HETATM 1507 O O   . HOH C 3 .   ? -8.046  4.842   8.784   1.00 29.89 ? 352 HOH A O   1 
HETATM 1508 O O   . HOH C 3 .   ? 3.783   -7.899  -18.014 1.00 20.56 ? 353 HOH A O   1 
HETATM 1509 O O   . HOH C 3 .   ? 3.338   14.291  -5.603  1.00 18.02 ? 354 HOH A O   1 
HETATM 1510 O O   . HOH C 3 .   ? 2.347   -0.150  19.872  1.00 24.66 ? 355 HOH A O   1 
HETATM 1511 O O   . HOH C 3 .   ? 12.780  11.476  8.046   1.00 29.03 ? 356 HOH A O   1 
HETATM 1512 O O   . HOH C 3 .   ? -11.772 -7.732  12.687  1.00 23.53 ? 357 HOH A O   1 
HETATM 1513 O O   . HOH C 3 .   ? 10.901  10.346  -5.723  1.00 29.59 ? 358 HOH A O   1 
HETATM 1514 O O   . HOH C 3 .   ? -10.106 10.513  -3.137  1.00 25.88 ? 359 HOH A O   1 
HETATM 1515 O O   . HOH C 3 .   ? 14.270  -3.993  0.316   1.00 18.35 ? 360 HOH A O   1 
HETATM 1516 O O   . HOH C 3 .   ? 2.334   -0.961  -21.878 1.00 29.47 ? 361 HOH A O   1 
HETATM 1517 O O   . HOH C 3 .   ? -10.850 7.228   5.588   1.00 20.50 ? 362 HOH A O   1 
HETATM 1518 O O   . HOH C 3 .   ? 9.297   -6.201  -18.636 1.00 29.42 ? 363 HOH A O   1 
HETATM 1519 O O   . HOH C 3 .   ? -2.760  0.500   -14.386 1.00 27.40 ? 364 HOH A O   1 
HETATM 1520 O O   . HOH C 3 .   ? 4.411   -4.899  18.048  1.00 32.02 ? 365 HOH A O   1 
HETATM 1521 O O   . HOH C 3 .   ? 12.055  -10.868 6.928   1.00 27.44 ? 366 HOH A O   1 
HETATM 1522 O O   . HOH C 3 .   ? 1.672   10.929  -11.208 1.00 32.53 ? 367 HOH A O   1 
HETATM 1523 O O   . HOH C 3 .   ? -18.738 -14.640 1.375   1.00 24.29 ? 368 HOH A O   1 
HETATM 1524 O O   . HOH C 3 .   ? 15.687  -2.716  2.622   0.50 9.15  ? 369 HOH A O   1 
HETATM 1525 O O   . HOH C 3 .   ? 13.833  -0.681  -5.573  1.00 34.57 ? 370 HOH A O   1 
HETATM 1526 O O   . HOH C 3 .   ? 8.907   -16.275 -3.369  1.00 47.23 ? 371 HOH A O   1 
HETATM 1527 O O   . HOH C 3 .   ? -1.925  4.923   -15.209 1.00 49.58 ? 372 HOH A O   1 
HETATM 1528 O O   . HOH C 3 .   ? -10.655 -1.230  -20.174 1.00 48.43 ? 373 HOH A O   1 
HETATM 1529 O O   . HOH C 3 .   ? 4.653   -19.864 -11.467 1.00 32.00 ? 374 HOH A O   1 
HETATM 1530 O O   . HOH C 3 .   ? -16.956 -11.356 -10.861 1.00 44.77 ? 375 HOH A O   1 
HETATM 1531 O O   . HOH C 3 .   ? -7.056  -10.543 10.100  1.00 34.12 ? 376 HOH A O   1 
HETATM 1532 O O   . HOH C 3 .   ? -8.884  18.846  7.657   1.00 55.57 ? 377 HOH A O   1 
HETATM 1533 O O   . HOH C 3 .   ? 9.138   15.679  -0.392  1.00 48.70 ? 378 HOH A O   1 
HETATM 1534 O O   . HOH C 3 .   ? -7.875  -8.452  12.711  1.00 54.32 ? 379 HOH A O   1 
HETATM 1535 O O   . HOH C 3 .   ? -20.628 -2.612  -6.739  1.00 35.19 ? 380 HOH A O   1 
HETATM 1536 O O   . HOH C 3 .   ? -7.780  -3.101  -20.241 1.00 39.27 ? 381 HOH A O   1 
HETATM 1537 O O   . HOH C 3 .   ? 3.933   -21.864 -13.438 1.00 44.00 ? 382 HOH A O   1 
HETATM 1538 O O   . HOH C 3 .   ? -18.214 -8.896  -8.511  1.00 45.12 ? 383 HOH A O   1 
HETATM 1539 O O   . HOH C 3 .   ? 15.105  -7.527  -6.612  1.00 38.30 ? 384 HOH A O   1 
HETATM 1540 O O   . HOH C 3 .   ? -7.394  -8.133  9.881   1.00 25.49 ? 385 HOH A O   1 
HETATM 1541 O O   . HOH C 3 .   ? -8.036  17.084  10.222  1.00 49.43 ? 386 HOH A O   1 
HETATM 1542 O O   . HOH C 3 .   ? 12.591  -14.043 -12.126 1.00 21.59 ? 387 HOH A O   1 
HETATM 1543 O O   . HOH C 3 .   ? 9.397   14.915  1.463   1.00 31.08 ? 388 HOH A O   1 
HETATM 1544 O O   . HOH C 3 .   ? -16.037 -11.407 7.437   1.00 24.72 ? 389 HOH A O   1 
HETATM 1545 O O   . HOH C 3 .   ? -14.139 5.618   0.889   1.00 28.91 ? 390 HOH A O   1 
HETATM 1546 O O   . HOH C 3 .   ? -3.725  -8.552  11.191  1.00 42.29 ? 391 HOH A O   1 
# 
